data_5UW0
#
_entry.id   5UW0
#
_cell.length_a   193.516
_cell.length_b   204.705
_cell.length_c   206.514
_cell.angle_alpha   90.00
_cell.angle_beta   90.00
_cell.angle_gamma   90.00
#
_symmetry.space_group_name_H-M   'I 2 2 2'
#
loop_
_entity.id
_entity.type
_entity.pdbx_description
1 polymer 'Glycogen [starch] synthase isoform 2'
2 non-polymer "URIDINE-5'-DIPHOSPHATE"
3 non-polymer 6-O-phosphono-alpha-D-glucopyranose
4 non-polymer "URIDINE-5'-DIPHOSPHATE-2-DEOXY-2-FLUORO-ALPHA-D-GLUCOSE"
5 water water
#
_entity_poly.entity_id   1
_entity_poly.type   'polypeptide(L)'
_entity_poly.pdbx_seq_one_letter_code
;MGSSHHHHHHSSGLVPRGSHMSRDLQNHLLFETATEVANRVGGIYSVLKSKAPITVAQYKDHYHLIGPLNKATYQNEVDI
LDWKKPEAFSDEMRPVQHALQTMESRGVHFVYGRWLIEGAPKVILFDLDSVRGYSNEWKGDLWSLVGIPSPENDFETNDA
ILLGYTVAWFLGEVAHLDSQHAIVAHFHQWLAGVALPLCRKRRIDVVTIFTTHATLLGRYLCASGSFDFYNCLESVDVDH
EAGRFGIYHRYCIERAAAHSADVFTTVSQITAFEAEHLLKRKPDGILPNGLNVIKFQAFHEFQNLHALKKEKINDFVRGH
FHGCFDFDLDNTLYFFIAGRYEYKNKGADMFIEALARLNYRLKVSGSKKTVVAFIVMPAKNNSFTVEALKGQAEVRALEN
TVHEVTTSIGKRIFDHAIRYPHNGLTTELPTDLGELLKSSDKVMLKRRILALRRPEGQLPPIVTHNMVDDANDLILNKIR
QVQLFNSPSDRVKMIFHPEFLNANNPILGLDYDEFVRGCHLGVFPSYYEPWGYTPAECTVMGVPSITTNVSGFGSYMEDL
IETNQAKDYGIYIVDRRFKAPDESVEQLVDYMEEFVKKTRRQRINQRNRTERLSDLLDWKRMGLEYVKARQLALRRGYPD
QFRELVGEELNDSNMDALAGGKKLKVARPLSVPGSPRDLRSNSTVYMTPGDLGTLQEVNNADDYFSLGVNPAADDDDDGP
;
_entity_poly.pdbx_strand_id   A,B,C,D
#
# COMPACT_ATOMS: atom_id res chain seq x y z
N SER A 22 47.97 2.50 55.46
CA SER A 22 48.58 2.44 54.10
C SER A 22 47.56 2.79 53.00
N ARG A 23 46.63 1.87 52.74
CA ARG A 23 45.80 1.91 51.52
C ARG A 23 44.43 2.53 51.79
N ASP A 24 43.90 3.23 50.77
CA ASP A 24 42.61 3.91 50.83
C ASP A 24 41.50 2.94 50.43
N LEU A 25 40.54 2.74 51.33
CA LEU A 25 39.47 1.75 51.15
C LEU A 25 38.23 2.28 50.39
N GLN A 26 38.01 3.60 50.41
CA GLN A 26 36.88 4.21 49.68
C GLN A 26 37.23 4.40 48.22
N ASN A 27 38.40 4.97 47.99
CA ASN A 27 38.94 5.12 46.64
C ASN A 27 39.83 3.88 46.36
N HIS A 28 39.18 2.80 45.90
CA HIS A 28 39.82 1.51 45.65
C HIS A 28 39.70 1.11 44.16
N LEU A 29 40.60 0.25 43.68
CA LEU A 29 40.53 -0.27 42.31
C LEU A 29 39.62 -1.49 42.27
N LEU A 30 38.96 -1.73 41.13
CA LEU A 30 38.15 -2.95 40.92
C LEU A 30 38.57 -3.69 39.65
N PHE A 31 39.00 -4.95 39.82
CA PHE A 31 39.45 -5.79 38.72
C PHE A 31 38.59 -7.05 38.58
N GLU A 32 37.61 -7.01 37.68
CA GLU A 32 36.69 -8.13 37.46
C GLU A 32 37.24 -9.02 36.37
N THR A 33 37.31 -10.32 36.65
CA THR A 33 37.93 -11.28 35.74
C THR A 33 36.92 -12.38 35.37
N ALA A 34 36.92 -12.76 34.09
CA ALA A 34 36.17 -13.93 33.59
C ALA A 34 36.71 -14.38 32.23
N THR A 35 36.39 -15.61 31.83
CA THR A 35 36.71 -16.05 30.47
C THR A 35 35.86 -15.33 29.43
N GLU A 36 34.62 -14.99 29.80
CA GLU A 36 33.61 -14.51 28.84
C GLU A 36 33.56 -12.98 28.67
N VAL A 37 34.73 -12.33 28.76
CA VAL A 37 34.81 -10.87 28.88
C VAL A 37 34.62 -10.16 27.56
N ALA A 38 35.34 -10.59 26.53
CA ALA A 38 35.21 -10.01 25.19
C ALA A 38 34.76 -11.06 24.19
N ASN A 39 33.95 -12.00 24.66
CA ASN A 39 33.40 -13.04 23.80
C ASN A 39 32.22 -13.73 24.48
N ARG A 40 31.20 -14.03 23.69
CA ARG A 40 30.01 -14.74 24.16
C ARG A 40 30.26 -16.24 24.09
N VAL A 41 30.31 -16.89 25.25
CA VAL A 41 30.29 -18.35 25.34
C VAL A 41 28.99 -18.77 26.03
N GLY A 42 28.81 -18.31 27.27
CA GLY A 42 27.62 -18.58 28.06
C GLY A 42 27.01 -17.32 28.63
N GLY A 43 26.18 -17.48 29.66
CA GLY A 43 25.45 -16.39 30.27
C GLY A 43 26.28 -15.28 30.90
N ILE A 44 27.49 -15.62 31.37
CA ILE A 44 28.34 -14.63 32.06
C ILE A 44 28.69 -13.42 31.20
N TYR A 45 28.68 -13.59 29.89
CA TYR A 45 28.72 -12.48 28.95
C TYR A 45 27.56 -11.49 29.19
N SER A 46 26.33 -12.01 29.26
CA SER A 46 25.12 -11.19 29.53
C SER A 46 25.26 -10.45 30.86
N VAL A 47 25.80 -11.15 31.86
CA VAL A 47 26.00 -10.62 33.22
C VAL A 47 27.02 -9.50 33.19
N LEU A 48 28.21 -9.77 32.68
CA LEU A 48 29.24 -8.72 32.60
C LEU A 48 28.85 -7.55 31.68
N LYS A 49 28.11 -7.82 30.60
CA LYS A 49 27.63 -6.77 29.69
C LYS A 49 26.61 -5.85 30.37
N SER A 50 25.48 -6.39 30.76
CA SER A 50 24.38 -5.59 31.28
C SER A 50 24.73 -4.85 32.57
N LYS A 51 25.65 -5.42 33.35
CA LYS A 51 26.10 -4.85 34.61
C LYS A 51 27.08 -3.67 34.46
N ALA A 52 27.73 -3.53 33.29
CA ALA A 52 28.78 -2.51 33.10
C ALA A 52 28.37 -1.04 33.32
N PRO A 53 27.16 -0.66 32.90
CA PRO A 53 26.71 0.72 33.17
C PRO A 53 26.79 1.14 34.64
N ILE A 54 26.11 0.40 35.52
CA ILE A 54 26.13 0.71 36.97
C ILE A 54 27.55 0.57 37.54
N THR A 55 28.31 -0.42 37.07
CA THR A 55 29.69 -0.62 37.50
C THR A 55 30.64 0.51 37.10
N VAL A 56 30.51 0.99 35.86
CA VAL A 56 31.33 2.09 35.34
C VAL A 56 30.90 3.41 35.98
N ALA A 57 29.59 3.62 36.11
CA ALA A 57 29.04 4.79 36.81
C ALA A 57 29.59 4.98 38.25
N GLN A 58 29.94 3.89 38.94
CA GLN A 58 30.47 3.95 40.29
C GLN A 58 31.99 4.13 40.33
N TYR A 59 32.71 3.43 39.44
CA TYR A 59 34.19 3.42 39.42
C TYR A 59 34.86 4.31 38.34
N LYS A 60 34.08 4.85 37.40
CA LYS A 60 34.58 5.63 36.25
C LYS A 60 35.88 5.02 35.64
N ASP A 61 37.04 5.65 35.86
CA ASP A 61 38.32 5.18 35.28
C ASP A 61 39.05 4.12 36.11
N HIS A 62 38.54 3.79 37.30
CA HIS A 62 39.18 2.84 38.22
C HIS A 62 38.79 1.37 38.00
N TYR A 63 37.88 1.09 37.06
CA TYR A 63 37.39 -0.27 36.79
C TYR A 63 38.02 -0.85 35.52
N HIS A 64 38.26 -2.16 35.55
CA HIS A 64 38.91 -2.88 34.45
C HIS A 64 38.45 -4.34 34.40
N LEU A 65 37.79 -4.73 33.32
CA LEU A 65 37.52 -6.15 33.07
C LEU A 65 38.78 -6.82 32.50
N ILE A 66 38.99 -8.09 32.84
CA ILE A 66 40.20 -8.84 32.45
C ILE A 66 39.77 -10.21 31.97
N GLY A 67 40.27 -10.64 30.82
CA GLY A 67 39.97 -11.97 30.28
C GLY A 67 41.04 -12.50 29.35
N PRO A 68 40.80 -13.69 28.77
CA PRO A 68 41.65 -14.17 27.69
C PRO A 68 41.33 -13.41 26.40
N LEU A 69 42.34 -13.15 25.58
CA LEU A 69 42.14 -12.56 24.25
C LEU A 69 41.63 -13.63 23.30
N ASN A 70 40.55 -13.31 22.60
CA ASN A 70 40.04 -14.17 21.53
C ASN A 70 40.42 -13.53 20.19
N LYS A 71 41.63 -13.89 19.72
CA LYS A 71 42.22 -13.31 18.50
C LYS A 71 41.25 -13.26 17.32
N ALA A 72 40.45 -14.32 17.16
CA ALA A 72 39.42 -14.37 16.12
C ALA A 72 38.32 -13.32 16.34
N THR A 73 37.54 -13.46 17.42
CA THR A 73 36.28 -12.71 17.59
C THR A 73 36.40 -11.36 18.33
N TYR A 74 37.59 -10.96 18.77
CA TYR A 74 37.74 -9.69 19.52
C TYR A 74 37.60 -8.43 18.64
N GLN A 75 37.74 -8.58 17.32
CA GLN A 75 37.76 -7.44 16.40
C GLN A 75 36.48 -6.58 16.43
N ASN A 76 35.32 -7.24 16.31
CA ASN A 76 34.04 -6.52 16.14
C ASN A 76 33.55 -5.72 17.36
N GLU A 77 33.82 -6.20 18.58
CA GLU A 77 33.28 -5.58 19.82
C GLU A 77 34.29 -4.89 20.75
N VAL A 78 35.59 -5.06 20.50
CA VAL A 78 36.63 -4.38 21.30
C VAL A 78 37.22 -3.21 20.53
N ASP A 79 36.96 -2.00 21.02
CA ASP A 79 37.61 -0.77 20.55
C ASP A 79 39.07 -0.77 21.07
N ILE A 80 40.04 -1.01 20.18
CA ILE A 80 41.47 -1.01 20.55
C ILE A 80 41.90 0.43 20.85
N LEU A 81 42.74 0.61 21.88
CA LEU A 81 43.32 1.91 22.22
C LEU A 81 44.83 1.78 22.39
N ASP A 82 45.55 2.90 22.25
CA ASP A 82 47.01 2.93 22.37
C ASP A 82 47.42 3.17 23.84
N TRP A 83 47.68 2.07 24.55
CA TRP A 83 48.04 2.12 25.99
C TRP A 83 49.40 2.75 26.30
N LYS A 84 50.28 2.82 25.30
CA LYS A 84 51.60 3.46 25.44
C LYS A 84 51.53 4.97 25.74
N LYS A 85 50.48 5.64 25.26
CA LYS A 85 50.34 7.10 25.40
C LYS A 85 50.25 7.56 26.86
N PRO A 86 50.89 8.70 27.22
CA PRO A 86 50.68 9.34 28.54
C PRO A 86 49.26 9.85 28.79
N GLU A 87 48.53 10.20 27.72
CA GLU A 87 47.13 10.61 27.83
C GLU A 87 46.19 9.46 28.24
N ALA A 88 46.60 8.20 28.04
CA ALA A 88 45.74 7.03 28.25
C ALA A 88 45.55 6.58 29.72
N PHE A 89 46.30 7.15 30.67
CA PHE A 89 46.03 6.98 32.11
C PHE A 89 46.33 8.26 32.86
N SER A 90 45.50 8.56 33.85
CA SER A 90 45.73 9.71 34.73
C SER A 90 46.94 9.47 35.65
N ASP A 91 47.35 10.53 36.35
CA ASP A 91 48.45 10.45 37.32
C ASP A 91 48.04 9.53 38.48
N GLU A 92 46.79 9.70 38.92
CA GLU A 92 46.05 8.75 39.76
C GLU A 92 46.26 7.27 39.38
N MET A 93 45.90 6.91 38.15
CA MET A 93 45.97 5.52 37.67
C MET A 93 47.30 5.17 36.98
N ARG A 94 48.33 5.99 37.19
CA ARG A 94 49.66 5.78 36.59
C ARG A 94 50.31 4.42 36.88
N PRO A 95 50.13 3.87 38.11
CA PRO A 95 50.70 2.54 38.42
C PRO A 95 50.20 1.38 37.55
N VAL A 96 49.00 1.50 36.98
CA VAL A 96 48.44 0.47 36.08
C VAL A 96 49.22 0.41 34.76
N GLN A 97 49.69 1.57 34.28
CA GLN A 97 50.48 1.66 33.04
C GLN A 97 51.88 1.06 33.22
N HIS A 98 52.53 1.42 34.33
CA HIS A 98 53.83 0.83 34.72
C HIS A 98 53.77 -0.68 34.88
N ALA A 99 52.65 -1.18 35.42
CA ALA A 99 52.42 -2.63 35.56
C ALA A 99 52.29 -3.32 34.21
N LEU A 100 51.58 -2.68 33.28
CA LEU A 100 51.47 -3.15 31.89
C LEU A 100 52.79 -3.04 31.11
N GLN A 101 53.62 -2.05 31.46
CA GLN A 101 54.98 -1.95 30.92
C GLN A 101 55.86 -3.13 31.35
N THR A 102 55.84 -3.47 32.64
CA THR A 102 56.63 -4.60 33.16
C THR A 102 56.22 -5.93 32.52
N MET A 103 54.91 -6.12 32.29
CA MET A 103 54.42 -7.32 31.59
C MET A 103 54.85 -7.34 30.12
N GLU A 104 54.96 -6.16 29.49
CA GLU A 104 55.50 -6.05 28.13
C GLU A 104 57.00 -6.39 28.06
N SER A 105 57.79 -5.88 29.00
CA SER A 105 59.24 -6.14 29.03
C SER A 105 59.59 -7.61 29.27
N ARG A 106 58.73 -8.33 29.99
CA ARG A 106 58.88 -9.78 30.17
C ARG A 106 58.21 -10.62 29.06
N GLY A 107 57.86 -9.99 27.92
CA GLY A 107 57.37 -10.69 26.74
C GLY A 107 55.86 -10.92 26.60
N VAL A 108 55.07 -10.56 27.62
CA VAL A 108 53.63 -10.87 27.65
C VAL A 108 52.85 -9.88 26.76
N HIS A 109 52.37 -10.36 25.61
CA HIS A 109 51.50 -9.58 24.73
C HIS A 109 50.06 -9.56 25.24
N PHE A 110 49.38 -8.42 25.03
CA PHE A 110 47.99 -8.22 25.46
C PHE A 110 47.31 -7.13 24.62
N VAL A 111 46.05 -6.84 24.92
CA VAL A 111 45.27 -5.78 24.27
C VAL A 111 44.59 -4.92 25.33
N TYR A 112 44.83 -3.61 25.29
CA TYR A 112 44.03 -2.64 26.04
C TYR A 112 42.90 -2.16 25.14
N GLY A 113 41.82 -1.64 25.72
CA GLY A 113 40.71 -1.09 24.92
C GLY A 113 39.44 -0.83 25.69
N ARG A 114 38.49 -0.13 25.07
CA ARG A 114 37.13 -0.01 25.58
C ARG A 114 36.33 -1.16 24.97
N TRP A 115 35.29 -1.61 25.67
CA TRP A 115 34.40 -2.66 25.19
C TRP A 115 33.17 -1.97 24.60
N LEU A 116 32.83 -2.28 23.34
CA LEU A 116 31.73 -1.62 22.62
C LEU A 116 30.33 -2.08 23.06
N ILE A 117 29.98 -1.73 24.30
CA ILE A 117 28.65 -1.92 24.88
C ILE A 117 28.33 -0.65 25.64
N GLU A 118 27.07 -0.44 25.97
CA GLU A 118 26.71 0.72 26.80
C GLU A 118 27.56 0.71 28.07
N GLY A 119 28.05 1.89 28.46
CA GLY A 119 28.93 2.03 29.62
C GLY A 119 30.40 2.18 29.25
N ALA A 120 30.85 1.40 28.25
CA ALA A 120 32.22 1.49 27.70
C ALA A 120 33.33 1.32 28.76
N PRO A 121 33.45 0.09 29.32
CA PRO A 121 34.50 -0.20 30.31
C PRO A 121 35.84 -0.55 29.68
N LYS A 122 36.93 -0.09 30.30
CA LYS A 122 38.28 -0.43 29.85
C LYS A 122 38.53 -1.92 30.12
N VAL A 123 39.11 -2.63 29.14
CA VAL A 123 39.41 -4.07 29.28
C VAL A 123 40.90 -4.37 29.12
N ILE A 124 41.31 -5.56 29.56
CA ILE A 124 42.70 -6.02 29.43
C ILE A 124 42.68 -7.51 29.05
N LEU A 125 42.77 -7.78 27.75
CA LEU A 125 42.72 -9.13 27.21
C LEU A 125 44.13 -9.66 27.01
N PHE A 126 44.48 -10.73 27.72
CA PHE A 126 45.84 -11.32 27.66
C PHE A 126 45.95 -12.39 26.56
N ASP A 127 46.96 -12.26 25.69
CA ASP A 127 47.28 -13.28 24.68
C ASP A 127 47.85 -14.50 25.41
N LEU A 128 47.10 -15.59 25.43
CA LEU A 128 47.50 -16.79 26.19
C LEU A 128 48.63 -17.57 25.54
N ASP A 129 48.68 -17.58 24.21
CA ASP A 129 49.80 -18.20 23.47
C ASP A 129 51.10 -17.39 23.60
N SER A 130 51.00 -16.12 24.00
CA SER A 130 52.18 -15.33 24.38
C SER A 130 52.81 -15.74 25.72
N VAL A 131 52.23 -16.71 26.44
CA VAL A 131 52.86 -17.32 27.63
C VAL A 131 52.84 -18.87 27.61
N ARG A 132 52.55 -19.47 26.45
CA ARG A 132 52.30 -20.91 26.34
C ARG A 132 53.49 -21.78 26.77
N GLY A 133 54.70 -21.27 26.58
CA GLY A 133 55.93 -21.95 27.01
C GLY A 133 56.07 -22.20 28.50
N TYR A 134 55.48 -21.31 29.31
CA TYR A 134 55.48 -21.47 30.76
C TYR A 134 54.64 -22.65 31.29
N SER A 135 53.69 -23.13 30.49
CA SER A 135 52.75 -24.22 30.84
C SER A 135 53.29 -25.35 31.74
N ASN A 136 54.51 -25.80 31.50
CA ASN A 136 55.10 -26.94 32.22
C ASN A 136 55.57 -26.60 33.63
N GLU A 137 56.16 -25.42 33.78
CA GLU A 137 56.50 -24.90 35.11
C GLU A 137 55.25 -24.65 35.93
N TRP A 138 54.25 -24.04 35.29
CA TRP A 138 53.02 -23.60 35.98
C TRP A 138 52.06 -24.73 36.32
N LYS A 139 51.78 -25.61 35.35
CA LYS A 139 50.98 -26.81 35.63
C LYS A 139 51.60 -27.62 36.78
N GLY A 140 52.94 -27.65 36.83
CA GLY A 140 53.70 -28.33 37.89
C GLY A 140 53.84 -27.57 39.20
N ASP A 141 53.91 -26.24 39.15
CA ASP A 141 53.86 -25.39 40.36
C ASP A 141 52.51 -25.55 41.06
N LEU A 142 51.44 -25.54 40.25
CA LEU A 142 50.07 -25.65 40.75
C LEU A 142 49.79 -26.99 41.44
N TRP A 143 50.43 -28.08 40.98
CA TRP A 143 50.37 -29.35 41.70
C TRP A 143 50.98 -29.19 43.10
N SER A 144 52.28 -28.86 43.14
CA SER A 144 53.06 -28.89 44.37
C SER A 144 52.66 -27.84 45.42
N LEU A 145 52.04 -26.74 44.98
CA LEU A 145 51.56 -25.68 45.90
C LEU A 145 50.07 -25.79 46.31
N VAL A 146 49.26 -26.47 45.52
CA VAL A 146 47.80 -26.59 45.79
C VAL A 146 47.29 -28.04 45.77
N GLY A 147 47.74 -28.84 44.81
CA GLY A 147 47.39 -30.26 44.70
C GLY A 147 46.78 -30.72 43.39
N ILE A 148 46.60 -29.80 42.43
CA ILE A 148 45.76 -30.02 41.24
C ILE A 148 46.54 -30.67 40.10
N PRO A 149 46.17 -31.93 39.73
CA PRO A 149 46.79 -32.55 38.55
C PRO A 149 46.19 -31.98 37.28
N SER A 150 47.03 -31.81 36.26
CA SER A 150 46.58 -31.23 34.99
C SER A 150 47.08 -32.09 33.84
N PRO A 151 46.30 -33.12 33.46
CA PRO A 151 46.55 -33.84 32.21
C PRO A 151 46.63 -32.89 31.02
N GLU A 152 47.72 -32.99 30.26
CA GLU A 152 48.02 -32.03 29.18
C GLU A 152 47.10 -32.12 27.95
N ASN A 153 46.27 -33.16 27.87
CA ASN A 153 45.22 -33.26 26.83
C ASN A 153 44.12 -32.19 26.91
N ASP A 154 43.77 -31.76 28.13
CA ASP A 154 42.65 -30.83 28.36
C ASP A 154 42.99 -29.40 27.90
N PHE A 155 42.51 -29.05 26.70
CA PHE A 155 42.70 -27.70 26.10
C PHE A 155 42.18 -26.60 27.01
N GLU A 156 41.03 -26.85 27.65
CA GLU A 156 40.32 -25.85 28.44
C GLU A 156 41.04 -25.53 29.75
N THR A 157 41.42 -26.57 30.48
CA THR A 157 42.10 -26.42 31.78
C THR A 157 43.47 -25.78 31.66
N ASN A 158 44.16 -26.02 30.54
CA ASN A 158 45.44 -25.36 30.26
C ASN A 158 45.26 -23.84 30.16
N ASP A 159 44.27 -23.40 29.38
CA ASP A 159 43.97 -21.98 29.21
C ASP A 159 43.44 -21.30 30.49
N ALA A 160 42.80 -22.07 31.37
CA ALA A 160 42.41 -21.58 32.69
C ALA A 160 43.64 -21.36 33.59
N ILE A 161 44.62 -22.26 33.48
CA ILE A 161 45.88 -22.14 34.23
C ILE A 161 46.72 -20.98 33.72
N LEU A 162 46.85 -20.87 32.39
CA LEU A 162 47.61 -19.78 31.78
C LEU A 162 47.01 -18.41 32.10
N LEU A 163 45.68 -18.33 32.11
CA LEU A 163 44.97 -17.11 32.48
C LEU A 163 45.24 -16.72 33.93
N GLY A 164 45.05 -17.67 34.84
CA GLY A 164 45.22 -17.43 36.27
C GLY A 164 46.62 -16.99 36.69
N TYR A 165 47.64 -17.66 36.15
CA TYR A 165 49.04 -17.33 36.48
C TYR A 165 49.49 -15.98 35.90
N THR A 166 48.93 -15.60 34.75
CA THR A 166 49.21 -14.29 34.14
C THR A 166 48.53 -13.16 34.93
N VAL A 167 47.27 -13.38 35.34
CA VAL A 167 46.51 -12.37 36.09
C VAL A 167 47.10 -12.16 37.50
N ALA A 168 47.51 -13.22 38.17
CA ALA A 168 48.19 -13.12 39.48
C ALA A 168 49.61 -12.53 39.39
N TRP A 169 50.30 -12.75 38.27
CA TRP A 169 51.58 -12.09 37.95
C TRP A 169 51.34 -10.58 37.81
N PHE A 170 50.25 -10.23 37.10
CA PHE A 170 49.83 -8.84 36.88
C PHE A 170 49.38 -8.13 38.15
N LEU A 171 48.42 -8.73 38.87
CA LEU A 171 47.90 -8.15 40.12
C LEU A 171 48.97 -8.05 41.22
N GLY A 172 49.92 -8.99 41.22
CA GLY A 172 51.11 -8.89 42.07
C GLY A 172 51.94 -7.65 41.79
N GLU A 173 52.11 -7.34 40.50
CA GLU A 173 52.83 -6.13 40.06
C GLU A 173 52.09 -4.82 40.42
N VAL A 174 50.77 -4.80 40.23
CA VAL A 174 49.95 -3.61 40.56
C VAL A 174 50.02 -3.29 42.06
N ALA A 175 49.92 -4.32 42.92
CA ALA A 175 50.01 -4.14 44.38
C ALA A 175 51.36 -3.59 44.83
N HIS A 176 52.43 -4.00 44.16
CA HIS A 176 53.80 -3.55 44.44
C HIS A 176 54.05 -2.11 43.95
N LEU A 177 53.49 -1.75 42.80
CA LEU A 177 53.72 -0.43 42.20
C LEU A 177 52.73 0.63 42.69
N ASP A 178 51.45 0.28 42.83
CA ASP A 178 50.44 1.16 43.44
C ASP A 178 50.48 0.99 44.95
N SER A 179 50.77 2.07 45.68
CA SER A 179 50.70 2.08 47.15
C SER A 179 49.55 2.94 47.69
N GLN A 180 48.74 3.51 46.80
CA GLN A 180 47.70 4.48 47.19
C GLN A 180 46.37 3.78 47.46
N HIS A 181 45.90 3.04 46.45
CA HIS A 181 44.57 2.44 46.49
C HIS A 181 44.59 1.06 47.12
N ALA A 182 43.42 0.64 47.59
CA ALA A 182 43.13 -0.77 47.88
C ALA A 182 42.67 -1.43 46.58
N ILE A 183 42.88 -2.73 46.47
CA ILE A 183 42.66 -3.43 45.20
C ILE A 183 41.70 -4.62 45.38
N VAL A 184 40.47 -4.46 44.85
CA VAL A 184 39.50 -5.55 44.84
C VAL A 184 39.64 -6.30 43.52
N ALA A 185 39.69 -7.64 43.62
CA ALA A 185 39.87 -8.50 42.47
C ALA A 185 38.77 -9.56 42.50
N HIS A 186 37.74 -9.33 41.68
CA HIS A 186 36.58 -10.20 41.58
C HIS A 186 36.82 -11.23 40.45
N PHE A 187 36.40 -12.47 40.67
CA PHE A 187 36.56 -13.56 39.69
C PHE A 187 35.25 -14.31 39.50
N HIS A 188 34.89 -14.59 38.23
CA HIS A 188 33.66 -15.32 37.90
C HIS A 188 33.98 -16.67 37.26
N GLN A 189 33.35 -17.72 37.77
CA GLN A 189 33.58 -19.12 37.39
C GLN A 189 34.99 -19.67 37.57
N TRP A 190 35.06 -20.99 37.71
CA TRP A 190 36.33 -21.69 37.88
C TRP A 190 37.37 -21.42 36.78
N LEU A 191 36.92 -21.30 35.53
CA LEU A 191 37.80 -21.01 34.37
C LEU A 191 38.73 -19.79 34.54
N ALA A 192 38.29 -18.79 35.30
CA ALA A 192 39.11 -17.63 35.67
C ALA A 192 39.65 -17.68 37.11
N GLY A 193 39.48 -18.82 37.78
CA GLY A 193 39.73 -18.94 39.22
C GLY A 193 41.05 -19.55 39.63
N VAL A 194 41.98 -19.70 38.70
CA VAL A 194 43.32 -20.22 38.99
C VAL A 194 44.19 -19.16 39.71
N ALA A 195 43.89 -17.89 39.48
CA ALA A 195 44.54 -16.78 40.19
C ALA A 195 44.20 -16.69 41.68
N LEU A 196 43.16 -17.38 42.12
CA LEU A 196 42.71 -17.26 43.51
C LEU A 196 43.67 -17.88 44.54
N PRO A 197 43.96 -19.21 44.45
CA PRO A 197 44.93 -19.81 45.38
C PRO A 197 46.35 -19.27 45.29
N LEU A 198 46.71 -18.68 44.14
CA LEU A 198 47.98 -17.95 43.98
C LEU A 198 48.01 -16.70 44.85
N CYS A 199 47.02 -15.82 44.65
CA CYS A 199 46.85 -14.62 45.49
C CYS A 199 46.88 -14.95 46.98
N ARG A 200 46.21 -16.03 47.35
CA ARG A 200 46.21 -16.53 48.73
C ARG A 200 47.62 -16.98 49.18
N LYS A 201 48.19 -17.98 48.49
CA LYS A 201 49.51 -18.53 48.85
C LYS A 201 50.62 -17.47 48.78
N ARG A 202 50.66 -16.69 47.69
CA ARG A 202 51.67 -15.62 47.52
C ARG A 202 51.48 -14.36 48.40
N ARG A 203 50.42 -14.30 49.21
CA ARG A 203 50.17 -13.19 50.16
C ARG A 203 50.16 -11.80 49.51
N ILE A 204 49.62 -11.73 48.29
CA ILE A 204 49.59 -10.50 47.48
C ILE A 204 48.60 -9.51 48.09
N ASP A 205 48.89 -8.21 48.02
CA ASP A 205 48.09 -7.20 48.73
C ASP A 205 46.86 -6.73 47.90
N VAL A 206 46.03 -7.71 47.52
CA VAL A 206 44.70 -7.50 46.96
C VAL A 206 43.71 -8.31 47.79
N VAL A 207 42.44 -7.93 47.75
CA VAL A 207 41.36 -8.73 48.33
C VAL A 207 40.53 -9.34 47.22
N THR A 208 40.07 -10.56 47.44
CA THR A 208 39.55 -11.40 46.38
C THR A 208 38.10 -11.79 46.58
N ILE A 209 37.35 -11.81 45.49
CA ILE A 209 35.99 -12.33 45.49
C ILE A 209 35.90 -13.42 44.42
N PHE A 210 35.24 -14.53 44.78
CA PHE A 210 34.91 -15.56 43.82
C PHE A 210 33.39 -15.70 43.77
N THR A 211 32.84 -15.55 42.57
CA THR A 211 31.44 -15.82 42.31
C THR A 211 31.41 -17.01 41.38
N THR A 212 30.65 -18.04 41.75
CA THR A 212 30.45 -19.20 40.89
C THR A 212 28.99 -19.21 40.41
N HIS A 213 28.83 -19.38 39.09
CA HIS A 213 27.53 -19.31 38.41
C HIS A 213 26.92 -20.67 38.17
N ALA A 214 27.66 -21.70 38.54
CA ALA A 214 27.18 -23.07 38.59
C ALA A 214 28.20 -23.83 39.43
N THR A 215 28.03 -25.13 39.56
CA THR A 215 29.10 -25.97 40.06
C THR A 215 29.27 -27.09 39.06
N LEU A 216 30.51 -27.52 38.88
CA LEU A 216 30.80 -28.58 37.93
C LEU A 216 29.97 -29.80 38.23
N LEU A 217 30.02 -30.27 39.48
CA LEU A 217 29.31 -31.50 39.86
C LEU A 217 27.79 -31.43 39.72
N GLY A 218 27.22 -30.26 39.98
CA GLY A 218 25.78 -30.04 39.82
C GLY A 218 25.23 -30.33 38.42
N ARG A 219 25.93 -29.81 37.41
CA ARG A 219 25.59 -30.02 35.98
C ARG A 219 25.44 -31.49 35.62
N TYR A 220 26.50 -32.24 35.91
CA TYR A 220 26.65 -33.60 35.43
C TYR A 220 25.73 -34.53 36.21
N LEU A 221 25.61 -34.31 37.52
CA LEU A 221 24.70 -35.11 38.36
C LEU A 221 23.22 -35.01 37.97
N CYS A 222 22.80 -33.81 37.58
CA CYS A 222 21.39 -33.56 37.19
C CYS A 222 21.09 -33.95 35.73
N ALA A 223 22.09 -33.78 34.85
CA ALA A 223 21.97 -34.11 33.42
C ALA A 223 21.74 -35.60 33.15
N SER A 224 22.35 -36.46 33.99
CA SER A 224 22.16 -37.93 33.94
C SER A 224 20.69 -38.35 34.03
N GLY A 225 19.96 -37.71 34.94
CA GLY A 225 18.50 -37.77 34.97
C GLY A 225 17.84 -38.69 35.97
N SER A 226 18.57 -39.67 36.50
CA SER A 226 18.06 -40.60 37.52
C SER A 226 18.19 -40.04 38.96
N PHE A 227 19.40 -39.56 39.28
CA PHE A 227 19.81 -39.19 40.65
C PHE A 227 18.96 -38.05 41.25
N ASP A 228 18.51 -38.23 42.49
CA ASP A 228 17.67 -37.25 43.19
C ASP A 228 18.55 -36.20 43.90
N PHE A 229 19.10 -35.31 43.11
CA PHE A 229 20.13 -34.36 43.51
C PHE A 229 19.80 -33.45 44.71
N TYR A 230 18.56 -32.98 44.81
CA TYR A 230 18.26 -31.92 45.77
C TYR A 230 17.99 -32.40 47.21
N ASN A 231 17.55 -33.66 47.37
CA ASN A 231 17.37 -34.28 48.70
C ASN A 231 18.58 -35.13 49.13
N CYS A 232 19.15 -35.90 48.20
CA CYS A 232 20.33 -36.76 48.48
C CYS A 232 21.67 -36.04 48.20
N LEU A 233 21.75 -34.74 48.48
CA LEU A 233 22.94 -33.97 48.12
C LEU A 233 24.06 -34.21 49.10
N GLU A 234 23.72 -34.15 50.38
CA GLU A 234 24.67 -34.33 51.50
C GLU A 234 25.54 -35.57 51.35
N SER A 235 24.98 -36.64 50.78
CA SER A 235 25.64 -37.94 50.66
C SER A 235 26.25 -38.25 49.29
N VAL A 236 27.17 -37.39 48.82
CA VAL A 236 27.89 -37.67 47.56
C VAL A 236 29.41 -37.60 47.76
N ASP A 237 30.09 -38.72 47.46
CA ASP A 237 31.55 -38.74 47.42
C ASP A 237 31.98 -37.87 46.25
N VAL A 238 32.22 -36.59 46.54
CA VAL A 238 32.66 -35.61 45.54
C VAL A 238 33.87 -36.04 44.70
N ASP A 239 34.82 -36.73 45.32
CA ASP A 239 36.05 -37.17 44.65
C ASP A 239 35.80 -38.34 43.69
N HIS A 240 34.92 -39.25 44.10
CA HIS A 240 34.47 -40.34 43.24
C HIS A 240 33.67 -39.84 42.03
N GLU A 241 32.72 -38.93 42.28
CA GLU A 241 31.79 -38.43 41.24
C GLU A 241 32.51 -37.63 40.15
N ALA A 242 33.36 -36.70 40.57
CA ALA A 242 34.23 -35.97 39.64
C ALA A 242 35.08 -36.93 38.80
N GLY A 243 35.60 -37.97 39.45
CA GLY A 243 36.32 -39.05 38.78
C GLY A 243 35.47 -39.80 37.76
N ARG A 244 34.24 -40.16 38.13
CA ARG A 244 33.32 -40.87 37.23
C ARG A 244 32.98 -40.05 35.98
N PHE A 245 32.74 -38.74 36.15
CA PHE A 245 32.46 -37.82 35.04
C PHE A 245 33.70 -37.27 34.31
N GLY A 246 34.91 -37.60 34.75
CA GLY A 246 36.14 -37.18 34.06
C GLY A 246 36.44 -35.69 34.16
N ILE A 247 36.21 -35.12 35.33
CA ILE A 247 36.37 -33.69 35.58
C ILE A 247 37.12 -33.38 36.89
N TYR A 248 37.85 -34.36 37.45
CA TYR A 248 38.47 -34.20 38.78
C TYR A 248 39.44 -33.03 38.82
N HIS A 249 40.33 -32.97 37.83
CA HIS A 249 41.23 -31.83 37.66
C HIS A 249 40.49 -30.47 37.65
N ARG A 250 39.32 -30.44 37.00
CA ARG A 250 38.48 -29.23 36.90
C ARG A 250 37.78 -28.85 38.23
N TYR A 251 37.16 -29.84 38.88
CA TYR A 251 36.53 -29.66 40.20
C TYR A 251 37.46 -29.12 41.30
N CYS A 252 38.74 -29.50 41.24
CA CYS A 252 39.75 -29.04 42.21
C CYS A 252 40.06 -27.56 42.05
N ILE A 253 40.03 -27.06 40.81
CA ILE A 253 40.20 -25.63 40.53
C ILE A 253 39.04 -24.82 41.15
N GLU A 254 37.82 -25.32 40.94
CA GLU A 254 36.61 -24.75 41.52
C GLU A 254 36.64 -24.76 43.06
N ARG A 255 36.94 -25.91 43.65
CA ARG A 255 37.08 -26.04 45.12
C ARG A 255 38.17 -25.10 45.64
N ALA A 256 39.30 -25.09 44.96
CA ALA A 256 40.42 -24.19 45.30
C ALA A 256 40.05 -22.72 45.20
N ALA A 257 39.31 -22.35 44.16
CA ALA A 257 38.87 -20.97 43.95
C ALA A 257 37.92 -20.52 45.03
N ALA A 258 36.94 -21.38 45.34
CA ALA A 258 35.94 -21.09 46.37
C ALA A 258 36.56 -20.93 47.76
N HIS A 259 37.59 -21.73 48.05
CA HIS A 259 38.23 -21.73 49.37
C HIS A 259 39.28 -20.63 49.55
N SER A 260 40.00 -20.31 48.47
CA SER A 260 41.04 -19.29 48.52
C SER A 260 40.52 -17.85 48.61
N ALA A 261 39.29 -17.63 48.18
CA ALA A 261 38.73 -16.27 48.06
C ALA A 261 38.40 -15.66 49.44
N ASP A 262 38.66 -14.36 49.58
CA ASP A 262 38.27 -13.61 50.79
C ASP A 262 36.76 -13.73 50.96
N VAL A 263 36.03 -13.39 49.91
CA VAL A 263 34.57 -13.57 49.87
C VAL A 263 34.22 -14.63 48.84
N PHE A 264 33.23 -15.46 49.15
CA PHE A 264 32.73 -16.50 48.27
C PHE A 264 31.22 -16.29 48.08
N THR A 265 30.80 -16.27 46.81
CA THR A 265 29.43 -15.93 46.40
C THR A 265 28.93 -16.82 45.25
N THR A 266 27.62 -16.92 45.18
CA THR A 266 26.93 -17.60 44.11
C THR A 266 25.83 -16.68 43.53
N VAL A 267 25.29 -17.06 42.38
CA VAL A 267 24.23 -16.28 41.76
C VAL A 267 22.84 -16.43 42.40
N SER A 268 22.62 -17.46 43.20
CA SER A 268 21.31 -17.67 43.82
C SER A 268 21.39 -18.50 45.09
N GLN A 269 20.27 -18.56 45.82
CA GLN A 269 20.17 -19.36 47.04
C GLN A 269 20.20 -20.85 46.78
N ILE A 270 19.55 -21.32 45.71
CA ILE A 270 19.62 -22.74 45.37
C ILE A 270 21.06 -23.16 45.07
N THR A 271 21.79 -22.30 44.36
CA THR A 271 23.18 -22.58 43.99
C THR A 271 24.09 -22.46 45.21
N ALA A 272 23.71 -21.64 46.19
CA ALA A 272 24.42 -21.56 47.46
C ALA A 272 24.29 -22.86 48.25
N PHE A 273 23.05 -23.35 48.38
CA PHE A 273 22.79 -24.63 49.03
C PHE A 273 23.60 -25.74 48.38
N GLU A 274 23.57 -25.74 47.06
CA GLU A 274 24.34 -26.68 46.27
C GLU A 274 25.84 -26.59 46.55
N ALA A 275 26.37 -25.38 46.55
CA ALA A 275 27.82 -25.17 46.67
C ALA A 275 28.35 -25.39 48.09
N GLU A 276 27.47 -25.24 49.10
CA GLU A 276 27.85 -25.49 50.50
C GLU A 276 28.28 -26.94 50.69
N HIS A 277 27.51 -27.84 50.09
CA HIS A 277 27.74 -29.27 50.21
C HIS A 277 28.74 -29.83 49.19
N LEU A 278 28.80 -29.26 47.99
CA LEU A 278 29.71 -29.77 46.93
C LEU A 278 31.09 -29.11 46.90
N LEU A 279 31.21 -27.85 47.31
CA LEU A 279 32.52 -27.18 47.40
C LEU A 279 32.97 -26.92 48.85
N LYS A 280 32.18 -27.38 49.82
CA LYS A 280 32.59 -27.43 51.23
C LYS A 280 32.84 -26.06 51.88
N ARG A 281 32.18 -25.01 51.34
CA ARG A 281 32.21 -23.66 51.93
C ARG A 281 30.84 -23.01 51.81
N LYS A 282 30.34 -22.46 52.90
CA LYS A 282 29.06 -21.76 52.90
C LYS A 282 29.31 -20.40 52.29
N PRO A 283 28.53 -20.00 51.26
CA PRO A 283 28.81 -18.71 50.64
C PRO A 283 28.37 -17.56 51.54
N ASP A 284 29.09 -16.45 51.41
CA ASP A 284 28.87 -15.29 52.26
C ASP A 284 27.65 -14.49 51.86
N GLY A 285 27.18 -14.74 50.64
CA GLY A 285 25.90 -14.27 50.17
C GLY A 285 25.70 -14.58 48.70
N ILE A 286 24.65 -13.98 48.15
CA ILE A 286 24.29 -14.18 46.77
C ILE A 286 24.40 -12.88 45.96
N LEU A 287 24.79 -13.04 44.69
CA LEU A 287 24.86 -11.97 43.72
C LEU A 287 23.90 -12.29 42.57
N PRO A 288 22.58 -12.16 42.81
CA PRO A 288 21.61 -12.48 41.77
C PRO A 288 21.73 -11.57 40.54
N ASN A 289 21.57 -12.13 39.35
CA ASN A 289 21.79 -11.38 38.11
C ASN A 289 20.75 -10.28 37.86
N GLY A 290 21.17 -9.26 37.14
CA GLY A 290 20.35 -8.09 36.82
C GLY A 290 20.27 -7.90 35.31
N LEU A 291 19.20 -7.26 34.86
CA LEU A 291 19.11 -6.81 33.48
C LEU A 291 19.30 -5.30 33.38
N ASN A 292 19.68 -4.87 32.19
CA ASN A 292 19.76 -3.45 31.85
C ASN A 292 18.39 -3.04 31.35
N VAL A 293 17.49 -2.72 32.28
CA VAL A 293 16.06 -2.59 31.98
C VAL A 293 15.73 -1.34 31.16
N ILE A 294 15.42 -1.56 29.88
CA ILE A 294 14.97 -0.53 28.93
C ILE A 294 13.50 -0.15 29.20
N LYS A 295 13.28 0.96 29.92
CA LYS A 295 11.92 1.46 30.19
C LYS A 295 11.36 2.23 28.97
N PHE A 296 10.05 2.11 28.67
CA PHE A 296 9.41 2.95 27.62
C PHE A 296 8.85 4.27 28.19
N GLN A 297 8.73 5.26 27.32
CA GLN A 297 8.15 6.58 27.66
C GLN A 297 6.65 6.49 27.94
N ALA A 298 5.96 5.65 27.17
CA ALA A 298 4.61 5.23 27.47
C ALA A 298 4.64 3.81 28.01
N PHE A 299 4.25 3.64 29.27
CA PHE A 299 4.19 2.32 29.89
C PHE A 299 3.51 1.29 28.97
N HIS A 300 2.38 1.68 28.37
CA HIS A 300 1.58 0.73 27.57
C HIS A 300 2.20 0.31 26.24
N GLU A 301 3.26 1.00 25.79
CA GLU A 301 3.91 0.66 24.51
C GLU A 301 4.23 -0.84 24.33
N PHE A 302 4.76 -1.49 25.38
CA PHE A 302 5.09 -2.96 25.33
C PHE A 302 3.88 -3.80 24.96
N GLN A 303 2.71 -3.35 25.39
CA GLN A 303 1.45 -4.00 25.14
C GLN A 303 1.10 -3.91 23.64
N ASN A 304 1.39 -2.77 23.00
CA ASN A 304 1.24 -2.67 21.53
C ASN A 304 2.26 -3.55 20.81
N LEU A 305 3.50 -3.63 21.31
CA LEU A 305 4.51 -4.54 20.76
C LEU A 305 4.03 -6.00 20.79
N HIS A 306 3.39 -6.43 21.89
CA HIS A 306 2.81 -7.76 21.95
C HIS A 306 1.82 -8.05 20.76
N ALA A 307 0.84 -7.17 20.54
CA ALA A 307 -0.09 -7.31 19.44
C ALA A 307 0.63 -7.42 18.10
N LEU A 308 1.66 -6.60 17.95
CA LEU A 308 2.41 -6.45 16.72
C LEU A 308 3.22 -7.70 16.45
N LYS A 309 3.95 -8.15 17.46
CA LYS A 309 4.75 -9.36 17.29
C LYS A 309 3.92 -10.63 17.21
N LYS A 310 2.80 -10.66 17.93
CA LYS A 310 1.87 -11.78 17.85
C LYS A 310 1.38 -12.02 16.43
N GLU A 311 1.15 -10.94 15.69
CA GLU A 311 0.64 -11.05 14.34
C GLU A 311 1.66 -11.72 13.40
N LYS A 312 2.95 -11.50 13.61
CA LYS A 312 4.01 -12.23 12.87
C LYS A 312 4.06 -13.71 13.24
N ILE A 313 3.87 -14.02 14.52
CA ILE A 313 3.67 -15.42 14.93
C ILE A 313 2.42 -16.02 14.21
N ASN A 314 1.32 -15.28 14.17
CA ASN A 314 0.11 -15.74 13.48
C ASN A 314 0.37 -16.05 12.00
N ASP A 315 1.20 -15.21 11.36
CA ASP A 315 1.58 -15.41 9.96
C ASP A 315 2.30 -16.74 9.72
N PHE A 316 3.26 -17.04 10.59
CA PHE A 316 3.96 -18.32 10.57
C PHE A 316 3.00 -19.51 10.77
N VAL A 317 2.12 -19.36 11.76
CA VAL A 317 1.23 -20.42 12.18
C VAL A 317 0.20 -20.79 11.12
N ARG A 318 -0.30 -19.80 10.38
CA ARG A 318 -1.20 -20.07 9.26
C ARG A 318 -0.48 -20.89 8.18
N GLY A 319 0.78 -20.55 7.94
CA GLY A 319 1.60 -21.25 6.97
C GLY A 319 1.91 -22.65 7.41
N HIS A 320 2.30 -22.79 8.66
CA HIS A 320 2.62 -24.10 9.20
C HIS A 320 1.42 -25.06 9.19
N PHE A 321 0.22 -24.52 9.44
CA PHE A 321 -1.03 -25.31 9.43
C PHE A 321 -1.85 -25.19 8.13
N HIS A 322 -1.22 -24.79 7.02
CA HIS A 322 -1.97 -24.66 5.76
C HIS A 322 -2.73 -25.96 5.48
N GLY A 323 -3.98 -25.85 5.07
CA GLY A 323 -4.82 -27.01 4.79
C GLY A 323 -5.28 -27.81 6.00
N CYS A 324 -4.97 -27.37 7.21
CA CYS A 324 -5.37 -28.07 8.44
C CYS A 324 -5.70 -27.04 9.55
N PHE A 325 -6.27 -25.91 9.12
CA PHE A 325 -6.43 -24.74 9.96
C PHE A 325 -7.87 -24.68 10.46
N ASP A 326 -8.11 -25.37 11.58
CA ASP A 326 -9.44 -25.59 12.16
C ASP A 326 -9.71 -24.80 13.47
N PHE A 327 -8.86 -23.83 13.81
CA PHE A 327 -8.96 -23.07 15.08
C PHE A 327 -8.85 -21.56 14.84
N ASP A 328 -9.41 -20.80 15.78
CA ASP A 328 -9.42 -19.32 15.70
C ASP A 328 -8.22 -18.70 16.44
N LEU A 329 -7.41 -17.92 15.73
CA LEU A 329 -6.21 -17.33 16.34
C LEU A 329 -6.51 -16.26 17.38
N ASP A 330 -7.71 -15.67 17.34
CA ASP A 330 -8.17 -14.81 18.43
C ASP A 330 -8.44 -15.50 19.75
N ASN A 331 -8.51 -16.83 19.72
CA ASN A 331 -8.73 -17.65 20.89
C ASN A 331 -7.64 -18.74 20.96
N THR A 332 -6.41 -18.35 20.59
CA THR A 332 -5.25 -19.24 20.63
C THR A 332 -4.17 -18.61 21.52
N LEU A 333 -3.50 -19.44 22.31
CA LEU A 333 -2.44 -18.98 23.19
C LEU A 333 -1.13 -19.61 22.79
N TYR A 334 -0.03 -18.89 23.04
CA TYR A 334 1.30 -19.24 22.55
C TYR A 334 2.25 -19.39 23.74
N PHE A 335 2.53 -20.65 24.10
CA PHE A 335 3.47 -20.98 25.17
C PHE A 335 4.82 -21.24 24.52
N PHE A 336 5.91 -21.03 25.24
CA PHE A 336 7.20 -21.43 24.70
C PHE A 336 8.20 -21.89 25.77
N ILE A 337 9.13 -22.73 25.32
CA ILE A 337 10.36 -23.00 26.04
C ILE A 337 11.51 -22.69 25.08
N ALA A 338 12.64 -22.24 25.63
CA ALA A 338 13.80 -21.90 24.82
C ALA A 338 15.06 -21.90 25.64
N GLY A 339 16.20 -22.03 24.95
CA GLY A 339 17.51 -22.02 25.58
C GLY A 339 18.41 -23.06 24.96
N ARG A 340 19.55 -23.35 25.60
CA ARG A 340 20.43 -24.43 25.12
C ARG A 340 19.72 -25.78 25.25
N TYR A 341 20.07 -26.70 24.37
CA TYR A 341 19.42 -28.01 24.32
C TYR A 341 19.99 -28.86 25.44
N GLU A 342 19.36 -28.76 26.61
CA GLU A 342 19.63 -29.63 27.74
C GLU A 342 18.31 -30.23 28.21
N TYR A 343 18.03 -31.42 27.67
CA TYR A 343 16.74 -32.09 27.77
C TYR A 343 16.24 -32.15 29.21
N LYS A 344 17.07 -32.68 30.09
CA LYS A 344 16.68 -32.96 31.48
C LYS A 344 16.72 -31.70 32.33
N ASN A 345 17.86 -31.01 32.26
CA ASN A 345 18.14 -29.84 33.08
C ASN A 345 17.18 -28.69 32.86
N LYS A 346 16.85 -28.41 31.60
CA LYS A 346 16.01 -27.25 31.22
C LYS A 346 14.51 -27.46 31.39
N GLY A 347 14.08 -28.72 31.47
CA GLY A 347 12.68 -29.05 31.73
C GLY A 347 11.90 -29.52 30.51
N ALA A 348 12.60 -29.77 29.41
CA ALA A 348 11.95 -30.11 28.16
C ALA A 348 11.15 -31.40 28.28
N ASP A 349 11.70 -32.41 28.97
CA ASP A 349 10.94 -33.63 29.28
C ASP A 349 9.61 -33.33 30.04
N MET A 350 9.66 -32.48 31.06
CA MET A 350 8.46 -32.10 31.81
C MET A 350 7.47 -31.29 30.98
N PHE A 351 8.00 -30.32 30.25
CA PHE A 351 7.19 -29.43 29.43
C PHE A 351 6.29 -30.27 28.50
N ILE A 352 6.91 -31.13 27.69
CA ILE A 352 6.18 -31.96 26.74
C ILE A 352 5.18 -32.89 27.45
N GLU A 353 5.55 -33.40 28.62
CA GLU A 353 4.68 -34.28 29.40
C GLU A 353 3.43 -33.53 29.87
N ALA A 354 3.64 -32.34 30.43
CA ALA A 354 2.54 -31.55 30.97
C ALA A 354 1.60 -31.07 29.88
N LEU A 355 2.16 -30.66 28.74
CA LEU A 355 1.36 -30.30 27.57
C LEU A 355 0.45 -31.45 27.11
N ALA A 356 0.95 -32.68 27.15
CA ALA A 356 0.13 -33.85 26.80
C ALA A 356 -1.03 -34.06 27.79
N ARG A 357 -0.76 -33.76 29.07
CA ARG A 357 -1.79 -33.85 30.10
C ARG A 357 -2.77 -32.70 30.05
N LEU A 358 -2.27 -31.51 29.70
CA LEU A 358 -3.13 -30.36 29.43
C LEU A 358 -4.03 -30.62 28.23
N ASN A 359 -3.46 -31.23 27.19
CA ASN A 359 -4.22 -31.52 26.00
C ASN A 359 -5.38 -32.47 26.30
N TYR A 360 -5.13 -33.45 27.16
CA TYR A 360 -6.18 -34.35 27.63
C TYR A 360 -7.18 -33.56 28.48
N ARG A 361 -6.67 -32.77 29.43
CA ARG A 361 -7.53 -31.98 30.31
C ARG A 361 -8.50 -31.09 29.55
N LEU A 362 -8.00 -30.39 28.53
CA LEU A 362 -8.83 -29.45 27.74
C LEU A 362 -9.89 -30.17 26.90
N LYS A 363 -9.52 -31.29 26.28
CA LYS A 363 -10.48 -32.11 25.54
C LYS A 363 -11.65 -32.53 26.44
N VAL A 364 -11.33 -33.10 27.60
CA VAL A 364 -12.34 -33.51 28.59
C VAL A 364 -13.28 -32.36 28.95
N SER A 365 -12.73 -31.21 29.34
CA SER A 365 -13.55 -30.08 29.81
C SER A 365 -14.33 -29.34 28.69
N GLY A 366 -14.06 -29.69 27.43
CA GLY A 366 -14.72 -29.08 26.28
C GLY A 366 -14.28 -27.65 25.99
N SER A 367 -13.01 -27.34 26.29
CA SER A 367 -12.47 -26.01 26.06
C SER A 367 -12.43 -25.68 24.58
N LYS A 368 -12.65 -24.41 24.25
CA LYS A 368 -12.57 -23.94 22.87
C LYS A 368 -11.22 -23.27 22.57
N LYS A 369 -10.35 -23.20 23.56
CA LYS A 369 -9.04 -22.59 23.37
C LYS A 369 -8.13 -23.55 22.65
N THR A 370 -7.02 -23.00 22.15
CA THR A 370 -5.99 -23.79 21.50
C THR A 370 -4.65 -23.26 22.00
N VAL A 371 -3.76 -24.17 22.38
CA VAL A 371 -2.41 -23.80 22.77
C VAL A 371 -1.50 -24.26 21.65
N VAL A 372 -0.67 -23.37 21.15
CA VAL A 372 0.40 -23.74 20.25
C VAL A 372 1.67 -23.54 21.09
N ALA A 373 2.42 -24.61 21.27
CA ALA A 373 3.58 -24.64 22.13
C ALA A 373 4.83 -24.70 21.28
N PHE A 374 5.76 -23.76 21.50
CA PHE A 374 7.02 -23.73 20.76
C PHE A 374 8.22 -24.20 21.58
N ILE A 375 9.11 -24.97 20.97
CA ILE A 375 10.40 -25.30 21.55
C ILE A 375 11.53 -24.68 20.71
N VAL A 376 12.29 -23.77 21.31
CA VAL A 376 13.39 -23.09 20.61
C VAL A 376 14.74 -23.44 21.26
N MET A 377 15.26 -24.60 20.89
CA MET A 377 16.55 -25.10 21.36
C MET A 377 17.36 -25.65 20.21
N PRO A 378 18.66 -25.31 20.11
CA PRO A 378 19.43 -25.75 18.93
C PRO A 378 19.88 -27.22 18.90
N ALA A 379 19.61 -27.87 17.79
CA ALA A 379 20.02 -29.23 17.52
C ALA A 379 20.69 -29.27 16.14
N LYS A 380 21.48 -30.31 15.88
CA LYS A 380 22.09 -30.48 14.56
C LYS A 380 21.03 -30.72 13.49
N ASN A 381 21.00 -29.86 12.49
CA ASN A 381 19.99 -29.93 11.42
C ASN A 381 20.57 -29.61 10.04
N ASN A 382 19.81 -29.91 9.01
CA ASN A 382 20.18 -29.54 7.63
C ASN A 382 19.21 -28.49 7.09
N SER A 383 18.96 -27.48 7.91
CA SER A 383 18.12 -26.32 7.58
C SER A 383 16.62 -26.69 7.60
N PHE A 384 15.82 -25.79 7.07
CA PHE A 384 14.35 -25.87 7.05
C PHE A 384 13.84 -26.94 6.09
N THR A 385 12.70 -27.56 6.42
CA THR A 385 12.06 -28.49 5.50
C THR A 385 11.48 -27.71 4.30
N VAL A 386 11.43 -28.35 3.14
CA VAL A 386 10.73 -27.80 1.98
C VAL A 386 9.25 -27.49 2.28
N GLU A 387 8.62 -28.32 3.10
CA GLU A 387 7.23 -28.09 3.53
C GLU A 387 7.05 -26.77 4.32
N ALA A 388 8.00 -26.46 5.22
CA ALA A 388 7.94 -25.21 5.98
C ALA A 388 7.98 -23.96 5.10
N LEU A 389 8.87 -23.98 4.10
CA LEU A 389 9.02 -22.89 3.15
C LEU A 389 7.89 -22.81 2.12
N LYS A 390 7.44 -23.96 1.61
CA LYS A 390 6.33 -24.00 0.63
C LYS A 390 5.04 -23.47 1.21
N GLY A 391 4.72 -23.93 2.42
CA GLY A 391 3.54 -23.47 3.14
C GLY A 391 3.55 -21.97 3.32
N GLN A 392 4.71 -21.42 3.72
CA GLN A 392 4.81 -19.96 3.85
C GLN A 392 4.52 -19.25 2.51
N ALA A 393 5.12 -19.74 1.43
CA ALA A 393 4.98 -19.15 0.10
C ALA A 393 3.58 -19.24 -0.46
N GLU A 394 2.89 -20.36 -0.20
CA GLU A 394 1.52 -20.56 -0.65
C GLU A 394 0.59 -19.59 0.08
N VAL A 395 0.77 -19.44 1.38
CA VAL A 395 0.04 -18.40 2.12
C VAL A 395 0.32 -16.97 1.62
N ARG A 396 1.60 -16.63 1.44
CA ARG A 396 1.96 -15.31 0.90
C ARG A 396 1.24 -15.07 -0.41
N ALA A 397 1.22 -16.10 -1.26
CA ALA A 397 0.56 -16.07 -2.58
C ALA A 397 -0.96 -15.88 -2.51
N LEU A 398 -1.62 -16.54 -1.55
CA LEU A 398 -3.04 -16.30 -1.31
C LEU A 398 -3.27 -14.85 -0.91
N GLU A 399 -2.49 -14.33 0.05
CA GLU A 399 -2.58 -12.91 0.45
C GLU A 399 -2.58 -11.98 -0.76
N ASN A 400 -1.58 -12.16 -1.63
CA ASN A 400 -1.41 -11.25 -2.77
C ASN A 400 -2.58 -11.35 -3.73
N THR A 401 -3.16 -12.53 -3.84
CA THR A 401 -4.32 -12.77 -4.69
C THR A 401 -5.53 -12.07 -4.09
N VAL A 402 -5.76 -12.24 -2.79
CA VAL A 402 -6.81 -11.51 -2.10
C VAL A 402 -6.67 -9.99 -2.35
N HIS A 403 -5.45 -9.45 -2.25
CA HIS A 403 -5.25 -8.02 -2.47
C HIS A 403 -5.68 -7.56 -3.86
N GLU A 404 -5.40 -8.35 -4.90
CA GLU A 404 -5.89 -8.03 -6.26
C GLU A 404 -7.43 -7.98 -6.32
N VAL A 405 -8.06 -9.02 -5.78
CA VAL A 405 -9.52 -9.15 -5.71
C VAL A 405 -10.16 -7.97 -4.94
N THR A 406 -9.68 -7.65 -3.73
CA THR A 406 -10.25 -6.52 -2.97
C THR A 406 -10.08 -5.17 -3.69
N THR A 407 -9.00 -5.00 -4.45
CA THR A 407 -8.83 -3.80 -5.27
C THR A 407 -9.95 -3.70 -6.33
N SER A 408 -10.35 -4.81 -6.93
CA SER A 408 -11.47 -4.80 -7.89
C SER A 408 -12.79 -4.54 -7.19
N ILE A 409 -12.99 -5.22 -6.06
CA ILE A 409 -14.18 -5.00 -5.19
C ILE A 409 -14.33 -3.51 -4.89
N GLY A 410 -13.22 -2.88 -4.52
CA GLY A 410 -13.18 -1.45 -4.32
C GLY A 410 -13.70 -0.60 -5.46
N LYS A 411 -13.28 -0.91 -6.68
CA LYS A 411 -13.75 -0.15 -7.85
C LYS A 411 -15.25 -0.29 -8.06
N ARG A 412 -15.77 -1.48 -7.77
CA ARG A 412 -17.18 -1.74 -7.95
C ARG A 412 -18.01 -1.12 -6.85
N ILE A 413 -17.57 -1.19 -5.60
CA ILE A 413 -18.25 -0.46 -4.51
C ILE A 413 -18.22 1.03 -4.78
N PHE A 414 -17.06 1.51 -5.18
CA PHE A 414 -16.92 2.92 -5.47
C PHE A 414 -17.83 3.37 -6.60
N ASP A 415 -17.95 2.60 -7.70
CA ASP A 415 -18.81 3.07 -8.80
C ASP A 415 -20.27 3.16 -8.39
N HIS A 416 -20.70 2.16 -7.61
CA HIS A 416 -22.04 2.13 -7.08
C HIS A 416 -22.27 3.35 -6.21
N ALA A 417 -21.36 3.60 -5.29
CA ALA A 417 -21.51 4.72 -4.38
C ALA A 417 -21.62 6.07 -5.08
N ILE A 418 -20.85 6.28 -6.15
CA ILE A 418 -20.77 7.59 -6.82
C ILE A 418 -21.99 7.81 -7.76
N ARG A 419 -22.63 6.73 -8.15
CA ARG A 419 -23.68 6.75 -9.18
C ARG A 419 -25.08 6.75 -8.56
N TYR A 420 -25.22 6.17 -7.37
CA TYR A 420 -26.48 6.15 -6.66
C TYR A 420 -27.04 7.54 -6.57
N PRO A 421 -28.32 7.78 -6.84
CA PRO A 421 -29.34 6.77 -7.13
C PRO A 421 -29.68 6.63 -8.64
N HIS A 422 -28.72 6.93 -9.51
CA HIS A 422 -28.99 6.98 -10.92
C HIS A 422 -28.81 5.64 -11.62
N ASN A 423 -29.25 5.60 -12.87
CA ASN A 423 -29.15 4.42 -13.71
C ASN A 423 -29.75 3.21 -13.01
N GLY A 424 -30.92 3.37 -12.40
CA GLY A 424 -31.62 2.25 -11.75
C GLY A 424 -30.96 1.62 -10.51
N LEU A 425 -30.02 2.31 -9.88
CA LEU A 425 -29.53 1.86 -8.59
C LEU A 425 -30.54 2.34 -7.53
N THR A 426 -31.15 1.38 -6.83
CA THR A 426 -32.24 1.62 -5.87
C THR A 426 -31.76 1.56 -4.42
N THR A 427 -30.62 0.91 -4.18
CA THR A 427 -29.98 0.93 -2.88
C THR A 427 -28.70 1.76 -2.92
N GLU A 428 -28.37 2.41 -1.80
CA GLU A 428 -27.09 3.12 -1.62
C GLU A 428 -25.87 2.22 -1.87
N LEU A 429 -25.95 0.96 -1.46
CA LEU A 429 -24.82 0.05 -1.59
C LEU A 429 -25.18 -1.19 -2.40
N PRO A 430 -24.14 -1.89 -2.90
CA PRO A 430 -24.35 -3.23 -3.43
C PRO A 430 -24.94 -4.13 -2.36
N THR A 431 -25.94 -4.95 -2.74
CA THR A 431 -26.56 -5.93 -1.84
C THR A 431 -26.19 -7.38 -2.17
N ASP A 432 -25.92 -7.68 -3.44
CA ASP A 432 -25.58 -9.02 -3.90
C ASP A 432 -24.06 -9.12 -4.14
N LEU A 433 -23.46 -10.21 -3.66
CA LEU A 433 -22.01 -10.42 -3.78
C LEU A 433 -21.54 -10.54 -5.23
N GLY A 434 -22.44 -10.99 -6.11
CA GLY A 434 -22.19 -11.04 -7.54
C GLY A 434 -21.89 -9.71 -8.20
N GLU A 435 -22.44 -8.60 -7.68
CA GLU A 435 -22.10 -7.25 -8.18
C GLU A 435 -20.62 -6.88 -7.98
N LEU A 436 -19.98 -7.50 -6.99
CA LEU A 436 -18.62 -7.17 -6.58
C LEU A 436 -17.59 -8.24 -6.97
N LEU A 437 -17.95 -9.50 -6.76
CA LEU A 437 -17.04 -10.64 -6.98
C LEU A 437 -17.35 -11.42 -8.28
N LYS A 438 -16.51 -11.24 -9.30
CA LYS A 438 -16.70 -11.85 -10.61
C LYS A 438 -16.01 -13.21 -10.73
N SER A 439 -16.33 -13.93 -11.81
CA SER A 439 -15.88 -15.31 -11.95
C SER A 439 -14.37 -15.41 -12.11
N SER A 440 -13.74 -14.46 -12.79
CA SER A 440 -12.27 -14.49 -12.93
C SER A 440 -11.58 -14.34 -11.54
N ASP A 441 -12.18 -13.50 -10.68
CA ASP A 441 -11.71 -13.31 -9.30
C ASP A 441 -11.85 -14.64 -8.56
N LYS A 442 -13.04 -15.24 -8.64
CA LYS A 442 -13.28 -16.55 -8.02
C LYS A 442 -12.30 -17.63 -8.48
N VAL A 443 -11.98 -17.67 -9.77
CA VAL A 443 -11.09 -18.71 -10.30
C VAL A 443 -9.72 -18.69 -9.65
N MET A 444 -9.07 -17.52 -9.62
CA MET A 444 -7.73 -17.41 -9.05
C MET A 444 -7.69 -17.65 -7.52
N LEU A 445 -8.72 -17.24 -6.79
CA LEU A 445 -8.83 -17.61 -5.37
C LEU A 445 -8.95 -19.12 -5.15
N LYS A 446 -9.80 -19.77 -5.93
CA LYS A 446 -9.95 -21.23 -5.82
C LYS A 446 -8.63 -21.96 -6.07
N ARG A 447 -7.86 -21.51 -7.07
CA ARG A 447 -6.50 -22.02 -7.33
C ARG A 447 -5.55 -21.85 -6.14
N ARG A 448 -5.60 -20.69 -5.49
CA ARG A 448 -4.78 -20.44 -4.32
C ARG A 448 -5.18 -21.34 -3.16
N ILE A 449 -6.47 -21.62 -3.04
CA ILE A 449 -6.98 -22.56 -2.02
C ILE A 449 -6.49 -23.98 -2.30
N LEU A 450 -6.55 -24.40 -3.56
CA LEU A 450 -6.05 -25.71 -4.00
C LEU A 450 -4.58 -25.92 -3.65
N ALA A 451 -3.76 -24.90 -3.87
CA ALA A 451 -2.35 -24.96 -3.51
C ALA A 451 -2.08 -25.22 -2.03
N LEU A 452 -3.01 -24.82 -1.16
CA LEU A 452 -2.85 -24.98 0.29
C LEU A 452 -3.38 -26.30 0.84
N ARG A 453 -4.16 -27.02 0.03
CA ARG A 453 -4.70 -28.33 0.44
C ARG A 453 -3.52 -29.27 0.72
N ARG A 454 -3.63 -30.07 1.76
CA ARG A 454 -2.60 -31.09 1.99
C ARG A 454 -3.16 -32.51 1.89
N PRO A 455 -2.32 -33.48 1.44
CA PRO A 455 -2.72 -34.87 1.22
C PRO A 455 -3.61 -35.51 2.28
N GLU A 456 -4.40 -36.49 1.85
CA GLU A 456 -5.34 -37.22 2.71
C GLU A 456 -4.59 -37.82 3.90
N GLY A 457 -4.95 -37.43 5.11
CA GLY A 457 -4.29 -37.92 6.32
C GLY A 457 -2.89 -37.40 6.64
N GLN A 458 -2.43 -36.32 5.99
CA GLN A 458 -1.20 -35.62 6.38
C GLN A 458 -1.52 -34.56 7.43
N LEU A 459 -0.81 -34.61 8.54
CA LEU A 459 -1.00 -33.67 9.65
C LEU A 459 0.11 -32.60 9.65
N PRO A 460 -0.16 -31.44 10.30
CA PRO A 460 0.85 -30.39 10.47
C PRO A 460 2.05 -30.92 11.21
N PRO A 461 3.28 -30.71 10.69
CA PRO A 461 4.42 -31.38 11.32
C PRO A 461 4.73 -30.90 12.75
N ILE A 462 5.56 -31.64 13.45
CA ILE A 462 6.01 -31.31 14.80
C ILE A 462 7.39 -30.62 14.79
N VAL A 463 7.97 -30.43 13.60
CA VAL A 463 9.32 -29.88 13.47
C VAL A 463 9.45 -29.11 12.16
N THR A 464 10.21 -28.02 12.18
CA THR A 464 10.31 -27.07 11.07
C THR A 464 11.52 -27.30 10.18
N HIS A 465 12.45 -28.12 10.65
CA HIS A 465 13.73 -28.41 10.00
C HIS A 465 13.90 -29.90 9.75
N ASN A 466 14.83 -30.22 8.84
CA ASN A 466 15.35 -31.59 8.67
C ASN A 466 16.47 -31.84 9.67
N MET A 467 16.24 -32.80 10.56
CA MET A 467 17.19 -33.13 11.63
C MET A 467 18.28 -34.05 11.10
N VAL A 468 19.50 -33.88 11.61
CA VAL A 468 20.59 -34.81 11.27
C VAL A 468 20.23 -36.22 11.76
N ASP A 469 19.91 -36.35 13.06
CA ASP A 469 19.57 -37.64 13.67
C ASP A 469 18.16 -37.58 14.27
N ASP A 470 17.16 -37.54 13.40
CA ASP A 470 15.75 -37.43 13.78
C ASP A 470 15.32 -38.55 14.74
N ALA A 471 15.68 -39.79 14.39
CA ALA A 471 15.26 -41.02 15.11
C ALA A 471 15.79 -41.14 16.54
N ASN A 472 16.92 -40.49 16.83
CA ASN A 472 17.51 -40.49 18.18
C ASN A 472 17.35 -39.19 18.97
N ASP A 473 16.63 -38.20 18.45
CA ASP A 473 16.48 -36.93 19.16
C ASP A 473 15.58 -37.03 20.39
N LEU A 474 16.04 -36.46 21.50
CA LEU A 474 15.34 -36.59 22.77
C LEU A 474 13.97 -35.91 22.78
N ILE A 475 13.90 -34.71 22.18
CA ILE A 475 12.65 -33.94 22.14
C ILE A 475 11.62 -34.51 21.18
N LEU A 476 12.04 -34.88 19.97
CA LEU A 476 11.14 -35.52 19.01
C LEU A 476 10.63 -36.88 19.49
N ASN A 477 11.53 -37.71 20.06
CA ASN A 477 11.13 -39.01 20.60
C ASN A 477 10.14 -38.85 21.73
N LYS A 478 10.30 -37.81 22.54
CA LYS A 478 9.38 -37.55 23.64
C LYS A 478 8.01 -37.10 23.12
N ILE A 479 8.01 -36.20 22.14
CA ILE A 479 6.77 -35.77 21.49
C ILE A 479 6.03 -36.95 20.86
N ARG A 480 6.77 -37.82 20.18
CA ARG A 480 6.18 -39.04 19.58
C ARG A 480 5.66 -40.02 20.62
N GLN A 481 6.36 -40.13 21.75
CA GLN A 481 5.92 -40.98 22.86
C GLN A 481 4.60 -40.50 23.46
N VAL A 482 4.50 -39.21 23.79
CA VAL A 482 3.23 -38.64 24.30
C VAL A 482 2.12 -38.47 23.24
N GLN A 483 2.49 -38.61 21.96
CA GLN A 483 1.53 -38.64 20.84
C GLN A 483 0.82 -37.30 20.65
N LEU A 484 1.62 -36.25 20.53
CA LEU A 484 1.16 -34.94 20.11
C LEU A 484 1.59 -34.76 18.65
N PHE A 485 0.73 -35.23 17.74
CA PHE A 485 1.00 -35.24 16.30
C PHE A 485 0.32 -34.11 15.55
N ASN A 486 -0.18 -33.12 16.30
CA ASN A 486 -0.99 -32.01 15.78
C ASN A 486 -2.19 -32.50 15.01
N SER A 487 -2.94 -33.37 15.68
CA SER A 487 -4.21 -33.86 15.16
C SER A 487 -5.26 -32.73 15.32
N PRO A 488 -6.28 -32.67 14.43
CA PRO A 488 -7.32 -31.63 14.58
C PRO A 488 -8.03 -31.60 15.95
N SER A 489 -8.12 -32.75 16.62
CA SER A 489 -8.79 -32.86 17.91
C SER A 489 -7.88 -32.58 19.10
N ASP A 490 -6.57 -32.54 18.89
CA ASP A 490 -5.64 -32.06 19.92
C ASP A 490 -5.88 -30.55 20.10
N ARG A 491 -6.20 -30.12 21.32
CA ARG A 491 -6.24 -28.70 21.65
C ARG A 491 -4.84 -28.09 21.92
N VAL A 492 -3.80 -28.91 22.03
CA VAL A 492 -2.43 -28.43 22.20
C VAL A 492 -1.58 -28.85 21.01
N LYS A 493 -0.99 -27.87 20.34
CA LYS A 493 -0.16 -28.10 19.16
C LYS A 493 1.31 -27.93 19.50
N MET A 494 2.16 -28.67 18.81
CA MET A 494 3.57 -28.78 19.15
C MET A 494 4.44 -28.44 17.95
N ILE A 495 5.37 -27.50 18.12
CA ILE A 495 6.27 -27.09 17.06
C ILE A 495 7.67 -26.94 17.63
N PHE A 496 8.54 -27.88 17.30
CA PHE A 496 9.95 -27.82 17.70
C PHE A 496 10.68 -27.08 16.60
N HIS A 497 11.36 -25.99 17.00
CA HIS A 497 12.16 -25.16 16.11
C HIS A 497 13.60 -25.24 16.62
N PRO A 498 14.42 -26.14 16.03
CA PRO A 498 15.73 -26.47 16.59
C PRO A 498 16.85 -25.50 16.19
N GLU A 499 16.55 -24.21 16.19
CA GLU A 499 17.51 -23.18 15.80
C GLU A 499 17.16 -21.98 16.63
N PHE A 500 18.14 -21.15 16.91
CA PHE A 500 17.88 -19.89 17.58
C PHE A 500 17.22 -18.91 16.62
N LEU A 501 16.23 -18.17 17.11
CA LEU A 501 15.42 -17.25 16.29
C LEU A 501 16.22 -16.05 15.80
N ASN A 502 15.86 -15.53 14.65
CA ASN A 502 16.58 -14.42 14.06
C ASN A 502 15.67 -13.79 13.01
N ALA A 503 15.69 -12.47 12.90
CA ALA A 503 14.84 -11.78 11.93
C ALA A 503 15.09 -12.12 10.46
N ASN A 504 16.26 -12.67 10.12
CA ASN A 504 16.57 -13.17 8.77
C ASN A 504 16.06 -14.58 8.51
N ASN A 505 15.52 -15.23 9.53
CA ASN A 505 14.80 -16.49 9.36
C ASN A 505 13.76 -16.31 8.24
N PRO A 506 13.78 -17.17 7.20
CA PRO A 506 12.75 -17.10 6.16
C PRO A 506 11.32 -17.46 6.55
N ILE A 507 11.07 -18.27 7.59
CA ILE A 507 9.67 -18.68 7.94
C ILE A 507 9.04 -17.91 9.10
N LEU A 508 9.88 -17.36 9.96
CA LEU A 508 9.43 -16.77 11.20
C LEU A 508 10.43 -15.69 11.49
N GLY A 509 10.27 -14.58 10.76
CA GLY A 509 11.29 -13.53 10.72
C GLY A 509 11.20 -12.62 11.90
N LEU A 510 11.51 -13.17 13.07
CA LEU A 510 11.52 -12.46 14.35
C LEU A 510 12.86 -12.74 15.01
N ASP A 511 13.44 -11.72 15.63
CA ASP A 511 14.50 -11.95 16.62
C ASP A 511 13.85 -12.51 17.87
N TYR A 512 14.64 -13.23 18.65
CA TYR A 512 14.11 -13.95 19.81
C TYR A 512 13.37 -13.02 20.79
N ASP A 513 13.96 -11.88 21.10
CA ASP A 513 13.29 -10.95 22.02
C ASP A 513 11.87 -10.60 21.52
N GLU A 514 11.74 -10.29 20.22
CA GLU A 514 10.43 -9.97 19.61
C GLU A 514 9.44 -11.13 19.71
N PHE A 515 9.90 -12.34 19.39
CA PHE A 515 9.09 -13.53 19.52
C PHE A 515 8.57 -13.71 20.96
N VAL A 516 9.43 -13.47 21.96
CA VAL A 516 9.01 -13.55 23.36
C VAL A 516 7.86 -12.58 23.61
N ARG A 517 8.00 -11.35 23.09
CA ARG A 517 6.98 -10.30 23.29
C ARG A 517 5.64 -10.79 22.74
N GLY A 518 5.69 -11.43 21.57
CA GLY A 518 4.49 -11.93 20.91
C GLY A 518 3.81 -13.11 21.59
N CYS A 519 4.53 -13.85 22.41
CA CYS A 519 3.98 -15.03 23.08
C CYS A 519 3.12 -14.65 24.29
N HIS A 520 2.42 -15.63 24.84
CA HIS A 520 1.53 -15.40 25.98
C HIS A 520 2.10 -15.82 27.32
N LEU A 521 2.88 -16.90 27.32
CA LEU A 521 3.41 -17.51 28.54
C LEU A 521 4.73 -18.23 28.28
N GLY A 522 5.75 -17.90 29.06
CA GLY A 522 7.01 -18.66 29.07
C GLY A 522 6.87 -19.87 29.98
N VAL A 523 7.48 -20.99 29.61
CA VAL A 523 7.45 -22.21 30.46
C VAL A 523 8.83 -22.85 30.50
N PHE A 524 9.46 -22.72 31.66
CA PHE A 524 10.88 -23.07 31.85
C PHE A 524 10.99 -23.90 33.11
N PRO A 525 10.48 -25.14 33.07
CA PRO A 525 10.34 -25.96 34.27
C PRO A 525 11.63 -26.67 34.58
N SER A 526 12.64 -25.89 34.95
CA SER A 526 14.00 -26.36 34.97
C SER A 526 14.27 -27.29 36.16
N TYR A 527 15.20 -28.23 35.96
CA TYR A 527 15.75 -29.04 37.06
C TYR A 527 17.10 -28.51 37.55
N TYR A 528 17.94 -28.03 36.64
CA TYR A 528 19.21 -27.39 36.99
C TYR A 528 19.38 -26.09 36.20
N GLU A 529 19.23 -24.95 36.90
CA GLU A 529 19.31 -23.60 36.34
C GLU A 529 19.81 -22.66 37.47
N PRO A 530 21.13 -22.43 37.53
CA PRO A 530 21.67 -21.55 38.58
C PRO A 530 21.06 -20.17 38.65
N TRP A 531 20.89 -19.51 37.51
CA TRP A 531 20.08 -18.26 37.44
C TRP A 531 18.82 -18.41 36.56
N GLY A 532 18.99 -18.42 35.25
CA GLY A 532 17.84 -18.43 34.36
C GLY A 532 17.56 -17.03 33.88
N TYR A 533 18.39 -16.60 32.95
CA TYR A 533 18.15 -15.38 32.23
C TYR A 533 16.90 -15.43 31.37
N THR A 534 16.53 -16.65 30.94
CA THR A 534 15.36 -16.87 30.13
C THR A 534 14.08 -16.33 30.78
N PRO A 535 13.64 -16.89 31.93
CA PRO A 535 12.48 -16.33 32.61
C PRO A 535 12.69 -14.90 33.12
N ALA A 536 13.94 -14.53 33.41
CA ALA A 536 14.25 -13.14 33.77
C ALA A 536 13.86 -12.17 32.64
N GLU A 537 14.31 -12.50 31.41
CA GLU A 537 14.04 -11.71 30.19
C GLU A 537 12.57 -11.65 29.88
N CYS A 538 11.95 -12.81 29.97
CA CYS A 538 10.52 -12.99 29.79
C CYS A 538 9.76 -12.02 30.71
N THR A 539 10.21 -11.89 31.94
CA THR A 539 9.60 -10.97 32.90
C THR A 539 9.78 -9.49 32.54
N VAL A 540 10.97 -9.15 32.06
CA VAL A 540 11.30 -7.79 31.62
C VAL A 540 10.44 -7.31 30.45
N MET A 541 9.92 -8.24 29.66
CA MET A 541 9.05 -7.94 28.54
C MET A 541 7.58 -8.18 28.83
N GLY A 542 7.19 -8.15 30.09
CA GLY A 542 5.80 -8.24 30.46
C GLY A 542 5.12 -9.55 30.10
N VAL A 543 5.90 -10.61 29.93
CA VAL A 543 5.36 -11.91 29.59
C VAL A 543 5.43 -12.77 30.84
N PRO A 544 4.26 -13.23 31.35
CA PRO A 544 4.30 -14.14 32.50
C PRO A 544 5.03 -15.43 32.18
N SER A 545 5.45 -16.15 33.21
CA SER A 545 6.31 -17.30 33.03
C SER A 545 6.16 -18.26 34.17
N ILE A 546 6.20 -19.54 33.83
CA ILE A 546 6.29 -20.61 34.81
C ILE A 546 7.76 -21.00 34.94
N THR A 547 8.26 -21.01 36.17
CA THR A 547 9.63 -21.46 36.48
C THR A 547 9.60 -22.47 37.63
N THR A 548 10.77 -22.80 38.18
CA THR A 548 10.85 -23.73 39.32
C THR A 548 11.66 -23.17 40.49
N ASN A 549 11.41 -23.76 41.66
CA ASN A 549 12.16 -23.42 42.87
C ASN A 549 13.58 -24.02 42.93
N VAL A 550 13.97 -24.83 41.95
CA VAL A 550 15.40 -25.21 41.82
C VAL A 550 16.16 -24.36 40.80
N SER A 551 15.49 -23.35 40.24
CA SER A 551 16.14 -22.35 39.40
C SER A 551 16.54 -21.17 40.28
N GLY A 552 17.63 -20.50 39.90
CA GLY A 552 18.04 -19.33 40.63
C GLY A 552 16.96 -18.28 40.63
N PHE A 553 16.43 -17.99 39.43
CA PHE A 553 15.39 -17.00 39.21
C PHE A 553 14.20 -17.27 40.11
N GLY A 554 13.70 -18.50 40.07
CA GLY A 554 12.57 -18.91 40.89
C GLY A 554 12.84 -18.83 42.39
N SER A 555 14.00 -19.35 42.83
CA SER A 555 14.48 -19.23 44.24
C SER A 555 14.36 -17.79 44.73
N TYR A 556 14.86 -16.87 43.90
CA TYR A 556 14.88 -15.43 44.20
C TYR A 556 13.49 -14.79 44.26
N MET A 557 12.63 -15.09 43.28
CA MET A 557 11.28 -14.52 43.22
C MET A 557 10.36 -15.08 44.32
N GLU A 558 10.63 -16.31 44.73
CA GLU A 558 9.86 -16.98 45.78
C GLU A 558 10.05 -16.30 47.13
N ASP A 559 11.29 -15.89 47.42
CA ASP A 559 11.63 -15.16 48.65
C ASP A 559 10.96 -13.77 48.67
N LEU A 560 10.88 -13.15 47.50
CA LEU A 560 10.49 -11.74 47.38
C LEU A 560 8.98 -11.48 47.35
N ILE A 561 8.18 -12.48 46.96
CA ILE A 561 6.73 -12.34 46.81
C ILE A 561 6.04 -13.58 47.35
N GLU A 562 4.95 -13.38 48.10
CA GLU A 562 4.13 -14.49 48.59
C GLU A 562 3.53 -15.32 47.41
N THR A 563 3.76 -16.64 47.40
CA THR A 563 3.57 -17.50 46.19
C THR A 563 2.16 -17.64 45.60
N ASN A 564 1.14 -17.19 46.31
CA ASN A 564 -0.21 -17.02 45.73
C ASN A 564 -0.36 -15.62 45.08
N GLN A 565 0.28 -14.61 45.66
CA GLN A 565 0.35 -13.27 45.05
C GLN A 565 1.19 -13.25 43.77
N ALA A 566 2.33 -13.95 43.78
CA ALA A 566 3.25 -13.97 42.63
C ALA A 566 2.63 -14.45 41.31
N LYS A 567 1.56 -15.25 41.40
CA LYS A 567 0.77 -15.64 40.22
C LYS A 567 0.02 -14.46 39.58
N ASP A 568 -0.45 -13.52 40.39
CA ASP A 568 -1.09 -12.30 39.87
C ASP A 568 -0.10 -11.39 39.16
N TYR A 569 1.19 -11.53 39.50
CA TYR A 569 2.27 -10.80 38.82
C TYR A 569 2.95 -11.64 37.74
N GLY A 570 2.29 -12.71 37.29
CA GLY A 570 2.83 -13.56 36.25
C GLY A 570 4.08 -14.37 36.56
N ILE A 571 4.24 -14.75 37.83
CA ILE A 571 5.38 -15.54 38.26
C ILE A 571 4.82 -16.81 38.90
N TYR A 572 4.60 -17.83 38.07
CA TYR A 572 4.13 -19.13 38.53
C TYR A 572 5.36 -19.96 38.90
N ILE A 573 5.48 -20.37 40.15
CA ILE A 573 6.63 -21.19 40.58
C ILE A 573 6.23 -22.62 40.92
N VAL A 574 6.81 -23.58 40.20
CA VAL A 574 6.54 -25.00 40.40
C VAL A 574 7.49 -25.51 41.49
N ASP A 575 6.98 -26.42 42.31
CA ASP A 575 7.77 -27.08 43.35
C ASP A 575 8.36 -28.39 42.78
N ARG A 576 9.67 -28.37 42.50
CA ARG A 576 10.43 -29.55 42.07
C ARG A 576 11.44 -30.04 43.12
N ARG A 577 11.44 -29.41 44.29
CA ARG A 577 12.40 -29.71 45.35
C ARG A 577 11.81 -30.66 46.42
N PHE A 578 10.67 -30.27 46.98
CA PHE A 578 9.99 -31.01 48.06
C PHE A 578 8.76 -31.81 47.58
N LYS A 579 8.76 -32.25 46.31
CA LYS A 579 7.61 -33.00 45.76
C LYS A 579 8.06 -34.08 44.79
N ALA A 580 7.23 -35.10 44.66
CA ALA A 580 7.50 -36.21 43.73
C ALA A 580 7.31 -35.72 42.29
N PRO A 581 8.20 -36.13 41.38
CA PRO A 581 8.11 -35.74 39.97
C PRO A 581 6.73 -35.84 39.31
N ASP A 582 5.85 -36.76 39.71
CA ASP A 582 4.48 -36.80 39.18
C ASP A 582 3.53 -35.78 39.83
N GLU A 583 3.83 -35.32 41.05
CA GLU A 583 3.11 -34.19 41.65
C GLU A 583 3.55 -32.84 41.07
N SER A 584 4.82 -32.73 40.67
CA SER A 584 5.35 -31.53 39.99
C SER A 584 4.71 -31.33 38.62
N VAL A 585 4.75 -32.40 37.81
CA VAL A 585 4.11 -32.41 36.50
C VAL A 585 2.65 -31.98 36.63
N GLU A 586 1.93 -32.50 37.62
CA GLU A 586 0.52 -32.12 37.84
C GLU A 586 0.34 -30.66 38.27
N GLN A 587 1.29 -30.12 39.03
CA GLN A 587 1.25 -28.69 39.40
C GLN A 587 1.51 -27.78 38.19
N LEU A 588 2.40 -28.19 37.29
CA LEU A 588 2.68 -27.45 36.07
C LEU A 588 1.39 -27.37 35.24
N VAL A 589 0.75 -28.52 35.05
CA VAL A 589 -0.49 -28.60 34.31
C VAL A 589 -1.57 -27.75 34.99
N ASP A 590 -1.60 -27.75 36.33
CA ASP A 590 -2.54 -26.90 37.07
C ASP A 590 -2.35 -25.43 36.72
N TYR A 591 -1.09 -25.00 36.70
CA TYR A 591 -0.74 -23.61 36.37
C TYR A 591 -1.02 -23.21 34.92
N MET A 592 -0.78 -24.11 33.96
CA MET A 592 -1.13 -23.85 32.56
C MET A 592 -2.64 -23.78 32.36
N GLU A 593 -3.37 -24.75 32.93
CA GLU A 593 -4.84 -24.80 32.77
C GLU A 593 -5.52 -23.57 33.36
N GLU A 594 -4.94 -23.05 34.45
CA GLU A 594 -5.45 -21.83 35.08
C GLU A 594 -5.28 -20.64 34.11
N PHE A 595 -4.11 -20.56 33.47
CA PHE A 595 -3.82 -19.53 32.45
C PHE A 595 -4.71 -19.64 31.21
N VAL A 596 -4.96 -20.86 30.75
CA VAL A 596 -5.81 -21.08 29.58
C VAL A 596 -7.27 -20.65 29.85
N LYS A 597 -7.67 -20.69 31.11
CA LYS A 597 -9.00 -20.23 31.52
C LYS A 597 -9.13 -18.70 31.56
N LYS A 598 -8.01 -17.98 31.57
CA LYS A 598 -8.04 -16.51 31.63
C LYS A 598 -8.62 -15.86 30.39
N THR A 599 -9.40 -14.81 30.63
CA THR A 599 -9.90 -13.95 29.58
C THR A 599 -8.79 -13.05 29.06
N ARG A 600 -9.08 -12.39 27.94
CA ARG A 600 -8.19 -11.38 27.38
C ARG A 600 -7.98 -10.18 28.33
N ARG A 601 -9.02 -9.74 29.05
CA ARG A 601 -8.85 -8.63 30.00
C ARG A 601 -7.86 -9.01 31.08
N GLN A 602 -8.06 -10.18 31.66
CA GLN A 602 -7.22 -10.69 32.73
C GLN A 602 -5.79 -10.90 32.26
N ARG A 603 -5.62 -11.50 31.08
CA ARG A 603 -4.30 -11.60 30.42
C ARG A 603 -3.55 -10.27 30.36
N ILE A 604 -4.23 -9.25 29.85
CA ILE A 604 -3.67 -7.89 29.64
C ILE A 604 -3.29 -7.24 30.98
N ASN A 605 -4.12 -7.41 32.00
CA ASN A 605 -3.84 -6.84 33.32
C ASN A 605 -2.64 -7.51 33.97
N GLN A 606 -2.66 -8.85 33.99
CA GLN A 606 -1.55 -9.64 34.50
C GLN A 606 -0.25 -9.21 33.82
N ARG A 607 -0.28 -9.07 32.49
CA ARG A 607 0.90 -8.61 31.75
C ARG A 607 1.37 -7.26 32.24
N ASN A 608 0.43 -6.37 32.57
CA ASN A 608 0.78 -5.06 33.15
C ASN A 608 1.45 -5.17 34.50
N ARG A 609 0.92 -6.07 35.34
CA ARG A 609 1.50 -6.32 36.67
C ARG A 609 2.88 -6.94 36.50
N THR A 610 3.01 -7.95 35.65
CA THR A 610 4.32 -8.54 35.29
C THR A 610 5.39 -7.51 34.89
N GLU A 611 4.97 -6.52 34.09
CA GLU A 611 5.88 -5.50 33.59
C GLU A 611 6.38 -4.61 34.71
N ARG A 612 5.53 -4.33 35.70
CA ARG A 612 5.94 -3.55 36.87
C ARG A 612 6.98 -4.27 37.78
N LEU A 613 6.90 -5.60 37.92
CA LEU A 613 7.97 -6.38 38.57
C LEU A 613 9.34 -6.20 37.97
N SER A 614 9.42 -6.03 36.66
CA SER A 614 10.71 -5.93 35.94
C SER A 614 11.68 -4.88 36.48
N ASP A 615 11.14 -3.89 37.19
CA ASP A 615 11.96 -2.87 37.88
C ASP A 615 12.88 -3.49 38.94
N LEU A 616 12.38 -4.52 39.62
CA LEU A 616 13.12 -5.25 40.64
C LEU A 616 14.30 -6.04 40.08
N LEU A 617 14.28 -6.34 38.78
CA LEU A 617 15.37 -7.07 38.13
C LEU A 617 16.43 -6.15 37.54
N ASP A 618 16.28 -4.85 37.71
CA ASP A 618 17.22 -3.88 37.15
C ASP A 618 18.52 -3.84 37.95
N TRP A 619 19.65 -3.65 37.26
CA TRP A 619 20.96 -3.53 37.90
C TRP A 619 21.08 -2.39 38.92
N LYS A 620 20.31 -1.31 38.77
CA LYS A 620 20.19 -0.26 39.80
C LYS A 620 19.83 -0.81 41.20
N ARG A 621 19.13 -1.95 41.24
CA ARG A 621 18.81 -2.67 42.47
C ARG A 621 19.73 -3.86 42.75
N MET A 622 19.88 -4.75 41.78
CA MET A 622 20.66 -5.98 41.96
C MET A 622 22.13 -5.68 42.26
N GLY A 623 22.63 -4.60 41.66
CA GLY A 623 24.02 -4.22 41.81
C GLY A 623 24.44 -3.77 43.20
N LEU A 624 23.48 -3.49 44.07
CA LEU A 624 23.77 -3.25 45.49
C LEU A 624 24.38 -4.47 46.18
N GLU A 625 23.99 -5.68 45.76
CA GLU A 625 24.59 -6.91 46.31
C GLU A 625 26.08 -6.98 45.99
N TYR A 626 26.41 -6.68 44.74
CA TYR A 626 27.83 -6.58 44.35
C TYR A 626 28.59 -5.57 45.28
N VAL A 627 27.99 -4.44 45.63
CA VAL A 627 28.64 -3.49 46.53
C VAL A 627 28.89 -4.11 47.96
N LYS A 628 27.90 -4.81 48.50
CA LYS A 628 28.08 -5.53 49.76
C LYS A 628 29.24 -6.53 49.70
N ALA A 629 29.38 -7.21 48.57
CA ALA A 629 30.42 -8.24 48.42
C ALA A 629 31.83 -7.65 48.41
N ARG A 630 31.99 -6.50 47.78
CA ARG A 630 33.28 -5.81 47.78
C ARG A 630 33.55 -5.17 49.14
N GLN A 631 32.54 -4.56 49.74
CA GLN A 631 32.64 -4.06 51.13
C GLN A 631 33.17 -5.14 52.08
N LEU A 632 32.55 -6.33 52.07
CA LEU A 632 32.99 -7.45 52.91
C LEU A 632 34.42 -7.88 52.63
N ALA A 633 34.82 -7.88 51.37
CA ALA A 633 36.19 -8.24 50.97
C ALA A 633 37.22 -7.28 51.56
N LEU A 634 36.91 -5.98 51.52
CA LEU A 634 37.74 -4.96 52.17
C LEU A 634 37.70 -5.04 53.71
N ARG A 635 36.54 -5.35 54.27
CA ARG A 635 36.40 -5.59 55.70
C ARG A 635 37.28 -6.74 56.18
N ARG A 636 37.30 -7.84 55.44
CA ARG A 636 38.09 -9.01 55.85
C ARG A 636 39.59 -8.85 55.62
N GLY A 637 39.96 -8.30 54.48
CA GLY A 637 41.36 -8.08 54.12
C GLY A 637 42.08 -7.02 54.95
N TYR A 638 41.41 -5.91 55.26
CA TYR A 638 41.99 -4.84 56.07
C TYR A 638 41.14 -4.53 57.30
N PRO A 639 41.04 -5.48 58.26
CA PRO A 639 40.18 -5.26 59.43
C PRO A 639 40.52 -3.99 60.21
N ASP A 640 41.82 -3.72 60.36
CA ASP A 640 42.27 -2.58 61.17
C ASP A 640 41.97 -1.24 60.51
N GLN A 641 42.25 -1.14 59.21
CA GLN A 641 41.95 0.08 58.46
C GLN A 641 40.45 0.25 58.24
N PHE A 642 39.70 -0.86 58.26
CA PHE A 642 38.23 -0.79 58.22
C PHE A 642 37.69 -0.33 59.58
N ARG A 643 38.19 -0.91 60.69
CA ARG A 643 37.79 -0.46 62.05
C ARG A 643 37.98 1.06 62.22
N GLU A 644 39.15 1.56 61.85
CA GLU A 644 39.48 2.97 62.09
C GLU A 644 38.74 3.95 61.17
N LEU A 645 38.37 3.53 59.95
CA LEU A 645 37.52 4.34 59.08
C LEU A 645 36.09 4.43 59.62
N VAL A 646 35.59 3.32 60.14
CA VAL A 646 34.16 3.15 60.49
C VAL A 646 33.84 3.32 61.98
N GLY A 647 34.84 3.25 62.86
CA GLY A 647 34.64 3.47 64.32
C GLY A 647 34.55 2.22 65.17
N GLU A 648 34.05 1.11 64.60
CA GLU A 648 33.92 -0.17 65.32
C GLU A 648 34.26 -1.34 64.40
N GLU A 649 34.50 -2.49 65.04
CA GLU A 649 34.77 -3.75 64.37
C GLU A 649 33.42 -4.33 63.96
N LEU A 650 33.00 -4.00 62.72
CA LEU A 650 31.71 -4.46 62.18
C LEU A 650 31.68 -5.94 61.87
N ASN A 651 30.48 -6.49 61.80
CA ASN A 651 30.30 -7.94 61.71
C ASN A 651 30.66 -8.40 60.28
N ASP A 652 31.58 -9.36 60.17
CA ASP A 652 32.09 -9.88 58.89
C ASP A 652 31.68 -11.33 58.66
N SER A 653 30.65 -11.81 59.35
CA SER A 653 30.16 -13.18 59.13
C SER A 653 29.45 -13.35 57.78
N ASN A 654 28.86 -12.27 57.23
CA ASN A 654 28.15 -12.25 55.93
C ASN A 654 28.31 -10.92 55.21
N MET A 655 27.78 -10.88 54.00
CA MET A 655 27.46 -9.64 53.32
C MET A 655 26.33 -8.85 54.07
N ASP A 656 25.29 -9.53 54.53
CA ASP A 656 24.14 -8.89 55.18
C ASP A 656 24.47 -8.36 56.58
N ALA A 657 25.16 -9.19 57.36
CA ALA A 657 25.66 -8.79 58.69
C ALA A 657 26.51 -7.53 58.67
N LEU A 658 27.17 -7.27 57.54
CA LEU A 658 27.93 -6.05 57.35
C LEU A 658 27.02 -4.87 57.01
N ALA A 659 26.07 -5.10 56.10
CA ALA A 659 25.13 -4.07 55.64
C ALA A 659 23.82 -4.05 56.45
N SER B 22 34.35 35.83 -56.47
CA SER B 22 34.52 36.20 -55.03
C SER B 22 34.09 35.11 -54.04
N ARG B 23 32.78 34.92 -53.88
CA ARG B 23 32.20 34.24 -52.70
C ARG B 23 31.66 32.83 -52.96
N ASP B 24 31.70 32.01 -51.92
CA ASP B 24 31.28 30.60 -51.99
C ASP B 24 29.83 30.44 -51.52
N LEU B 25 29.00 29.83 -52.36
CA LEU B 25 27.56 29.63 -52.07
C LEU B 25 27.28 28.34 -51.27
N GLN B 26 28.13 27.32 -51.42
CA GLN B 26 28.00 26.08 -50.66
C GLN B 26 28.41 26.25 -49.21
N ASN B 27 29.52 26.94 -48.97
CA ASN B 27 29.96 27.29 -47.62
C ASN B 27 29.60 28.75 -47.39
N HIS B 28 28.40 28.97 -46.83
CA HIS B 28 27.89 30.30 -46.54
C HIS B 28 27.58 30.46 -45.05
N LEU B 29 27.56 31.71 -44.58
CA LEU B 29 27.16 32.03 -43.21
C LEU B 29 25.67 32.21 -43.13
N LEU B 30 25.13 32.06 -41.92
CA LEU B 30 23.73 32.29 -41.65
C LEU B 30 23.56 33.15 -40.44
N PHE B 31 22.83 34.26 -40.61
CA PHE B 31 22.52 35.16 -39.52
C PHE B 31 21.02 35.27 -39.45
N GLU B 32 20.43 34.70 -38.41
CA GLU B 32 18.99 34.71 -38.22
C GLU B 32 18.65 35.69 -37.10
N THR B 33 17.91 36.74 -37.45
CA THR B 33 17.69 37.88 -36.56
C THR B 33 16.23 37.91 -36.10
N ALA B 34 15.99 38.15 -34.81
CA ALA B 34 14.62 38.35 -34.32
C ALA B 34 14.59 39.01 -32.96
N THR B 35 13.45 39.62 -32.64
CA THR B 35 13.22 40.26 -31.35
C THR B 35 13.23 39.26 -30.21
N GLU B 36 12.87 38.01 -30.50
CA GLU B 36 12.59 37.02 -29.49
C GLU B 36 13.70 36.00 -29.21
N VAL B 37 14.94 36.27 -29.63
CA VAL B 37 16.05 35.34 -29.35
C VAL B 37 16.46 35.50 -27.89
N ALA B 38 16.54 34.38 -27.18
CA ALA B 38 16.84 34.33 -25.74
C ALA B 38 15.96 35.28 -24.91
N ASN B 39 14.68 35.36 -25.28
CA ASN B 39 13.77 36.38 -24.76
C ASN B 39 12.31 36.03 -25.11
N ARG B 40 11.59 35.36 -24.21
CA ARG B 40 10.24 34.89 -24.51
C ARG B 40 9.24 36.04 -24.46
N VAL B 41 8.75 36.41 -25.64
CA VAL B 41 7.55 37.24 -25.78
C VAL B 41 6.39 36.34 -26.23
N GLY B 42 6.53 35.76 -27.43
CA GLY B 42 5.46 35.04 -28.09
C GLY B 42 5.85 33.66 -28.60
N GLY B 43 5.19 33.25 -29.68
CA GLY B 43 5.41 31.96 -30.30
C GLY B 43 6.69 31.85 -31.10
N ILE B 44 7.24 32.98 -31.56
CA ILE B 44 8.49 32.95 -32.34
C ILE B 44 9.69 32.46 -31.51
N TYR B 45 9.74 32.79 -30.22
CA TYR B 45 10.69 32.19 -29.29
C TYR B 45 10.68 30.70 -29.43
N SER B 46 9.50 30.11 -29.36
CA SER B 46 9.35 28.66 -29.43
C SER B 46 9.83 28.16 -30.79
N VAL B 47 9.46 28.86 -31.86
CA VAL B 47 9.89 28.49 -33.22
C VAL B 47 11.42 28.46 -33.37
N LEU B 48 12.09 29.56 -33.03
CA LEU B 48 13.56 29.65 -33.22
C LEU B 48 14.34 28.68 -32.33
N LYS B 49 13.78 28.39 -31.16
CA LYS B 49 14.35 27.44 -30.21
C LYS B 49 14.30 26.02 -30.72
N SER B 50 13.10 25.55 -31.05
CA SER B 50 12.92 24.19 -31.54
C SER B 50 13.61 23.94 -32.89
N LYS B 51 13.78 25.01 -33.69
CA LYS B 51 14.46 24.94 -34.99
C LYS B 51 15.99 24.86 -34.87
N ALA B 52 16.53 25.13 -33.69
CA ALA B 52 17.98 25.25 -33.52
C ALA B 52 18.78 23.95 -33.78
N PRO B 53 18.30 22.80 -33.24
CA PRO B 53 18.99 21.55 -33.52
C PRO B 53 19.34 21.32 -34.98
N ILE B 54 18.36 21.27 -35.89
CA ILE B 54 18.68 21.03 -37.32
C ILE B 54 19.41 22.19 -38.00
N THR B 55 19.29 23.40 -37.47
CA THR B 55 20.00 24.52 -38.04
C THR B 55 21.48 24.39 -37.65
N VAL B 56 21.76 24.09 -36.38
CA VAL B 56 23.15 23.91 -35.93
C VAL B 56 23.81 22.68 -36.55
N ALA B 57 23.06 21.58 -36.67
CA ALA B 57 23.56 20.38 -37.36
C ALA B 57 24.06 20.68 -38.79
N GLN B 58 23.37 21.55 -39.50
CA GLN B 58 23.72 21.90 -40.87
C GLN B 58 24.83 22.95 -41.00
N TYR B 59 24.93 23.87 -40.04
CA TYR B 59 25.87 25.00 -40.09
C TYR B 59 26.99 24.97 -39.06
N LYS B 60 26.87 24.14 -38.02
CA LYS B 60 27.77 24.15 -36.85
C LYS B 60 28.12 25.59 -36.39
N ASP B 61 29.37 26.05 -36.61
CA ASP B 61 29.82 27.37 -36.12
C ASP B 61 29.61 28.56 -37.10
N HIS B 62 29.02 28.31 -38.27
CA HIS B 62 28.69 29.35 -39.25
C HIS B 62 27.37 30.13 -38.94
N TYR B 63 26.49 29.50 -38.16
CA TYR B 63 25.20 30.04 -37.76
C TYR B 63 25.31 30.95 -36.54
N HIS B 64 24.56 32.04 -36.53
CA HIS B 64 24.41 32.90 -35.35
C HIS B 64 23.01 33.51 -35.34
N LEU B 65 22.36 33.48 -34.19
CA LEU B 65 21.11 34.19 -33.97
C LEU B 65 21.44 35.56 -33.44
N ILE B 66 20.71 36.59 -33.89
CA ILE B 66 20.92 37.98 -33.46
C ILE B 66 19.64 38.55 -32.89
N GLY B 67 19.71 39.22 -31.74
CA GLY B 67 18.54 39.91 -31.19
C GLY B 67 18.91 41.02 -30.23
N PRO B 68 17.91 41.74 -29.71
CA PRO B 68 18.18 42.75 -28.71
C PRO B 68 18.42 42.07 -27.39
N LEU B 69 19.26 42.68 -26.55
CA LEU B 69 19.56 42.16 -25.23
C LEU B 69 18.47 42.54 -24.24
N ASN B 70 17.89 41.55 -23.57
CA ASN B 70 17.06 41.79 -22.40
C ASN B 70 17.95 41.70 -21.15
N LYS B 71 18.35 42.86 -20.64
CA LYS B 71 19.27 42.95 -19.50
C LYS B 71 18.67 42.36 -18.21
N ALA B 72 17.34 42.37 -18.08
CA ALA B 72 16.68 41.80 -16.90
C ALA B 72 16.76 40.26 -16.82
N THR B 73 16.72 39.56 -17.96
CA THR B 73 16.57 38.09 -17.98
C THR B 73 17.58 37.26 -18.79
N TYR B 74 18.41 37.87 -19.65
CA TYR B 74 19.40 37.08 -20.43
C TYR B 74 20.24 36.13 -19.56
N GLN B 75 20.50 36.55 -18.31
CA GLN B 75 21.26 35.78 -17.31
C GLN B 75 20.87 34.30 -17.21
N ASN B 76 19.57 34.00 -17.22
CA ASN B 76 19.05 32.63 -17.10
C ASN B 76 19.22 31.77 -18.36
N GLU B 77 19.30 32.41 -19.52
CA GLU B 77 19.15 31.71 -20.80
C GLU B 77 20.41 31.59 -21.65
N VAL B 78 21.34 32.54 -21.53
CA VAL B 78 22.57 32.46 -22.31
C VAL B 78 23.75 32.05 -21.43
N ASP B 79 24.60 31.20 -21.99
CA ASP B 79 25.91 30.90 -21.42
C ASP B 79 26.84 31.99 -21.96
N ILE B 80 27.24 32.96 -21.12
CA ILE B 80 28.10 34.08 -21.57
C ILE B 80 29.47 33.51 -21.97
N LEU B 81 30.05 34.06 -23.03
CA LEU B 81 31.20 33.47 -23.68
C LEU B 81 32.15 34.57 -24.14
N ASP B 82 33.43 34.45 -23.81
CA ASP B 82 34.42 35.48 -24.18
C ASP B 82 34.74 35.43 -25.67
N TRP B 83 34.26 36.44 -26.40
CA TRP B 83 34.42 36.51 -27.86
C TRP B 83 35.85 36.86 -28.29
N LYS B 84 36.63 37.44 -27.39
CA LYS B 84 37.99 37.92 -27.69
C LYS B 84 39.05 36.82 -27.85
N LYS B 85 38.97 35.77 -27.03
CA LYS B 85 40.00 34.70 -27.06
C LYS B 85 40.08 34.00 -28.43
N PRO B 86 41.30 33.79 -28.95
CA PRO B 86 41.53 33.09 -30.23
C PRO B 86 40.75 31.77 -30.45
N GLU B 87 40.50 31.01 -29.38
CA GLU B 87 39.84 29.70 -29.47
C GLU B 87 38.32 29.80 -29.71
N ALA B 88 37.75 30.98 -29.52
CA ALA B 88 36.31 31.22 -29.70
C ALA B 88 35.83 31.10 -31.16
N PHE B 89 36.71 31.39 -32.12
CA PHE B 89 36.39 31.33 -33.54
C PHE B 89 37.47 30.62 -34.34
N SER B 90 37.05 29.89 -35.37
CA SER B 90 37.98 29.19 -36.27
C SER B 90 38.64 30.14 -37.26
N ASP B 91 39.64 29.63 -37.99
CA ASP B 91 40.37 30.43 -38.99
C ASP B 91 39.44 31.03 -40.05
N GLU B 92 38.48 30.25 -40.55
CA GLU B 92 37.52 30.74 -41.56
C GLU B 92 36.44 31.66 -40.96
N MET B 93 36.14 31.48 -39.67
CA MET B 93 35.19 32.35 -38.95
C MET B 93 35.84 33.57 -38.27
N ARG B 94 37.13 33.82 -38.52
CA ARG B 94 37.81 35.02 -37.98
C ARG B 94 37.07 36.34 -38.26
N PRO B 95 36.54 36.53 -39.49
CA PRO B 95 35.87 37.79 -39.81
C PRO B 95 34.74 38.22 -38.88
N VAL B 96 33.96 37.26 -38.36
CA VAL B 96 32.89 37.58 -37.39
C VAL B 96 33.48 38.16 -36.10
N GLN B 97 34.63 37.64 -35.65
CA GLN B 97 35.32 38.16 -34.47
C GLN B 97 35.77 39.60 -34.68
N HIS B 98 36.41 39.85 -35.82
CA HIS B 98 36.91 41.20 -36.16
C HIS B 98 35.77 42.17 -36.40
N ALA B 99 34.63 41.67 -36.88
CA ALA B 99 33.40 42.48 -36.99
C ALA B 99 32.86 42.89 -35.62
N LEU B 100 32.76 41.92 -34.69
CA LEU B 100 32.36 42.19 -33.30
C LEU B 100 33.34 43.16 -32.62
N GLN B 101 34.64 42.99 -32.91
CA GLN B 101 35.66 43.91 -32.46
C GLN B 101 35.40 45.31 -32.99
N THR B 102 35.15 45.42 -34.31
CA THR B 102 34.85 46.74 -34.97
C THR B 102 33.64 47.45 -34.36
N MET B 103 32.67 46.67 -33.87
CA MET B 103 31.53 47.22 -33.13
C MET B 103 31.96 47.73 -31.75
N GLU B 104 32.83 46.99 -31.07
CA GLU B 104 33.42 47.45 -29.80
C GLU B 104 34.27 48.72 -29.99
N SER B 105 34.90 48.87 -31.16
CA SER B 105 35.67 50.08 -31.52
C SER B 105 34.86 51.38 -31.52
N ARG B 106 33.61 51.33 -32.00
CA ARG B 106 32.74 52.52 -32.07
C ARG B 106 31.75 52.68 -30.88
N GLY B 107 31.87 51.84 -29.84
CA GLY B 107 31.15 52.03 -28.56
C GLY B 107 29.89 51.19 -28.33
N VAL B 108 29.71 50.15 -29.15
CA VAL B 108 28.48 49.35 -29.14
C VAL B 108 28.67 48.12 -28.25
N HIS B 109 27.91 48.06 -27.15
CA HIS B 109 28.01 46.95 -26.18
C HIS B 109 27.09 45.79 -26.55
N PHE B 110 27.61 44.57 -26.38
CA PHE B 110 26.90 43.34 -26.72
C PHE B 110 27.38 42.19 -25.84
N VAL B 111 26.67 41.06 -25.92
CA VAL B 111 27.03 39.85 -25.18
C VAL B 111 26.92 38.63 -26.10
N TYR B 112 28.02 37.89 -26.20
CA TYR B 112 28.14 36.72 -27.06
C TYR B 112 27.97 35.52 -26.18
N GLY B 113 27.20 34.52 -26.62
CA GLY B 113 26.96 33.32 -25.81
C GLY B 113 26.48 32.10 -26.54
N ARG B 114 26.36 31.01 -25.80
CA ARG B 114 25.67 29.81 -26.24
C ARG B 114 24.27 29.85 -25.60
N TRP B 115 23.23 29.81 -26.43
CA TRP B 115 21.85 29.83 -25.93
C TRP B 115 21.56 28.47 -25.29
N LEU B 116 21.21 28.47 -24.00
CA LEU B 116 21.05 27.22 -23.24
C LEU B 116 19.79 26.45 -23.66
N ILE B 117 19.88 25.82 -24.83
CA ILE B 117 18.81 25.02 -25.41
C ILE B 117 19.44 23.88 -26.18
N GLU B 118 18.65 22.90 -26.57
CA GLU B 118 19.15 21.81 -27.38
C GLU B 118 19.67 22.40 -28.69
N GLY B 119 20.90 22.02 -29.04
CA GLY B 119 21.59 22.56 -30.21
C GLY B 119 22.68 23.56 -29.85
N ALA B 120 22.51 24.27 -28.74
CA ALA B 120 23.52 25.18 -28.19
C ALA B 120 24.07 26.23 -29.18
N PRO B 121 23.18 26.91 -29.92
CA PRO B 121 23.61 27.84 -30.96
C PRO B 121 24.24 29.13 -30.42
N LYS B 122 25.21 29.66 -31.15
CA LYS B 122 25.90 30.90 -30.74
C LYS B 122 24.98 32.10 -31.01
N VAL B 123 24.86 33.00 -30.03
CA VAL B 123 24.01 34.18 -30.15
C VAL B 123 24.81 35.46 -30.01
N ILE B 124 24.28 36.51 -30.60
CA ILE B 124 24.81 37.87 -30.48
C ILE B 124 23.66 38.77 -30.03
N LEU B 125 23.64 39.16 -28.76
CA LEU B 125 22.61 40.06 -28.25
C LEU B 125 23.17 41.47 -28.13
N PHE B 126 22.48 42.46 -28.69
CA PHE B 126 22.94 43.85 -28.67
C PHE B 126 22.21 44.66 -27.61
N ASP B 127 22.97 45.30 -26.73
CA ASP B 127 22.43 46.25 -25.76
C ASP B 127 21.96 47.48 -26.55
N LEU B 128 20.65 47.76 -26.54
CA LEU B 128 20.12 48.91 -27.26
C LEU B 128 20.32 50.24 -26.51
N ASP B 129 20.35 50.24 -25.17
CA ASP B 129 20.70 51.44 -24.38
C ASP B 129 22.09 52.00 -24.75
N SER B 130 23.01 51.10 -25.09
CA SER B 130 24.31 51.41 -25.68
C SER B 130 24.29 52.29 -26.96
N VAL B 131 23.17 52.31 -27.66
CA VAL B 131 23.03 53.03 -28.92
C VAL B 131 21.90 54.10 -28.90
N ARG B 132 21.20 54.23 -27.78
CA ARG B 132 20.01 55.11 -27.67
C ARG B 132 20.22 56.57 -28.09
N GLY B 133 21.44 57.08 -27.93
CA GLY B 133 21.80 58.42 -28.36
C GLY B 133 21.70 58.65 -29.86
N TYR B 134 22.04 57.63 -30.66
CA TYR B 134 21.92 57.70 -32.12
C TYR B 134 20.46 57.77 -32.63
N SER B 135 19.49 57.56 -31.74
CA SER B 135 18.05 57.58 -32.06
C SER B 135 17.65 58.61 -33.12
N ASN B 136 17.83 59.90 -32.81
CA ASN B 136 17.26 60.97 -33.64
C ASN B 136 17.88 61.11 -35.03
N GLU B 137 19.21 60.93 -35.12
CA GLU B 137 19.91 60.85 -36.41
C GLU B 137 19.35 59.70 -37.24
N TRP B 138 19.11 58.56 -36.59
CA TRP B 138 18.62 57.36 -37.25
C TRP B 138 17.15 57.40 -37.60
N LYS B 139 16.32 57.95 -36.72
CA LYS B 139 14.90 58.18 -37.03
C LYS B 139 14.73 59.17 -38.20
N GLY B 140 15.57 60.19 -38.24
CA GLY B 140 15.62 61.13 -39.36
C GLY B 140 16.10 60.50 -40.65
N ASP B 141 17.19 59.73 -40.58
CA ASP B 141 17.76 59.01 -41.73
C ASP B 141 16.75 58.04 -42.31
N LEU B 142 16.06 57.32 -41.42
CA LEU B 142 15.02 56.39 -41.82
C LEU B 142 13.84 57.09 -42.48
N TRP B 143 13.44 58.25 -41.96
CA TRP B 143 12.32 58.99 -42.52
C TRP B 143 12.59 59.49 -43.94
N SER B 144 13.77 60.09 -44.14
CA SER B 144 14.14 60.59 -45.46
C SER B 144 14.39 59.43 -46.41
N LEU B 145 15.14 58.43 -45.98
CA LEU B 145 15.46 57.30 -46.85
C LEU B 145 14.25 56.46 -47.28
N VAL B 146 13.37 56.12 -46.34
CA VAL B 146 12.31 55.13 -46.58
C VAL B 146 10.86 55.63 -46.34
N GLY B 147 10.69 56.78 -45.71
CA GLY B 147 9.37 57.35 -45.44
C GLY B 147 8.72 56.98 -44.11
N ILE B 148 9.40 56.21 -43.26
CA ILE B 148 8.80 55.73 -42.01
C ILE B 148 8.84 56.81 -40.94
N PRO B 149 7.67 57.32 -40.48
CA PRO B 149 7.66 58.17 -39.27
C PRO B 149 7.82 57.31 -38.02
N SER B 150 8.10 57.93 -36.89
CA SER B 150 8.48 57.19 -35.69
C SER B 150 8.17 57.99 -34.44
N PRO B 151 6.88 58.02 -34.02
CA PRO B 151 6.47 58.64 -32.76
C PRO B 151 7.33 58.21 -31.58
N GLU B 152 7.64 59.17 -30.69
CA GLU B 152 8.50 58.93 -29.51
C GLU B 152 7.82 58.08 -28.43
N ASN B 153 6.51 58.26 -28.29
CA ASN B 153 5.71 57.45 -27.34
C ASN B 153 5.63 55.96 -27.67
N ASP B 154 6.03 55.54 -28.88
CA ASP B 154 6.04 54.13 -29.29
C ASP B 154 7.41 53.47 -29.03
N PHE B 155 7.56 52.89 -27.84
CA PHE B 155 8.85 52.35 -27.39
C PHE B 155 9.31 51.13 -28.18
N GLU B 156 8.35 50.41 -28.76
CA GLU B 156 8.66 49.22 -29.56
C GLU B 156 9.27 49.53 -30.93
N THR B 157 8.74 50.54 -31.63
CA THR B 157 9.37 50.98 -32.88
C THR B 157 10.69 51.67 -32.62
N ASN B 158 10.81 52.41 -31.52
CA ASN B 158 12.09 53.01 -31.13
C ASN B 158 13.14 51.92 -31.01
N ASP B 159 12.76 50.83 -30.35
CA ASP B 159 13.62 49.66 -30.22
C ASP B 159 13.86 48.91 -31.53
N ALA B 160 12.84 48.84 -32.38
CA ALA B 160 12.96 48.19 -33.69
C ALA B 160 13.96 48.92 -34.57
N ILE B 161 13.92 50.25 -34.52
CA ILE B 161 14.82 51.11 -35.31
C ILE B 161 16.25 51.03 -34.79
N LEU B 162 16.43 51.05 -33.47
CA LEU B 162 17.77 50.87 -32.88
C LEU B 162 18.39 49.53 -33.25
N LEU B 163 17.59 48.47 -33.20
CA LEU B 163 18.03 47.13 -33.61
C LEU B 163 18.44 47.07 -35.09
N GLY B 164 17.59 47.59 -35.96
CA GLY B 164 17.81 47.50 -37.39
C GLY B 164 19.06 48.21 -37.88
N TYR B 165 19.28 49.43 -37.39
CA TYR B 165 20.48 50.18 -37.75
C TYR B 165 21.70 49.47 -37.20
N THR B 166 21.61 48.95 -35.98
CA THR B 166 22.73 48.22 -35.36
C THR B 166 23.09 46.93 -36.12
N VAL B 167 22.08 46.20 -36.61
CA VAL B 167 22.31 44.92 -37.28
C VAL B 167 22.80 45.09 -38.74
N ALA B 168 22.32 46.10 -39.45
CA ALA B 168 22.82 46.41 -40.80
C ALA B 168 24.27 46.95 -40.75
N TRP B 169 24.57 47.71 -39.70
CA TRP B 169 25.92 48.13 -39.35
C TRP B 169 26.83 46.92 -39.12
N PHE B 170 26.36 45.95 -38.33
CA PHE B 170 27.08 44.71 -38.08
C PHE B 170 27.29 43.88 -39.35
N LEU B 171 26.20 43.65 -40.09
CA LEU B 171 26.30 42.88 -41.35
C LEU B 171 27.14 43.59 -42.42
N GLY B 172 27.15 44.93 -42.41
CA GLY B 172 28.01 45.71 -43.30
C GLY B 172 29.48 45.46 -43.06
N GLU B 173 29.87 45.31 -41.79
CA GLU B 173 31.26 45.02 -41.39
C GLU B 173 31.69 43.59 -41.63
N VAL B 174 30.77 42.64 -41.50
CA VAL B 174 31.06 41.24 -41.83
C VAL B 174 31.29 41.08 -43.33
N ALA B 175 30.46 41.71 -44.17
CA ALA B 175 30.64 41.65 -45.63
C ALA B 175 31.97 42.26 -46.10
N HIS B 176 32.40 43.34 -45.43
CA HIS B 176 33.71 43.97 -45.65
C HIS B 176 34.86 43.02 -45.30
N LEU B 177 34.81 42.45 -44.09
CA LEU B 177 35.92 41.66 -43.54
C LEU B 177 35.95 40.17 -43.90
N ASP B 178 34.86 39.65 -44.48
CA ASP B 178 34.76 38.25 -44.89
C ASP B 178 34.72 38.23 -46.41
N SER B 179 35.69 37.56 -47.04
CA SER B 179 35.81 37.49 -48.52
C SER B 179 35.60 36.08 -49.09
N GLN B 180 35.35 35.12 -48.20
CA GLN B 180 35.25 33.71 -48.55
C GLN B 180 33.80 33.25 -48.71
N HIS B 181 33.00 33.56 -47.69
CA HIS B 181 31.63 33.07 -47.57
C HIS B 181 30.62 34.02 -48.21
N ALA B 182 29.57 33.46 -48.79
CA ALA B 182 28.33 34.20 -49.04
C ALA B 182 27.62 34.36 -47.71
N ILE B 183 26.87 35.45 -47.54
CA ILE B 183 26.17 35.74 -46.29
C ILE B 183 24.65 35.70 -46.51
N VAL B 184 23.96 34.94 -45.67
CA VAL B 184 22.50 34.90 -45.67
C VAL B 184 21.99 35.51 -44.37
N ALA B 185 21.19 36.58 -44.48
CA ALA B 185 20.62 37.27 -43.33
C ALA B 185 19.10 37.10 -43.34
N HIS B 186 18.58 36.40 -42.34
CA HIS B 186 17.16 36.08 -42.23
C HIS B 186 16.55 36.89 -41.09
N PHE B 187 15.45 37.59 -41.36
CA PHE B 187 14.75 38.37 -40.32
C PHE B 187 13.33 37.86 -40.07
N HIS B 188 12.90 37.87 -38.80
CA HIS B 188 11.55 37.43 -38.44
C HIS B 188 10.75 38.55 -37.76
N GLN B 189 9.58 38.84 -38.33
CA GLN B 189 8.64 39.88 -37.89
C GLN B 189 9.15 41.30 -38.18
N TRP B 190 8.20 42.23 -38.27
CA TRP B 190 8.49 43.64 -38.56
C TRP B 190 9.35 44.31 -37.49
N LEU B 191 9.21 43.88 -36.23
CA LEU B 191 10.04 44.37 -35.14
C LEU B 191 11.54 44.16 -35.35
N ALA B 192 11.89 43.12 -36.11
CA ALA B 192 13.26 42.87 -36.54
C ALA B 192 13.50 43.21 -38.02
N GLY B 193 12.61 43.98 -38.64
CA GLY B 193 12.65 44.21 -40.09
C GLY B 193 13.34 45.47 -40.56
N VAL B 194 13.69 46.39 -39.65
CA VAL B 194 14.21 47.71 -40.04
C VAL B 194 15.54 47.63 -40.81
N ALA B 195 16.40 46.67 -40.46
CA ALA B 195 17.65 46.43 -41.18
C ALA B 195 17.52 46.17 -42.68
N LEU B 196 16.36 45.67 -43.12
CA LEU B 196 16.16 45.27 -44.52
C LEU B 196 16.21 46.39 -45.57
N PRO B 197 15.44 47.49 -45.40
CA PRO B 197 15.66 48.64 -46.31
C PRO B 197 17.08 49.22 -46.28
N LEU B 198 17.74 49.12 -45.12
CA LEU B 198 19.11 49.62 -44.94
C LEU B 198 20.12 48.76 -45.71
N CYS B 199 20.01 47.44 -45.59
CA CYS B 199 20.82 46.51 -46.38
C CYS B 199 20.66 46.71 -47.90
N ARG B 200 19.44 47.00 -48.34
CA ARG B 200 19.10 47.17 -49.77
C ARG B 200 19.64 48.50 -50.31
N LYS B 201 19.19 49.61 -49.71
CA LYS B 201 19.64 50.95 -50.07
C LYS B 201 21.18 51.11 -49.98
N ARG B 202 21.81 50.52 -48.97
CA ARG B 202 23.29 50.54 -48.86
C ARG B 202 24.03 49.58 -49.80
N ARG B 203 23.31 48.79 -50.59
CA ARG B 203 23.94 47.84 -51.54
C ARG B 203 24.93 46.84 -50.88
N ILE B 204 24.66 46.46 -49.63
CA ILE B 204 25.57 45.61 -48.82
C ILE B 204 25.58 44.16 -49.34
N ASP B 205 26.77 43.55 -49.41
CA ASP B 205 26.91 42.22 -50.05
C ASP B 205 26.46 41.03 -49.17
N VAL B 206 25.15 41.00 -48.94
CA VAL B 206 24.47 39.96 -48.19
C VAL B 206 23.21 39.64 -48.98
N VAL B 207 22.73 38.39 -48.94
CA VAL B 207 21.38 38.06 -49.43
C VAL B 207 20.41 37.93 -48.23
N THR B 208 19.20 38.43 -48.39
CA THR B 208 18.28 38.63 -47.28
C THR B 208 16.96 37.89 -47.43
N ILE B 209 16.46 37.37 -46.31
CA ILE B 209 15.14 36.75 -46.23
C ILE B 209 14.33 37.45 -45.12
N PHE B 210 13.05 37.68 -45.38
CA PHE B 210 12.12 38.20 -44.39
C PHE B 210 10.92 37.24 -44.26
N THR B 211 10.68 36.75 -43.05
CA THR B 211 9.55 35.87 -42.77
C THR B 211 8.58 36.64 -41.90
N THR B 212 7.34 36.80 -42.37
CA THR B 212 6.30 37.40 -41.54
C THR B 212 5.41 36.29 -40.97
N HIS B 213 5.13 36.39 -39.68
CA HIS B 213 4.35 35.39 -38.93
C HIS B 213 2.89 35.79 -38.76
N ALA B 214 2.55 36.99 -39.19
CA ALA B 214 1.18 37.44 -39.27
C ALA B 214 1.25 38.62 -40.22
N THR B 215 0.21 39.45 -40.28
CA THR B 215 0.37 40.81 -40.77
C THR B 215 -0.25 41.72 -39.74
N LEU B 216 0.25 42.96 -39.62
CA LEU B 216 -0.38 43.97 -38.77
C LEU B 216 -1.83 44.19 -39.16
N LEU B 217 -2.06 44.60 -40.39
CA LEU B 217 -3.42 44.90 -40.81
C LEU B 217 -4.37 43.71 -40.64
N GLY B 218 -3.87 42.49 -40.77
CA GLY B 218 -4.69 41.30 -40.51
C GLY B 218 -5.23 41.21 -39.09
N ARG B 219 -4.31 41.28 -38.13
CA ARG B 219 -4.63 41.31 -36.68
C ARG B 219 -5.70 42.35 -36.39
N TYR B 220 -5.50 43.57 -36.88
CA TYR B 220 -6.36 44.70 -36.51
C TYR B 220 -7.71 44.73 -37.22
N LEU B 221 -7.74 44.35 -38.51
CA LEU B 221 -8.99 44.21 -39.25
C LEU B 221 -9.91 43.09 -38.70
N CYS B 222 -9.35 42.11 -37.98
CA CYS B 222 -10.12 41.02 -37.34
C CYS B 222 -10.36 41.19 -35.83
N ALA B 223 -9.92 42.31 -35.28
CA ALA B 223 -10.03 42.58 -33.84
C ALA B 223 -11.48 42.66 -33.39
N SER B 224 -12.26 43.49 -34.05
CA SER B 224 -13.69 43.63 -33.73
C SER B 224 -14.43 42.30 -33.93
N GLY B 225 -14.10 41.58 -35.00
CA GLY B 225 -14.81 40.36 -35.39
C GLY B 225 -16.15 40.64 -36.08
N SER B 226 -16.29 41.83 -36.66
CA SER B 226 -17.46 42.19 -37.49
C SER B 226 -17.13 42.26 -39.01
N PHE B 227 -15.85 42.38 -39.36
CA PHE B 227 -15.40 42.61 -40.76
C PHE B 227 -15.26 41.29 -41.51
N ASP B 228 -15.71 41.25 -42.76
CA ASP B 228 -15.68 39.99 -43.53
C ASP B 228 -14.30 39.79 -44.17
N PHE B 229 -13.33 39.45 -43.34
CA PHE B 229 -11.91 39.53 -43.70
C PHE B 229 -11.49 38.84 -45.02
N TYR B 230 -11.77 37.54 -45.15
CA TYR B 230 -11.22 36.73 -46.26
C TYR B 230 -11.83 37.02 -47.64
N ASN B 231 -12.99 37.67 -47.65
CA ASN B 231 -13.60 38.18 -48.89
C ASN B 231 -13.24 39.67 -49.16
N CYS B 232 -13.34 40.52 -48.14
CA CYS B 232 -13.14 41.98 -48.28
C CYS B 232 -11.68 42.49 -48.30
N LEU B 233 -10.69 41.66 -47.98
CA LEU B 233 -9.31 42.17 -47.89
C LEU B 233 -8.68 42.50 -49.24
N GLU B 234 -9.11 41.81 -50.29
CA GLU B 234 -8.71 42.16 -51.67
C GLU B 234 -8.99 43.63 -52.02
N SER B 235 -9.95 44.28 -51.35
CA SER B 235 -10.36 45.65 -51.66
C SER B 235 -10.14 46.71 -50.54
N VAL B 236 -9.20 46.49 -49.61
CA VAL B 236 -8.92 47.50 -48.57
C VAL B 236 -7.83 48.45 -49.07
N ASP B 237 -7.99 49.75 -48.80
CA ASP B 237 -6.92 50.73 -49.00
C ASP B 237 -5.98 50.59 -47.78
N VAL B 238 -4.80 50.03 -47.99
CA VAL B 238 -3.91 49.72 -46.87
C VAL B 238 -3.48 50.96 -46.06
N ASP B 239 -3.02 52.02 -46.75
CA ASP B 239 -2.54 53.23 -46.06
C ASP B 239 -3.71 53.89 -45.29
N HIS B 240 -4.92 53.80 -45.83
CA HIS B 240 -6.10 54.32 -45.15
C HIS B 240 -6.36 53.55 -43.85
N GLU B 241 -6.34 52.22 -43.94
CA GLU B 241 -6.66 51.37 -42.78
C GLU B 241 -5.59 51.47 -41.69
N ALA B 242 -4.34 51.40 -42.10
CA ALA B 242 -3.23 51.59 -41.20
C ALA B 242 -3.37 52.93 -40.47
N GLY B 243 -3.83 53.97 -41.17
CA GLY B 243 -4.09 55.27 -40.55
C GLY B 243 -5.21 55.24 -39.52
N ARG B 244 -6.32 54.57 -39.86
CA ARG B 244 -7.49 54.44 -38.99
C ARG B 244 -7.16 53.77 -37.65
N PHE B 245 -6.27 52.79 -37.69
CA PHE B 245 -5.87 52.07 -36.49
C PHE B 245 -4.65 52.69 -35.78
N GLY B 246 -4.15 53.82 -36.25
CA GLY B 246 -3.00 54.46 -35.63
C GLY B 246 -1.73 53.65 -35.66
N ILE B 247 -1.56 52.81 -36.70
CA ILE B 247 -0.35 51.97 -36.86
C ILE B 247 0.42 52.18 -38.17
N TYR B 248 0.29 53.37 -38.75
CA TYR B 248 0.96 53.67 -40.02
C TYR B 248 2.46 53.43 -39.94
N HIS B 249 3.06 53.93 -38.88
CA HIS B 249 4.52 53.79 -38.71
C HIS B 249 4.94 52.34 -38.67
N ARG B 250 4.19 51.53 -37.91
CA ARG B 250 4.45 50.08 -37.80
C ARG B 250 4.20 49.35 -39.13
N TYR B 251 3.06 49.66 -39.74
CA TYR B 251 2.75 49.15 -41.08
C TYR B 251 3.84 49.43 -42.12
N CYS B 252 4.40 50.65 -42.12
CA CYS B 252 5.49 51.01 -43.04
C CYS B 252 6.75 50.17 -42.86
N ILE B 253 7.09 49.87 -41.61
CA ILE B 253 8.21 48.97 -41.33
C ILE B 253 7.96 47.54 -41.88
N GLU B 254 6.77 47.00 -41.65
CA GLU B 254 6.45 45.66 -42.14
C GLU B 254 6.49 45.62 -43.69
N ARG B 255 5.92 46.64 -44.31
CA ARG B 255 5.87 46.77 -45.78
C ARG B 255 7.27 46.94 -46.41
N ALA B 256 8.07 47.83 -45.82
CA ALA B 256 9.44 48.06 -46.29
C ALA B 256 10.31 46.83 -46.13
N ALA B 257 10.12 46.07 -45.05
CA ALA B 257 10.83 44.80 -44.83
C ALA B 257 10.46 43.77 -45.88
N ALA B 258 9.18 43.70 -46.22
CA ALA B 258 8.69 42.81 -47.27
C ALA B 258 9.24 43.16 -48.67
N HIS B 259 9.23 44.44 -49.04
CA HIS B 259 9.73 44.85 -50.37
C HIS B 259 11.25 44.80 -50.52
N SER B 260 11.96 45.01 -49.42
CA SER B 260 13.42 45.06 -49.46
C SER B 260 14.11 43.69 -49.45
N ALA B 261 13.41 42.65 -49.04
CA ALA B 261 14.04 41.35 -48.92
C ALA B 261 14.23 40.73 -50.31
N ASP B 262 15.37 40.08 -50.53
CA ASP B 262 15.59 39.29 -51.74
C ASP B 262 14.56 38.18 -51.83
N VAL B 263 14.24 37.55 -50.68
CA VAL B 263 13.18 36.55 -50.59
C VAL B 263 12.18 36.94 -49.49
N PHE B 264 10.89 36.80 -49.79
CA PHE B 264 9.81 37.13 -48.85
C PHE B 264 8.98 35.89 -48.54
N THR B 265 8.81 35.58 -47.26
CA THR B 265 8.11 34.38 -46.82
C THR B 265 7.07 34.69 -45.75
N THR B 266 6.08 33.81 -45.66
CA THR B 266 5.09 33.78 -44.58
C THR B 266 5.16 32.37 -43.97
N VAL B 267 4.48 32.18 -42.85
CA VAL B 267 4.40 30.87 -42.22
C VAL B 267 3.28 29.97 -42.74
N SER B 268 2.44 30.45 -43.66
CA SER B 268 1.35 29.63 -44.17
C SER B 268 0.82 30.16 -45.49
N GLN B 269 0.11 29.33 -46.23
CA GLN B 269 -0.54 29.78 -47.46
C GLN B 269 -1.63 30.80 -47.19
N ILE B 270 -2.44 30.58 -46.15
CA ILE B 270 -3.52 31.53 -45.82
C ILE B 270 -2.97 32.93 -45.51
N THR B 271 -1.86 32.98 -44.81
CA THR B 271 -1.22 34.25 -44.52
C THR B 271 -0.53 34.82 -45.75
N ALA B 272 -0.04 33.96 -46.64
CA ALA B 272 0.50 34.40 -47.93
C ALA B 272 -0.53 35.10 -48.78
N PHE B 273 -1.78 34.65 -48.70
CA PHE B 273 -2.91 35.30 -49.38
C PHE B 273 -3.13 36.70 -48.83
N GLU B 274 -3.32 36.76 -47.51
CA GLU B 274 -3.42 37.99 -46.72
C GLU B 274 -2.22 38.95 -46.94
N ALA B 275 -1.01 38.40 -47.04
CA ALA B 275 0.21 39.19 -47.23
C ALA B 275 0.35 39.82 -48.61
N GLU B 276 -0.03 39.09 -49.65
CA GLU B 276 0.03 39.59 -51.03
C GLU B 276 -0.74 40.90 -51.16
N HIS B 277 -1.95 40.91 -50.64
CA HIS B 277 -2.84 42.07 -50.78
C HIS B 277 -2.62 43.17 -49.75
N LEU B 278 -2.14 42.83 -48.56
CA LEU B 278 -1.97 43.82 -47.50
C LEU B 278 -0.56 44.37 -47.42
N LEU B 279 0.42 43.60 -47.88
CA LEU B 279 1.80 44.08 -48.00
C LEU B 279 2.30 44.26 -49.44
N LYS B 280 1.43 44.01 -50.43
CA LYS B 280 1.70 44.29 -51.83
C LYS B 280 2.94 43.55 -52.37
N ARG B 281 3.05 42.28 -52.00
CA ARG B 281 4.08 41.40 -52.55
C ARG B 281 3.70 39.93 -52.34
N LYS B 282 3.57 39.21 -53.44
CA LYS B 282 3.29 37.80 -53.37
C LYS B 282 4.50 37.12 -52.78
N PRO B 283 4.33 36.39 -51.66
CA PRO B 283 5.51 35.74 -51.09
C PRO B 283 6.08 34.68 -52.02
N ASP B 284 7.39 34.50 -51.94
CA ASP B 284 8.10 33.48 -52.71
C ASP B 284 7.93 32.07 -52.15
N GLY B 285 7.35 31.95 -50.95
CA GLY B 285 7.01 30.65 -50.41
C GLY B 285 6.69 30.65 -48.93
N ILE B 286 6.43 29.45 -48.42
CA ILE B 286 5.93 29.22 -47.10
C ILE B 286 7.06 28.62 -46.28
N LEU B 287 7.21 29.11 -45.04
CA LEU B 287 8.05 28.50 -44.02
C LEU B 287 7.21 28.06 -42.81
N PRO B 288 6.47 26.94 -42.95
CA PRO B 288 5.63 26.50 -41.85
C PRO B 288 6.44 26.03 -40.67
N ASN B 289 5.86 26.18 -39.48
CA ASN B 289 6.58 25.97 -38.23
C ASN B 289 6.58 24.52 -37.85
N GLY B 290 7.67 24.15 -37.20
CA GLY B 290 7.97 22.77 -36.91
C GLY B 290 7.99 22.61 -35.42
N LEU B 291 8.05 21.35 -35.02
CA LEU B 291 8.27 21.01 -33.65
C LEU B 291 9.48 20.09 -33.57
N ASN B 292 10.09 20.07 -32.40
CA ASN B 292 11.20 19.18 -32.14
C ASN B 292 10.55 17.93 -31.53
N VAL B 293 10.09 17.05 -32.40
CA VAL B 293 9.27 15.91 -31.98
C VAL B 293 10.15 14.92 -31.26
N ILE B 294 9.81 14.67 -29.99
CA ILE B 294 10.53 13.71 -29.17
C ILE B 294 9.85 12.34 -29.32
N LYS B 295 10.50 11.44 -30.07
CA LYS B 295 9.97 10.09 -30.29
C LYS B 295 10.13 9.24 -29.03
N PHE B 296 9.15 8.38 -28.75
CA PHE B 296 9.29 7.36 -27.71
C PHE B 296 10.04 6.13 -28.23
N GLN B 297 10.64 5.38 -27.31
CA GLN B 297 11.30 4.13 -27.67
C GLN B 297 10.31 3.10 -28.26
N ALA B 298 9.13 2.99 -27.63
CA ALA B 298 8.03 2.18 -28.14
C ALA B 298 6.95 3.07 -28.73
N PHE B 299 6.53 2.76 -29.95
CA PHE B 299 5.48 3.54 -30.64
C PHE B 299 4.21 3.65 -29.80
N HIS B 300 3.73 2.52 -29.31
CA HIS B 300 2.50 2.45 -28.52
C HIS B 300 2.51 3.14 -27.12
N GLU B 301 3.66 3.67 -26.66
CA GLU B 301 3.72 4.30 -25.35
C GLU B 301 2.74 5.47 -25.20
N PHE B 302 2.53 6.23 -26.28
CA PHE B 302 1.58 7.35 -26.29
C PHE B 302 0.15 6.92 -25.98
N GLN B 303 -0.17 5.68 -26.34
CA GLN B 303 -1.47 5.12 -26.01
C GLN B 303 -1.59 4.81 -24.53
N ASN B 304 -0.53 4.30 -23.93
CA ASN B 304 -0.55 4.04 -22.50
C ASN B 304 -0.69 5.32 -21.72
N LEU B 305 0.10 6.35 -22.09
CA LEU B 305 -0.05 7.71 -21.54
C LEU B 305 -1.45 8.24 -21.65
N HIS B 306 -2.07 8.06 -22.82
CA HIS B 306 -3.43 8.53 -23.01
C HIS B 306 -4.34 7.96 -21.95
N ALA B 307 -4.25 6.67 -21.72
CA ALA B 307 -5.12 6.01 -20.75
C ALA B 307 -4.82 6.45 -19.35
N LEU B 308 -3.55 6.73 -19.05
CA LEU B 308 -3.16 7.22 -17.74
C LEU B 308 -3.66 8.61 -17.47
N LYS B 309 -3.43 9.53 -18.40
CA LYS B 309 -3.88 10.92 -18.21
C LYS B 309 -5.40 11.01 -18.22
N LYS B 310 -6.04 10.18 -19.04
CA LYS B 310 -7.50 10.16 -19.09
C LYS B 310 -8.09 9.73 -17.77
N GLU B 311 -7.39 8.92 -16.99
CA GLU B 311 -7.91 8.49 -15.69
C GLU B 311 -7.94 9.66 -14.71
N LYS B 312 -6.96 10.56 -14.82
CA LYS B 312 -6.93 11.81 -14.07
C LYS B 312 -8.03 12.79 -14.46
N ILE B 313 -8.38 12.85 -15.74
CA ILE B 313 -9.54 13.62 -16.16
C ILE B 313 -10.79 12.97 -15.54
N ASN B 314 -10.94 11.66 -15.66
CA ASN B 314 -12.12 11.02 -15.09
C ASN B 314 -12.29 11.36 -13.64
N ASP B 315 -11.17 11.39 -12.95
CA ASP B 315 -11.18 11.62 -11.55
C ASP B 315 -11.73 13.04 -11.25
N PHE B 316 -11.30 14.01 -12.06
CA PHE B 316 -11.90 15.33 -12.02
C PHE B 316 -13.37 15.35 -12.34
N VAL B 317 -13.79 14.65 -13.39
CA VAL B 317 -15.21 14.61 -13.80
C VAL B 317 -16.12 14.03 -12.72
N ARG B 318 -15.72 12.96 -12.05
CA ARG B 318 -16.54 12.37 -10.95
C ARG B 318 -16.81 13.39 -9.82
N GLY B 319 -15.78 14.15 -9.51
CA GLY B 319 -15.93 15.19 -8.54
C GLY B 319 -16.85 16.27 -9.04
N HIS B 320 -16.71 16.65 -10.31
CA HIS B 320 -17.44 17.80 -10.81
C HIS B 320 -18.90 17.48 -10.86
N PHE B 321 -19.22 16.23 -11.20
CA PHE B 321 -20.60 15.76 -11.31
C PHE B 321 -21.08 15.01 -10.08
N HIS B 322 -20.48 15.26 -8.89
CA HIS B 322 -20.88 14.54 -7.68
C HIS B 322 -22.36 14.76 -7.41
N GLY B 323 -23.07 13.71 -6.99
CA GLY B 323 -24.54 13.72 -6.93
C GLY B 323 -25.33 13.79 -8.25
N CYS B 324 -24.66 13.84 -9.41
CA CYS B 324 -25.31 13.96 -10.70
C CYS B 324 -24.63 13.07 -11.71
N PHE B 325 -24.18 11.90 -11.29
CA PHE B 325 -23.30 11.09 -12.09
C PHE B 325 -24.07 9.89 -12.62
N ASP B 326 -24.75 10.11 -13.74
CA ASP B 326 -25.66 9.12 -14.37
C ASP B 326 -25.20 8.59 -15.74
N PHE B 327 -23.93 8.74 -16.06
CA PHE B 327 -23.39 8.33 -17.33
C PHE B 327 -22.14 7.51 -17.10
N ASP B 328 -21.60 6.95 -18.19
CA ASP B 328 -20.54 5.95 -18.13
C ASP B 328 -19.26 6.53 -18.73
N LEU B 329 -18.20 6.61 -17.91
CA LEU B 329 -16.94 7.23 -18.34
C LEU B 329 -16.22 6.36 -19.32
N ASP B 330 -16.50 5.06 -19.26
CA ASP B 330 -15.99 4.13 -20.27
C ASP B 330 -16.61 4.38 -21.64
N ASN B 331 -17.64 5.20 -21.68
CA ASN B 331 -18.26 5.60 -22.90
C ASN B 331 -18.53 7.11 -22.94
N THR B 332 -17.50 7.87 -22.55
CA THR B 332 -17.52 9.32 -22.50
C THR B 332 -16.30 9.79 -23.29
N LEU B 333 -16.49 10.84 -24.06
CA LEU B 333 -15.40 11.43 -24.82
C LEU B 333 -15.14 12.84 -24.34
N TYR B 334 -13.89 13.27 -24.43
CA TYR B 334 -13.45 14.53 -23.92
C TYR B 334 -13.00 15.35 -25.12
N PHE B 335 -13.74 16.42 -25.39
CA PHE B 335 -13.39 17.40 -26.43
C PHE B 335 -12.85 18.60 -25.67
N PHE B 336 -11.91 19.32 -26.27
CA PHE B 336 -11.48 20.59 -25.72
C PHE B 336 -11.10 21.60 -26.76
N ILE B 337 -11.18 22.86 -26.35
CA ILE B 337 -10.60 23.99 -27.07
C ILE B 337 -9.71 24.70 -26.06
N ALA B 338 -8.64 25.31 -26.54
CA ALA B 338 -7.71 25.98 -25.66
C ALA B 338 -6.94 27.05 -26.40
N GLY B 339 -6.48 28.04 -25.64
CA GLY B 339 -5.73 29.17 -26.18
C GLY B 339 -6.05 30.46 -25.44
N ARG B 340 -5.46 31.55 -25.92
CA ARG B 340 -5.85 32.93 -25.61
C ARG B 340 -7.35 33.10 -25.70
N TYR B 341 -7.89 33.92 -24.80
CA TYR B 341 -9.30 34.26 -24.82
C TYR B 341 -9.48 35.22 -25.98
N GLU B 342 -9.73 34.66 -27.17
CA GLU B 342 -10.19 35.40 -28.33
C GLU B 342 -11.46 34.74 -28.80
N TYR B 343 -12.57 35.15 -28.22
CA TYR B 343 -13.85 34.51 -28.42
C TYR B 343 -14.13 34.24 -29.90
N LYS B 344 -13.94 35.27 -30.72
CA LYS B 344 -14.24 35.23 -32.14
C LYS B 344 -13.12 34.60 -32.96
N ASN B 345 -11.89 35.08 -32.84
CA ASN B 345 -10.77 34.53 -33.62
C ASN B 345 -10.40 33.07 -33.32
N LYS B 346 -10.56 32.60 -32.10
CA LYS B 346 -10.25 31.22 -31.75
C LYS B 346 -11.42 30.27 -32.01
N GLY B 347 -12.58 30.82 -32.33
CA GLY B 347 -13.74 30.05 -32.71
C GLY B 347 -14.59 29.54 -31.57
N ALA B 348 -14.43 30.12 -30.38
CA ALA B 348 -15.14 29.68 -29.19
C ALA B 348 -16.64 29.77 -29.38
N ASP B 349 -17.08 30.80 -30.11
CA ASP B 349 -18.51 30.92 -30.46
C ASP B 349 -19.01 29.81 -31.35
N MET B 350 -18.27 29.46 -32.41
CA MET B 350 -18.64 28.28 -33.24
C MET B 350 -18.64 26.99 -32.45
N PHE B 351 -17.62 26.84 -31.61
CA PHE B 351 -17.46 25.67 -30.80
C PHE B 351 -18.68 25.45 -29.91
N ILE B 352 -19.13 26.48 -29.21
CA ILE B 352 -20.27 26.34 -28.30
C ILE B 352 -21.58 26.15 -29.10
N GLU B 353 -21.75 26.96 -30.13
CA GLU B 353 -22.92 26.82 -30.99
C GLU B 353 -23.00 25.41 -31.59
N ALA B 354 -21.87 24.88 -32.07
CA ALA B 354 -21.82 23.52 -32.60
C ALA B 354 -22.14 22.44 -31.56
N LEU B 355 -21.59 22.60 -30.36
CA LEU B 355 -21.85 21.64 -29.30
C LEU B 355 -23.33 21.55 -28.95
N ALA B 356 -24.04 22.69 -28.99
CA ALA B 356 -25.47 22.72 -28.65
C ALA B 356 -26.28 22.02 -29.74
N ARG B 357 -25.84 22.13 -30.98
CA ARG B 357 -26.43 21.31 -32.07
C ARG B 357 -26.03 19.84 -32.02
N LEU B 358 -24.82 19.56 -31.56
CA LEU B 358 -24.42 18.17 -31.38
C LEU B 358 -25.30 17.54 -30.33
N ASN B 359 -25.54 18.29 -29.24
CA ASN B 359 -26.35 17.79 -28.13
C ASN B 359 -27.72 17.38 -28.66
N TYR B 360 -28.31 18.22 -29.51
CA TYR B 360 -29.57 17.87 -30.17
C TYR B 360 -29.49 16.56 -30.98
N ARG B 361 -28.51 16.44 -31.88
CA ARG B 361 -28.37 15.23 -32.69
C ARG B 361 -28.17 13.96 -31.86
N LEU B 362 -27.41 14.02 -30.75
CA LEU B 362 -27.16 12.82 -29.99
C LEU B 362 -28.41 12.38 -29.24
N LYS B 363 -29.18 13.34 -28.73
CA LYS B 363 -30.43 13.05 -28.00
C LYS B 363 -31.47 12.39 -28.89
N VAL B 364 -31.70 13.00 -30.05
CA VAL B 364 -32.58 12.46 -31.12
C VAL B 364 -32.21 11.03 -31.57
N SER B 365 -30.93 10.74 -31.74
CA SER B 365 -30.51 9.41 -32.17
C SER B 365 -30.52 8.34 -31.08
N GLY B 366 -30.84 8.73 -29.85
CA GLY B 366 -30.83 7.79 -28.73
C GLY B 366 -29.48 7.22 -28.35
N SER B 367 -28.41 7.96 -28.66
CA SER B 367 -27.06 7.51 -28.34
C SER B 367 -26.91 7.51 -26.82
N LYS B 368 -26.19 6.52 -26.33
CA LYS B 368 -25.86 6.40 -24.92
C LYS B 368 -24.47 7.00 -24.63
N LYS B 369 -23.84 7.67 -25.59
CA LYS B 369 -22.54 8.29 -25.36
C LYS B 369 -22.68 9.63 -24.70
N THR B 370 -21.60 10.08 -24.09
CA THR B 370 -21.54 11.42 -23.51
C THR B 370 -20.28 12.14 -23.93
N VAL B 371 -20.43 13.41 -24.32
CA VAL B 371 -19.31 14.28 -24.57
C VAL B 371 -19.21 15.28 -23.44
N VAL B 372 -18.00 15.44 -22.91
CA VAL B 372 -17.70 16.47 -21.94
C VAL B 372 -16.70 17.38 -22.64
N ALA B 373 -17.13 18.61 -22.94
CA ALA B 373 -16.29 19.58 -23.62
C ALA B 373 -15.66 20.59 -22.64
N PHE B 374 -14.36 20.82 -22.78
CA PHE B 374 -13.62 21.69 -21.91
C PHE B 374 -13.22 22.94 -22.68
N ILE B 375 -13.30 24.09 -22.00
CA ILE B 375 -12.80 25.35 -22.55
C ILE B 375 -11.68 25.78 -21.64
N VAL B 376 -10.47 25.84 -22.18
CA VAL B 376 -9.31 26.24 -21.40
C VAL B 376 -8.82 27.53 -22.01
N MET B 377 -9.30 28.65 -21.48
CA MET B 377 -8.97 29.99 -21.98
C MET B 377 -8.94 30.92 -20.78
N PRO B 378 -7.82 31.63 -20.56
CA PRO B 378 -7.68 32.48 -19.36
C PRO B 378 -8.63 33.66 -19.36
N ALA B 379 -9.38 33.82 -18.28
CA ALA B 379 -10.19 35.00 -18.05
C ALA B 379 -9.97 35.48 -16.62
N LYS B 380 -10.12 36.78 -16.37
CA LYS B 380 -9.95 37.33 -15.02
C LYS B 380 -10.86 36.60 -14.07
N ASN B 381 -10.31 36.13 -12.96
CA ASN B 381 -11.09 35.33 -12.00
C ASN B 381 -10.58 35.48 -10.57
N ASN B 382 -11.36 35.03 -9.59
CA ASN B 382 -10.93 34.98 -8.19
C ASN B 382 -10.75 33.55 -7.73
N SER B 383 -10.02 32.79 -8.55
CA SER B 383 -9.69 31.40 -8.32
C SER B 383 -10.90 30.47 -8.25
N PHE B 384 -10.65 29.25 -7.78
CA PHE B 384 -11.61 28.16 -7.79
C PHE B 384 -12.78 28.42 -6.89
N THR B 385 -13.90 27.83 -7.20
CA THR B 385 -15.04 27.99 -6.34
C THR B 385 -14.93 26.99 -5.19
N VAL B 386 -15.54 27.36 -4.09
CA VAL B 386 -15.79 26.41 -3.01
C VAL B 386 -16.40 25.12 -3.55
N GLU B 387 -17.39 25.20 -4.43
CA GLU B 387 -18.05 23.98 -4.99
C GLU B 387 -17.08 23.02 -5.65
N ALA B 388 -16.14 23.56 -6.42
CA ALA B 388 -15.19 22.75 -7.14
C ALA B 388 -14.28 21.94 -6.24
N LEU B 389 -13.75 22.60 -5.21
CA LEU B 389 -12.85 22.01 -4.26
C LEU B 389 -13.54 21.00 -3.32
N LYS B 390 -14.76 21.32 -2.86
CA LYS B 390 -15.51 20.41 -1.98
C LYS B 390 -15.79 19.09 -2.64
N GLY B 391 -16.25 19.14 -3.88
CA GLY B 391 -16.58 17.94 -4.61
C GLY B 391 -15.38 17.04 -4.81
N GLN B 392 -14.23 17.65 -5.12
CA GLN B 392 -12.99 16.92 -5.22
C GLN B 392 -12.69 16.21 -3.89
N ALA B 393 -12.82 16.90 -2.76
CA ALA B 393 -12.49 16.34 -1.44
C ALA B 393 -13.50 15.32 -0.96
N GLU B 394 -14.76 15.55 -1.28
CA GLU B 394 -15.82 14.62 -0.95
C GLU B 394 -15.65 13.27 -1.67
N VAL B 395 -15.21 13.35 -2.93
CA VAL B 395 -14.94 12.15 -3.72
C VAL B 395 -13.75 11.44 -3.16
N ARG B 396 -12.67 12.14 -2.80
CA ARG B 396 -11.49 11.51 -2.15
C ARG B 396 -11.86 10.84 -0.86
N ALA B 397 -12.71 11.48 -0.09
CA ALA B 397 -13.16 10.92 1.17
C ALA B 397 -13.89 9.61 0.96
N LEU B 398 -14.70 9.51 -0.09
CA LEU B 398 -15.30 8.21 -0.48
C LEU B 398 -14.27 7.18 -0.94
N GLU B 399 -13.28 7.57 -1.73
CA GLU B 399 -12.16 6.70 -2.07
C GLU B 399 -11.51 6.08 -0.83
N ASN B 400 -11.09 6.91 0.13
CA ASN B 400 -10.40 6.39 1.30
C ASN B 400 -11.29 5.47 2.14
N THR B 401 -12.58 5.76 2.20
CA THR B 401 -13.47 4.94 2.99
C THR B 401 -13.67 3.57 2.35
N VAL B 402 -13.78 3.55 1.02
CA VAL B 402 -13.84 2.30 0.27
C VAL B 402 -12.56 1.52 0.49
N HIS B 403 -11.41 2.20 0.53
CA HIS B 403 -10.16 1.53 0.79
C HIS B 403 -10.07 0.93 2.19
N GLU B 404 -10.67 1.55 3.20
CA GLU B 404 -10.76 0.90 4.50
C GLU B 404 -11.60 -0.35 4.43
N VAL B 405 -12.74 -0.24 3.77
CA VAL B 405 -13.71 -1.30 3.77
C VAL B 405 -13.17 -2.51 3.03
N THR B 406 -12.46 -2.29 1.92
CA THR B 406 -11.94 -3.41 1.13
C THR B 406 -10.80 -4.12 1.87
N THR B 407 -9.99 -3.36 2.61
CA THR B 407 -9.06 -3.98 3.55
C THR B 407 -9.80 -4.94 4.53
N SER B 408 -10.94 -4.53 5.07
CA SER B 408 -11.70 -5.39 5.97
C SER B 408 -12.18 -6.60 5.20
N ILE B 409 -12.80 -6.36 4.05
CA ILE B 409 -13.31 -7.44 3.20
C ILE B 409 -12.18 -8.44 2.95
N GLY B 410 -10.97 -7.94 2.71
CA GLY B 410 -9.78 -8.76 2.54
C GLY B 410 -9.50 -9.75 3.65
N LYS B 411 -9.40 -9.25 4.89
CA LYS B 411 -9.23 -10.13 6.04
C LYS B 411 -10.31 -11.22 6.03
N ARG B 412 -11.55 -10.85 5.79
CA ARG B 412 -12.64 -11.84 5.84
C ARG B 412 -12.57 -12.90 4.72
N ILE B 413 -12.18 -12.49 3.51
CA ILE B 413 -12.04 -13.43 2.38
C ILE B 413 -10.91 -14.38 2.67
N PHE B 414 -9.75 -13.82 3.00
CA PHE B 414 -8.58 -14.59 3.40
C PHE B 414 -8.90 -15.63 4.48
N ASP B 415 -9.61 -15.25 5.54
CA ASP B 415 -9.88 -16.18 6.64
C ASP B 415 -10.68 -17.37 6.16
N HIS B 416 -11.73 -17.09 5.40
CA HIS B 416 -12.53 -18.11 4.78
C HIS B 416 -11.68 -19.04 3.90
N ALA B 417 -10.82 -18.47 3.04
CA ALA B 417 -9.99 -19.24 2.13
C ALA B 417 -9.02 -20.18 2.84
N ILE B 418 -8.33 -19.66 3.86
CA ILE B 418 -7.33 -20.40 4.62
C ILE B 418 -8.00 -21.48 5.49
N ARG B 419 -9.22 -21.21 5.94
CA ARG B 419 -9.96 -22.07 6.88
C ARG B 419 -10.76 -23.20 6.21
N TYR B 420 -11.12 -23.04 4.95
CA TYR B 420 -11.91 -24.06 4.23
C TYR B 420 -11.14 -25.37 4.16
N PRO B 421 -11.77 -26.53 4.37
CA PRO B 421 -13.23 -26.69 4.56
C PRO B 421 -13.70 -26.89 6.02
N HIS B 422 -12.98 -26.29 6.96
CA HIS B 422 -13.22 -26.57 8.36
C HIS B 422 -14.22 -25.63 9.03
N ASN B 423 -14.64 -26.00 10.24
CA ASN B 423 -15.59 -25.22 11.04
C ASN B 423 -16.88 -24.86 10.28
N GLY B 424 -17.37 -25.78 9.47
CA GLY B 424 -18.64 -25.60 8.76
C GLY B 424 -18.60 -24.85 7.44
N LEU B 425 -17.42 -24.49 6.94
CA LEU B 425 -17.33 -23.82 5.65
C LEU B 425 -17.53 -24.84 4.52
N THR B 426 -18.71 -24.82 3.90
CA THR B 426 -19.12 -25.80 2.89
C THR B 426 -18.71 -25.39 1.47
N THR B 427 -18.61 -24.08 1.24
CA THR B 427 -18.15 -23.51 -0.03
C THR B 427 -16.73 -22.96 0.12
N GLU B 428 -15.94 -23.06 -0.94
CA GLU B 428 -14.54 -22.57 -0.95
C GLU B 428 -14.46 -21.07 -0.67
N LEU B 429 -15.37 -20.31 -1.27
CA LEU B 429 -15.45 -18.86 -1.09
C LEU B 429 -16.72 -18.47 -0.34
N PRO B 430 -16.76 -17.25 0.23
CA PRO B 430 -18.00 -16.68 0.73
C PRO B 430 -19.02 -16.52 -0.39
N THR B 431 -20.29 -16.74 -0.06
CA THR B 431 -21.38 -16.50 -1.02
C THR B 431 -22.30 -15.37 -0.59
N ASP B 432 -22.47 -15.15 0.72
CA ASP B 432 -23.33 -14.09 1.22
C ASP B 432 -22.51 -12.82 1.48
N LEU B 433 -22.90 -11.70 0.88
CA LEU B 433 -22.21 -10.41 1.12
C LEU B 433 -22.09 -10.05 2.61
N GLY B 434 -23.06 -10.47 3.43
CA GLY B 434 -23.04 -10.24 4.89
C GLY B 434 -21.82 -10.78 5.64
N GLU B 435 -21.25 -11.87 5.14
CA GLU B 435 -19.99 -12.39 5.66
C GLU B 435 -18.81 -11.42 5.50
N LEU B 436 -18.83 -10.65 4.40
CA LEU B 436 -17.74 -9.73 4.04
C LEU B 436 -17.97 -8.26 4.44
N LEU B 437 -19.23 -7.81 4.40
CA LEU B 437 -19.56 -6.40 4.55
C LEU B 437 -20.43 -6.20 5.79
N LYS B 438 -19.83 -5.68 6.86
CA LYS B 438 -20.52 -5.51 8.16
C LYS B 438 -21.21 -4.17 8.28
N SER B 439 -22.03 -4.00 9.32
CA SER B 439 -22.87 -2.81 9.39
C SER B 439 -22.10 -1.54 9.68
N SER B 440 -20.97 -1.66 10.39
CA SER B 440 -20.14 -0.46 10.59
C SER B 440 -19.56 0.01 9.25
N ASP B 441 -19.26 -0.95 8.37
CA ASP B 441 -18.76 -0.65 7.03
C ASP B 441 -19.82 0.05 6.17
N LYS B 442 -21.04 -0.47 6.22
CA LYS B 442 -22.20 0.15 5.58
C LYS B 442 -22.48 1.58 6.06
N VAL B 443 -22.42 1.83 7.36
CA VAL B 443 -22.70 3.16 7.90
C VAL B 443 -21.69 4.18 7.37
N MET B 444 -20.41 3.81 7.32
CA MET B 444 -19.34 4.67 6.79
C MET B 444 -19.64 5.03 5.33
N LEU B 445 -19.85 4.01 4.50
CA LEU B 445 -20.07 4.23 3.09
C LEU B 445 -21.30 5.09 2.81
N LYS B 446 -22.37 4.91 3.60
CA LYS B 446 -23.57 5.69 3.41
C LYS B 446 -23.38 7.16 3.73
N ARG B 447 -22.61 7.44 4.79
CA ARG B 447 -22.22 8.80 5.13
C ARG B 447 -21.40 9.47 4.03
N ARG B 448 -20.40 8.80 3.49
CA ARG B 448 -19.69 9.37 2.36
C ARG B 448 -20.64 9.67 1.19
N ILE B 449 -21.62 8.79 0.95
CA ILE B 449 -22.58 8.99 -0.15
C ILE B 449 -23.49 10.17 0.11
N LEU B 450 -23.90 10.33 1.37
CA LEU B 450 -24.70 11.51 1.75
C LEU B 450 -23.94 12.83 1.56
N ALA B 451 -22.63 12.84 1.78
CA ALA B 451 -21.81 14.03 1.55
C ALA B 451 -21.78 14.43 0.10
N LEU B 452 -22.01 13.48 -0.80
CA LEU B 452 -21.99 13.73 -2.25
C LEU B 452 -23.33 14.18 -2.84
N ARG B 453 -24.39 14.20 -2.03
CA ARG B 453 -25.72 14.58 -2.49
C ARG B 453 -25.73 16.06 -2.78
N ARG B 454 -26.32 16.45 -3.92
CA ARG B 454 -26.53 17.86 -4.21
C ARG B 454 -27.92 18.27 -3.77
N PRO B 455 -28.09 19.54 -3.36
CA PRO B 455 -29.41 20.09 -3.13
C PRO B 455 -30.39 19.77 -4.27
N GLU B 456 -31.68 19.79 -3.96
CA GLU B 456 -32.70 19.48 -4.96
C GLU B 456 -32.62 20.47 -6.15
N GLY B 457 -32.59 19.91 -7.37
CA GLY B 457 -32.53 20.68 -8.61
C GLY B 457 -31.28 21.49 -8.94
N GLN B 458 -30.14 21.18 -8.32
CA GLN B 458 -28.88 21.82 -8.64
C GLN B 458 -28.09 20.98 -9.67
N LEU B 459 -27.60 21.65 -10.69
CA LEU B 459 -26.92 21.02 -11.76
C LEU B 459 -25.43 21.29 -11.65
N PRO B 460 -24.59 20.35 -12.12
CA PRO B 460 -23.16 20.61 -12.19
C PRO B 460 -22.87 21.96 -12.87
N PRO B 461 -22.00 22.79 -12.28
CA PRO B 461 -21.73 24.08 -12.93
C PRO B 461 -21.13 23.98 -14.33
N ILE B 462 -21.19 25.09 -15.04
CA ILE B 462 -20.53 25.23 -16.33
C ILE B 462 -19.16 25.90 -16.20
N VAL B 463 -18.69 26.11 -14.98
CA VAL B 463 -17.42 26.82 -14.78
C VAL B 463 -16.82 26.41 -13.45
N THR B 464 -15.51 26.37 -13.36
CA THR B 464 -14.84 25.92 -12.14
C THR B 464 -14.40 27.05 -11.20
N HIS B 465 -14.52 28.31 -11.64
CA HIS B 465 -13.93 29.44 -10.95
C HIS B 465 -14.98 30.48 -10.65
N ASN B 466 -14.62 31.36 -9.72
CA ASN B 466 -15.35 32.58 -9.52
C ASN B 466 -14.79 33.60 -10.48
N MET B 467 -15.67 34.22 -11.27
CA MET B 467 -15.26 35.12 -12.33
C MET B 467 -15.34 36.58 -11.88
N VAL B 468 -14.44 37.41 -12.40
CA VAL B 468 -14.46 38.85 -12.13
C VAL B 468 -15.69 39.52 -12.75
N ASP B 469 -16.00 39.28 -14.02
CA ASP B 469 -17.18 39.91 -14.60
C ASP B 469 -18.05 38.85 -15.27
N ASP B 470 -18.67 38.00 -14.45
CA ASP B 470 -19.46 36.86 -14.90
C ASP B 470 -20.51 37.29 -15.93
N ALA B 471 -21.28 38.35 -15.63
CA ALA B 471 -22.42 38.74 -16.49
C ALA B 471 -22.04 39.19 -17.91
N ASN B 472 -20.85 39.74 -18.08
CA ASN B 472 -20.42 40.15 -19.40
C ASN B 472 -19.41 39.23 -20.04
N ASP B 473 -19.21 38.02 -19.49
CA ASP B 473 -18.22 37.15 -20.08
C ASP B 473 -18.78 36.55 -21.38
N LEU B 474 -18.04 36.71 -22.47
CA LEU B 474 -18.49 36.22 -23.74
C LEU B 474 -18.81 34.71 -23.73
N ILE B 475 -17.92 33.92 -23.17
CA ILE B 475 -18.08 32.48 -23.19
C ILE B 475 -19.29 32.03 -22.36
N LEU B 476 -19.40 32.48 -21.11
CA LEU B 476 -20.52 32.08 -20.27
C LEU B 476 -21.83 32.63 -20.81
N ASN B 477 -21.81 33.81 -21.42
CA ASN B 477 -23.07 34.30 -22.01
C ASN B 477 -23.54 33.41 -23.15
N LYS B 478 -22.58 32.94 -23.95
CA LYS B 478 -22.87 32.04 -25.05
C LYS B 478 -23.34 30.67 -24.57
N ILE B 479 -22.72 30.12 -23.52
CA ILE B 479 -23.18 28.84 -22.96
C ILE B 479 -24.59 28.97 -22.43
N ARG B 480 -24.89 30.07 -21.73
CA ARG B 480 -26.24 30.28 -21.19
C ARG B 480 -27.28 30.59 -22.28
N GLN B 481 -26.85 31.30 -23.32
CA GLN B 481 -27.69 31.54 -24.48
C GLN B 481 -28.15 30.22 -25.13
N VAL B 482 -27.26 29.24 -25.31
CA VAL B 482 -27.65 27.95 -25.93
C VAL B 482 -28.17 26.91 -24.94
N GLN B 483 -28.13 27.26 -23.66
CA GLN B 483 -28.73 26.47 -22.58
C GLN B 483 -28.10 25.10 -22.38
N LEU B 484 -26.78 25.03 -22.53
CA LEU B 484 -26.02 23.85 -22.11
C LEU B 484 -25.69 24.00 -20.62
N PHE B 485 -26.58 23.51 -19.75
CA PHE B 485 -26.41 23.63 -18.30
C PHE B 485 -26.13 22.29 -17.61
N ASN B 486 -25.51 21.35 -18.32
CA ASN B 486 -25.11 20.04 -17.75
C ASN B 486 -26.27 19.36 -17.08
N SER B 487 -27.42 19.44 -17.72
CA SER B 487 -28.60 18.76 -17.26
C SER B 487 -28.43 17.25 -17.53
N PRO B 488 -29.01 16.37 -16.69
CA PRO B 488 -28.81 14.93 -16.94
C PRO B 488 -29.19 14.45 -18.35
N SER B 489 -30.20 15.05 -18.97
CA SER B 489 -30.62 14.63 -20.32
C SER B 489 -29.80 15.17 -21.48
N ASP B 490 -29.00 16.20 -21.25
CA ASP B 490 -27.98 16.63 -22.22
C ASP B 490 -26.90 15.54 -22.33
N ARG B 491 -26.55 15.21 -23.57
CA ARG B 491 -25.48 14.27 -23.84
C ARG B 491 -24.19 15.01 -24.11
N VAL B 492 -24.24 16.35 -24.10
CA VAL B 492 -23.03 17.16 -24.15
C VAL B 492 -22.95 17.99 -22.87
N LYS B 493 -21.79 17.98 -22.21
CA LYS B 493 -21.57 18.75 -20.99
C LYS B 493 -20.53 19.82 -21.24
N MET B 494 -20.69 20.96 -20.57
CA MET B 494 -19.77 22.08 -20.72
C MET B 494 -19.05 22.30 -19.40
N ILE B 495 -17.73 22.44 -19.50
CA ILE B 495 -16.92 22.88 -18.41
C ILE B 495 -15.95 23.98 -18.88
N PHE B 496 -16.18 25.21 -18.47
CA PHE B 496 -15.26 26.31 -18.74
C PHE B 496 -14.27 26.41 -17.59
N HIS B 497 -12.99 26.34 -17.88
CA HIS B 497 -11.93 26.41 -16.86
C HIS B 497 -11.07 27.61 -17.21
N PRO B 498 -11.39 28.79 -16.67
CA PRO B 498 -10.80 30.06 -17.14
C PRO B 498 -9.33 30.33 -16.76
N GLU B 499 -8.46 29.35 -16.90
CA GLU B 499 -7.08 29.39 -16.42
C GLU B 499 -6.31 28.28 -17.14
N PHE B 500 -5.07 28.57 -17.51
CA PHE B 500 -4.22 27.58 -18.11
C PHE B 500 -3.98 26.49 -17.10
N LEU B 501 -3.89 25.28 -17.60
CA LEU B 501 -3.71 24.10 -16.79
C LEU B 501 -2.30 24.03 -16.31
N ASN B 502 -2.15 23.33 -15.21
CA ASN B 502 -0.88 23.27 -14.49
C ASN B 502 -1.02 22.18 -13.43
N ALA B 503 -0.04 21.31 -13.30
CA ALA B 503 -0.11 20.23 -12.32
C ALA B 503 -0.25 20.64 -10.83
N ASN B 504 0.04 21.89 -10.47
CA ASN B 504 -0.28 22.42 -9.14
C ASN B 504 -1.75 22.76 -8.91
N ASN B 505 -2.54 22.84 -9.96
CA ASN B 505 -4.00 23.03 -9.88
C ASN B 505 -4.56 22.05 -8.87
N PRO B 506 -5.36 22.50 -7.90
CA PRO B 506 -5.92 21.59 -6.93
C PRO B 506 -7.07 20.71 -7.33
N ILE B 507 -7.74 20.94 -8.49
CA ILE B 507 -8.87 20.05 -8.94
C ILE B 507 -8.61 19.13 -10.16
N LEU B 508 -7.70 19.56 -11.03
CA LEU B 508 -7.36 18.83 -12.24
C LEU B 508 -5.87 19.00 -12.40
N GLY B 509 -5.14 18.25 -11.59
CA GLY B 509 -3.72 18.45 -11.48
C GLY B 509 -3.02 17.81 -12.64
N LEU B 510 -3.11 18.44 -13.80
CA LEU B 510 -2.44 18.02 -15.02
C LEU B 510 -1.81 19.26 -15.60
N ASP B 511 -0.60 19.15 -16.14
CA ASP B 511 -0.11 20.15 -17.06
C ASP B 511 -0.87 20.01 -18.38
N TYR B 512 -0.74 21.01 -19.23
CA TYR B 512 -1.50 21.08 -20.48
C TYR B 512 -1.21 19.90 -21.40
N ASP B 513 0.06 19.65 -21.69
CA ASP B 513 0.43 18.50 -22.52
C ASP B 513 -0.18 17.18 -21.99
N GLU B 514 -0.20 17.00 -20.67
CA GLU B 514 -0.81 15.79 -20.10
C GLU B 514 -2.30 15.73 -20.35
N PHE B 515 -2.98 16.85 -20.09
CA PHE B 515 -4.41 17.01 -20.34
C PHE B 515 -4.78 16.66 -21.78
N VAL B 516 -4.04 17.24 -22.73
CA VAL B 516 -4.27 16.98 -24.17
C VAL B 516 -4.17 15.49 -24.48
N ARG B 517 -3.10 14.83 -24.03
CA ARG B 517 -2.94 13.38 -24.20
C ARG B 517 -4.13 12.60 -23.68
N GLY B 518 -4.67 13.02 -22.55
CA GLY B 518 -5.84 12.35 -22.01
C GLY B 518 -7.13 12.55 -22.78
N CYS B 519 -7.21 13.58 -23.60
CA CYS B 519 -8.46 13.90 -24.29
C CYS B 519 -8.64 13.07 -25.56
N HIS B 520 -9.83 13.16 -26.12
CA HIS B 520 -10.15 12.42 -27.32
C HIS B 520 -10.06 13.21 -28.62
N LEU B 521 -10.32 14.51 -28.59
CA LEU B 521 -10.43 15.33 -29.79
C LEU B 521 -10.23 16.80 -29.44
N GLY B 522 -9.30 17.48 -30.07
CA GLY B 522 -9.21 18.94 -29.94
C GLY B 522 -10.11 19.61 -30.98
N VAL B 523 -10.69 20.76 -30.66
CA VAL B 523 -11.58 21.43 -31.59
C VAL B 523 -11.20 22.89 -31.64
N PHE B 524 -10.66 23.33 -32.77
CA PHE B 524 -9.99 24.61 -32.84
C PHE B 524 -10.45 25.38 -34.06
N PRO B 525 -11.75 25.77 -34.09
CA PRO B 525 -12.33 26.37 -35.27
C PRO B 525 -11.94 27.84 -35.42
N SER B 526 -10.65 28.06 -35.66
CA SER B 526 -10.08 29.41 -35.69
C SER B 526 -10.54 30.19 -36.90
N TYR B 527 -10.65 31.50 -36.75
CA TYR B 527 -10.98 32.42 -37.84
C TYR B 527 -9.76 33.21 -38.31
N TYR B 528 -8.95 33.72 -37.36
CA TYR B 528 -7.67 34.33 -37.64
C TYR B 528 -6.59 33.62 -36.80
N GLU B 529 -5.63 33.01 -37.48
CA GLU B 529 -4.65 32.15 -36.86
C GLU B 529 -3.58 31.84 -37.92
N PRO B 530 -2.58 32.71 -38.04
CA PRO B 530 -1.52 32.52 -39.02
C PRO B 530 -0.77 31.19 -38.96
N TRP B 531 -0.55 30.62 -37.76
CA TRP B 531 -0.06 29.25 -37.66
C TRP B 531 -0.98 28.28 -36.91
N GLY B 532 -1.22 28.43 -35.63
CA GLY B 532 -2.02 27.35 -35.01
C GLY B 532 -1.10 26.24 -34.49
N TYR B 533 -0.43 26.64 -33.42
CA TYR B 533 0.43 25.83 -32.67
C TYR B 533 -0.41 24.81 -31.92
N THR B 534 -1.62 25.23 -31.56
CA THR B 534 -2.53 24.43 -30.77
C THR B 534 -2.86 23.11 -31.49
N PRO B 535 -3.54 23.13 -32.65
CA PRO B 535 -3.75 21.80 -33.28
C PRO B 535 -2.46 21.02 -33.66
N ALA B 536 -1.38 21.73 -33.94
CA ALA B 536 -0.10 21.08 -34.25
C ALA B 536 0.46 20.26 -33.08
N GLU B 537 0.41 20.81 -31.87
CA GLU B 537 0.84 20.10 -30.66
C GLU B 537 -0.06 18.92 -30.45
N CYS B 538 -1.33 19.19 -30.55
CA CYS B 538 -2.36 18.20 -30.45
C CYS B 538 -2.07 17.01 -31.39
N THR B 539 -1.67 17.29 -32.61
CA THR B 539 -1.34 16.26 -33.59
C THR B 539 -0.10 15.48 -33.13
N VAL B 540 0.90 16.19 -32.66
CA VAL B 540 2.12 15.56 -32.11
C VAL B 540 1.88 14.62 -30.93
N MET B 541 0.84 14.87 -30.14
CA MET B 541 0.43 13.96 -29.07
C MET B 541 -0.51 12.86 -29.53
N GLY B 542 -0.68 12.65 -30.84
CA GLY B 542 -1.55 11.60 -31.33
C GLY B 542 -3.02 11.77 -31.03
N VAL B 543 -3.44 13.02 -30.85
CA VAL B 543 -4.82 13.34 -30.59
C VAL B 543 -5.43 13.95 -31.85
N PRO B 544 -6.53 13.40 -32.35
CA PRO B 544 -7.12 14.01 -33.55
C PRO B 544 -7.70 15.37 -33.26
N SER B 545 -7.97 16.17 -34.28
CA SER B 545 -8.36 17.56 -34.05
C SER B 545 -9.08 18.21 -35.20
N ILE B 546 -10.00 19.12 -34.88
CA ILE B 546 -10.71 19.88 -35.91
C ILE B 546 -10.05 21.25 -36.05
N THR B 547 -9.69 21.62 -37.28
CA THR B 547 -9.14 22.95 -37.55
C THR B 547 -9.92 23.59 -38.71
N THR B 548 -9.46 24.74 -39.19
CA THR B 548 -10.13 25.42 -40.30
C THR B 548 -9.15 25.69 -41.43
N ASN B 549 -9.68 25.91 -42.62
CA ASN B 549 -8.85 26.27 -43.77
C ASN B 549 -8.40 27.74 -43.73
N VAL B 550 -8.82 28.51 -42.74
CA VAL B 550 -8.26 29.86 -42.55
C VAL B 550 -7.22 29.93 -41.43
N SER B 551 -6.96 28.77 -40.84
CA SER B 551 -5.84 28.58 -39.97
C SER B 551 -4.65 28.10 -40.77
N GLY B 552 -3.46 28.62 -40.50
CA GLY B 552 -2.25 28.15 -41.17
C GLY B 552 -1.90 26.68 -41.01
N PHE B 553 -2.21 26.10 -39.86
CA PHE B 553 -2.07 24.66 -39.69
C PHE B 553 -3.04 23.92 -40.62
N GLY B 554 -4.29 24.39 -40.69
CA GLY B 554 -5.25 23.81 -41.59
C GLY B 554 -4.92 24.02 -43.07
N SER B 555 -4.45 25.19 -43.42
CA SER B 555 -4.08 25.44 -44.76
C SER B 555 -2.95 24.50 -45.16
N TYR B 556 -1.94 24.38 -44.32
CA TYR B 556 -0.83 23.48 -44.60
C TYR B 556 -1.23 22.01 -44.77
N MET B 557 -2.11 21.49 -43.91
CA MET B 557 -2.55 20.07 -44.00
C MET B 557 -3.48 19.79 -45.19
N GLU B 558 -4.37 20.73 -45.47
CA GLU B 558 -5.25 20.72 -46.66
C GLU B 558 -4.48 20.50 -47.96
N ASP B 559 -3.37 21.23 -48.13
CA ASP B 559 -2.48 21.13 -49.31
C ASP B 559 -1.64 19.87 -49.33
N LEU B 560 -1.45 19.25 -48.17
CA LEU B 560 -0.58 18.09 -48.02
C LEU B 560 -1.34 16.75 -48.03
N ILE B 561 -2.68 16.76 -47.87
CA ILE B 561 -3.51 15.54 -47.85
C ILE B 561 -4.90 15.84 -48.40
N GLU B 562 -5.45 14.93 -49.21
CA GLU B 562 -6.83 15.07 -49.72
C GLU B 562 -7.84 14.97 -48.56
N THR B 563 -8.73 15.97 -48.43
CA THR B 563 -9.48 16.25 -47.18
C THR B 563 -10.34 15.08 -46.66
N ASN B 564 -10.89 14.26 -47.53
CA ASN B 564 -11.66 13.09 -47.08
C ASN B 564 -10.72 12.01 -46.48
N GLN B 565 -9.55 11.83 -47.09
CA GLN B 565 -8.48 11.00 -46.49
C GLN B 565 -7.87 11.57 -45.16
N ALA B 566 -7.79 12.90 -45.04
CA ALA B 566 -7.25 13.54 -43.85
C ALA B 566 -8.06 13.25 -42.57
N LYS B 567 -9.35 13.03 -42.71
CA LYS B 567 -10.18 12.61 -41.58
C LYS B 567 -9.69 11.29 -40.97
N ASP B 568 -9.15 10.42 -41.81
CA ASP B 568 -8.59 9.16 -41.34
C ASP B 568 -7.36 9.35 -40.46
N TYR B 569 -6.56 10.38 -40.72
CA TYR B 569 -5.38 10.67 -39.90
C TYR B 569 -5.67 11.67 -38.75
N GLY B 570 -6.95 11.80 -38.39
CA GLY B 570 -7.36 12.68 -37.32
C GLY B 570 -7.35 14.17 -37.56
N ILE B 571 -7.31 14.61 -38.80
CA ILE B 571 -7.29 16.02 -39.15
C ILE B 571 -8.60 16.36 -39.85
N TYR B 572 -9.54 16.96 -39.13
CA TYR B 572 -10.79 17.45 -39.72
C TYR B 572 -10.64 18.94 -39.99
N ILE B 573 -10.94 19.39 -41.21
CA ILE B 573 -10.72 20.77 -41.64
C ILE B 573 -12.04 21.42 -42.00
N VAL B 574 -12.46 22.41 -41.23
CA VAL B 574 -13.70 23.10 -41.49
C VAL B 574 -13.44 24.21 -42.49
N ASP B 575 -14.37 24.40 -43.41
CA ASP B 575 -14.27 25.42 -44.44
C ASP B 575 -14.94 26.69 -43.90
N ARG B 576 -14.15 27.72 -43.61
CA ARG B 576 -14.68 29.03 -43.16
C ARG B 576 -14.39 30.14 -44.17
N ARG B 577 -13.93 29.76 -45.35
CA ARG B 577 -13.46 30.71 -46.33
C ARG B 577 -14.43 30.84 -47.49
N PHE B 578 -15.04 29.73 -47.90
CA PHE B 578 -15.94 29.66 -49.03
C PHE B 578 -17.32 29.15 -48.60
N LYS B 579 -17.65 29.31 -47.32
CA LYS B 579 -18.95 28.91 -46.80
C LYS B 579 -19.50 29.98 -45.87
N ALA B 580 -20.83 30.12 -45.86
CA ALA B 580 -21.49 30.99 -44.88
C ALA B 580 -21.28 30.46 -43.48
N PRO B 581 -21.23 31.34 -42.48
CA PRO B 581 -21.00 30.84 -41.13
C PRO B 581 -21.92 29.69 -40.72
N ASP B 582 -23.20 29.71 -41.07
CA ASP B 582 -24.10 28.64 -40.66
C ASP B 582 -23.79 27.34 -41.36
N GLU B 583 -23.21 27.38 -42.56
CA GLU B 583 -22.74 26.15 -43.18
C GLU B 583 -21.47 25.63 -42.46
N SER B 584 -20.57 26.52 -42.04
CA SER B 584 -19.37 26.10 -41.30
C SER B 584 -19.72 25.43 -39.97
N VAL B 585 -20.71 25.96 -39.28
CA VAL B 585 -21.15 25.41 -38.02
C VAL B 585 -21.71 24.02 -38.25
N GLU B 586 -22.53 23.86 -39.27
CA GLU B 586 -23.12 22.55 -39.59
C GLU B 586 -22.11 21.49 -39.98
N GLN B 587 -21.04 21.92 -40.65
CA GLN B 587 -19.94 21.04 -41.00
C GLN B 587 -19.16 20.62 -39.74
N LEU B 588 -18.88 21.60 -38.86
CA LEU B 588 -18.26 21.33 -37.57
C LEU B 588 -19.07 20.29 -36.76
N VAL B 589 -20.39 20.39 -36.82
CA VAL B 589 -21.24 19.41 -36.13
C VAL B 589 -21.12 18.07 -36.80
N ASP B 590 -21.07 18.04 -38.14
CA ASP B 590 -20.95 16.78 -38.90
C ASP B 590 -19.69 16.03 -38.49
N TYR B 591 -18.57 16.73 -38.42
CA TYR B 591 -17.32 16.15 -37.93
C TYR B 591 -17.37 15.65 -36.47
N MET B 592 -17.80 16.49 -35.54
CA MET B 592 -17.98 16.03 -34.17
C MET B 592 -18.86 14.80 -34.04
N GLU B 593 -19.94 14.77 -34.81
CA GLU B 593 -20.88 13.68 -34.72
C GLU B 593 -20.30 12.42 -35.37
N GLU B 594 -19.49 12.61 -36.39
CA GLU B 594 -18.84 11.52 -37.10
C GLU B 594 -17.82 10.85 -36.20
N PHE B 595 -17.17 11.63 -35.36
CA PHE B 595 -16.23 11.13 -34.36
C PHE B 595 -16.87 10.42 -33.16
N VAL B 596 -18.02 10.91 -32.70
CA VAL B 596 -18.68 10.31 -31.54
C VAL B 596 -19.13 8.93 -31.89
N LYS B 597 -19.51 8.75 -33.15
CA LYS B 597 -20.03 7.49 -33.60
C LYS B 597 -18.99 6.38 -33.51
N LYS B 598 -17.73 6.74 -33.72
CA LYS B 598 -16.65 5.75 -33.77
C LYS B 598 -16.65 4.86 -32.56
N THR B 599 -16.21 3.62 -32.78
CA THR B 599 -16.00 2.66 -31.69
C THR B 599 -14.65 2.93 -31.07
N ARG B 600 -14.35 2.27 -29.96
CA ARG B 600 -13.01 2.37 -29.34
C ARG B 600 -11.89 1.86 -30.26
N ARG B 601 -12.07 0.72 -30.92
CA ARG B 601 -11.02 0.23 -31.82
C ARG B 601 -10.73 1.23 -32.93
N GLN B 602 -11.78 1.85 -33.47
CA GLN B 602 -11.63 2.90 -34.46
C GLN B 602 -10.89 4.12 -33.88
N ARG B 603 -11.29 4.56 -32.69
CA ARG B 603 -10.56 5.64 -32.04
C ARG B 603 -9.10 5.34 -31.87
N ILE B 604 -8.79 4.14 -31.40
CA ILE B 604 -7.40 3.74 -31.15
C ILE B 604 -6.56 3.77 -32.44
N ASN B 605 -7.08 3.22 -33.52
CA ASN B 605 -6.34 3.17 -34.78
C ASN B 605 -6.25 4.53 -35.43
N GLN B 606 -7.25 5.39 -35.19
CA GLN B 606 -7.16 6.77 -35.69
C GLN B 606 -6.03 7.51 -34.99
N ARG B 607 -5.89 7.32 -33.68
CA ARG B 607 -4.79 7.96 -32.92
C ARG B 607 -3.42 7.49 -33.39
N ASN B 608 -3.35 6.19 -33.71
CA ASN B 608 -2.13 5.61 -34.27
C ASN B 608 -1.80 6.31 -35.57
N ARG B 609 -2.79 6.49 -36.43
CA ARG B 609 -2.53 7.17 -37.69
C ARG B 609 -2.13 8.62 -37.42
N THR B 610 -2.82 9.32 -36.52
CA THR B 610 -2.44 10.69 -36.17
C THR B 610 -1.02 10.82 -35.66
N GLU B 611 -0.60 9.89 -34.81
CA GLU B 611 0.77 9.86 -34.31
C GLU B 611 1.81 9.70 -35.44
N ARG B 612 1.56 8.85 -36.44
CA ARG B 612 2.45 8.76 -37.63
C ARG B 612 2.58 10.08 -38.34
N LEU B 613 1.45 10.73 -38.52
CA LEU B 613 1.39 12.05 -39.14
C LEU B 613 2.28 13.08 -38.48
N SER B 614 2.50 12.97 -37.19
CA SER B 614 3.39 13.87 -36.46
C SER B 614 4.87 13.85 -36.89
N ASP B 615 5.28 12.86 -37.68
CA ASP B 615 6.59 12.92 -38.34
C ASP B 615 6.68 14.12 -39.27
N LEU B 616 5.59 14.43 -39.95
CA LEU B 616 5.58 15.52 -40.94
C LEU B 616 5.74 16.92 -40.34
N LEU B 617 5.40 17.07 -39.06
CA LEU B 617 5.53 18.36 -38.38
C LEU B 617 6.87 18.53 -37.67
N ASP B 618 7.72 17.51 -37.70
CA ASP B 618 9.05 17.58 -37.10
C ASP B 618 9.98 18.45 -37.96
N TRP B 619 10.90 19.17 -37.31
CA TRP B 619 11.84 20.04 -38.01
C TRP B 619 12.75 19.36 -39.03
N LYS B 620 12.99 18.07 -38.91
CA LYS B 620 13.71 17.33 -39.95
C LYS B 620 13.07 17.52 -41.33
N ARG B 621 11.74 17.54 -41.38
CA ARG B 621 11.01 17.72 -42.64
C ARG B 621 10.62 19.16 -42.93
N MET B 622 10.15 19.88 -41.91
CA MET B 622 9.75 21.27 -42.05
C MET B 622 10.92 22.17 -42.38
N GLY B 623 12.09 21.85 -41.83
CA GLY B 623 13.29 22.65 -41.98
C GLY B 623 13.93 22.66 -43.36
N LEU B 624 13.47 21.78 -44.24
CA LEU B 624 13.83 21.81 -45.65
C LEU B 624 13.31 23.07 -46.32
N GLU B 625 12.15 23.57 -45.90
CA GLU B 625 11.62 24.78 -46.51
C GLU B 625 12.50 25.99 -46.18
N TYR B 626 13.11 26.02 -45.01
CA TYR B 626 14.12 27.05 -44.70
C TYR B 626 15.33 26.95 -45.64
N VAL B 627 15.72 25.73 -46.03
CA VAL B 627 16.81 25.51 -46.97
C VAL B 627 16.42 26.09 -48.33
N LYS B 628 15.32 25.62 -48.90
CA LYS B 628 14.75 26.17 -50.14
C LYS B 628 14.70 27.70 -50.18
N ALA B 629 14.37 28.31 -49.04
CA ALA B 629 14.33 29.77 -48.89
C ALA B 629 15.72 30.38 -48.97
N ARG B 630 16.67 29.78 -48.26
CA ARG B 630 18.06 30.25 -48.32
C ARG B 630 18.71 29.97 -49.68
N GLN B 631 18.39 28.83 -50.30
CA GLN B 631 18.79 28.53 -51.68
C GLN B 631 18.29 29.59 -52.68
N LEU B 632 17.04 30.03 -52.52
CA LEU B 632 16.46 31.06 -53.39
C LEU B 632 17.13 32.41 -53.17
N ALA B 633 17.53 32.69 -51.94
CA ALA B 633 18.23 33.94 -51.66
C ALA B 633 19.56 33.99 -52.43
N LEU B 634 20.31 32.89 -52.38
CA LEU B 634 21.62 32.79 -53.05
C LEU B 634 21.47 32.74 -54.57
N ARG B 635 20.51 31.96 -55.07
CA ARG B 635 20.16 31.93 -56.51
C ARG B 635 19.83 33.32 -57.07
N ARG B 636 19.20 34.18 -56.26
CA ARG B 636 18.81 35.54 -56.70
C ARG B 636 19.92 36.57 -56.61
N GLY B 637 20.68 36.53 -55.52
CA GLY B 637 21.76 37.51 -55.29
C GLY B 637 23.01 37.31 -56.13
N TYR B 638 23.25 36.07 -56.57
CA TYR B 638 24.41 35.72 -57.40
C TYR B 638 23.98 34.71 -58.49
N PRO B 639 23.21 35.17 -59.51
CA PRO B 639 22.70 34.26 -60.57
C PRO B 639 23.80 33.66 -61.45
N ASP B 640 24.78 34.49 -61.79
CA ASP B 640 25.96 34.12 -62.57
C ASP B 640 26.68 32.90 -61.95
N GLN B 641 26.93 32.94 -60.65
CA GLN B 641 27.63 31.85 -59.94
C GLN B 641 26.76 30.62 -59.67
N PHE B 642 25.44 30.82 -59.52
CA PHE B 642 24.53 29.72 -59.18
C PHE B 642 24.28 28.82 -60.37
N ARG B 643 24.11 29.41 -61.56
CA ARG B 643 24.07 28.66 -62.83
C ARG B 643 25.32 27.78 -62.99
N GLU B 644 26.49 28.38 -62.75
CA GLU B 644 27.78 27.68 -62.84
C GLU B 644 27.89 26.54 -61.83
N LEU B 645 27.62 26.83 -60.56
CA LEU B 645 27.72 25.82 -59.48
C LEU B 645 26.60 24.74 -59.49
N VAL B 646 25.68 24.79 -60.46
CA VAL B 646 24.62 23.78 -60.59
C VAL B 646 24.73 22.99 -61.91
N GLY B 647 24.85 23.69 -63.03
CA GLY B 647 24.90 23.06 -64.36
C GLY B 647 23.96 23.67 -65.39
N GLU B 648 22.95 24.40 -64.92
CA GLU B 648 22.05 25.18 -65.78
C GLU B 648 21.38 26.25 -64.94
N GLU B 649 20.87 27.31 -65.58
CA GLU B 649 20.11 28.32 -64.84
C GLU B 649 18.71 27.78 -64.51
N LEU B 650 18.48 27.54 -63.22
CA LEU B 650 17.18 27.07 -62.74
C LEU B 650 16.26 28.26 -62.46
N ASN B 651 14.97 27.97 -62.38
CA ASN B 651 13.91 28.99 -62.28
C ASN B 651 13.91 29.66 -60.88
N ASP B 652 13.78 30.98 -60.85
CA ASP B 652 13.90 31.76 -59.59
C ASP B 652 12.66 32.59 -59.19
N SER B 653 11.50 32.29 -59.77
CA SER B 653 10.27 33.03 -59.45
C SER B 653 9.58 32.54 -58.15
N ASN B 654 9.96 31.36 -57.66
CA ASN B 654 9.43 30.77 -56.40
C ASN B 654 10.52 30.03 -55.63
N MET B 655 10.20 29.61 -54.42
CA MET B 655 11.01 28.63 -53.68
C MET B 655 10.84 27.22 -54.28
N ASP B 656 9.60 26.90 -54.68
CA ASP B 656 9.27 25.58 -55.19
C ASP B 656 9.80 25.35 -56.60
N ALA B 657 9.49 26.28 -57.50
CA ALA B 657 10.05 26.32 -58.86
C ALA B 657 11.58 26.14 -58.90
N LEU B 658 12.31 26.67 -57.90
CA LEU B 658 13.75 26.47 -57.83
C LEU B 658 14.10 24.99 -57.56
N ALA B 659 13.62 24.44 -56.45
CA ALA B 659 13.90 23.05 -56.07
C ALA B 659 12.77 22.11 -56.50
N SER C 22 -31.80 -43.94 -45.17
CA SER C 22 -32.13 -42.48 -45.17
C SER C 22 -31.56 -41.74 -43.95
N ARG C 23 -30.27 -41.38 -44.02
CA ARG C 23 -29.63 -40.58 -42.98
C ARG C 23 -29.30 -39.19 -43.53
N ASP C 24 -29.51 -38.15 -42.72
CA ASP C 24 -29.25 -36.77 -43.15
C ASP C 24 -27.76 -36.46 -43.10
N LEU C 25 -27.20 -35.95 -44.19
CA LEU C 25 -25.77 -35.64 -44.26
C LEU C 25 -25.41 -34.22 -43.81
N GLN C 26 -26.34 -33.29 -43.98
CA GLN C 26 -26.12 -31.91 -43.56
C GLN C 26 -26.26 -31.75 -42.04
N ASN C 27 -27.26 -32.39 -41.46
CA ASN C 27 -27.48 -32.41 -40.01
C ASN C 27 -26.97 -33.74 -39.45
N HIS C 28 -25.68 -33.76 -39.09
CA HIS C 28 -25.01 -34.98 -38.64
C HIS C 28 -24.37 -34.83 -37.27
N LEU C 29 -24.13 -35.96 -36.61
CA LEU C 29 -23.43 -35.96 -35.31
C LEU C 29 -21.93 -35.97 -35.53
N LEU C 30 -21.20 -35.42 -34.56
CA LEU C 30 -19.74 -35.57 -34.53
C LEU C 30 -19.31 -36.14 -33.18
N PHE C 31 -18.48 -37.18 -33.22
CA PHE C 31 -17.90 -37.78 -32.04
C PHE C 31 -16.41 -37.80 -32.20
N GLU C 32 -15.70 -37.07 -31.34
CA GLU C 32 -14.25 -36.95 -31.41
C GLU C 32 -13.65 -37.68 -30.19
N THR C 33 -12.73 -38.61 -30.43
CA THR C 33 -12.24 -39.52 -29.41
C THR C 33 -10.72 -39.46 -29.26
N ALA C 34 -10.24 -39.28 -28.03
CA ALA C 34 -8.80 -39.22 -27.73
C ALA C 34 -8.51 -39.49 -26.26
N THR C 35 -7.32 -40.02 -25.97
CA THR C 35 -6.88 -40.27 -24.58
C THR C 35 -6.66 -38.98 -23.79
N GLU C 36 -6.30 -37.89 -24.48
CA GLU C 36 -6.01 -36.61 -23.84
C GLU C 36 -7.23 -35.69 -23.70
N VAL C 37 -8.44 -36.23 -23.89
CA VAL C 37 -9.69 -35.46 -23.80
C VAL C 37 -9.83 -34.56 -22.58
N ALA C 38 -9.28 -34.96 -21.43
CA ALA C 38 -9.31 -34.09 -20.27
C ALA C 38 -8.11 -34.31 -19.36
N ASN C 39 -6.96 -34.60 -19.94
CA ASN C 39 -5.72 -34.67 -19.18
C ASN C 39 -4.56 -34.44 -20.10
N ARG C 40 -3.82 -33.37 -19.82
CA ARG C 40 -2.70 -32.95 -20.63
C ARG C 40 -1.59 -33.98 -20.58
N VAL C 41 -1.20 -34.47 -21.74
CA VAL C 41 0.04 -35.21 -21.90
C VAL C 41 1.01 -34.38 -22.76
N GLY C 42 0.52 -33.88 -23.90
CA GLY C 42 1.29 -33.01 -24.80
C GLY C 42 0.39 -32.14 -25.69
N GLY C 43 0.74 -32.07 -26.97
CA GLY C 43 0.06 -31.22 -27.94
C GLY C 43 -1.38 -31.59 -28.31
N ILE C 44 -1.77 -32.89 -28.21
CA ILE C 44 -3.15 -33.31 -28.55
C ILE C 44 -4.19 -32.68 -27.64
N TYR C 45 -3.89 -32.60 -26.35
CA TYR C 45 -4.70 -31.81 -25.39
C TYR C 45 -4.95 -30.39 -25.90
N SER C 46 -3.85 -29.75 -26.34
CA SER C 46 -3.89 -28.40 -26.89
C SER C 46 -4.70 -28.30 -28.19
N VAL C 47 -4.63 -29.34 -29.05
CA VAL C 47 -5.47 -29.38 -30.27
C VAL C 47 -6.94 -29.38 -29.87
N LEU C 48 -7.36 -30.40 -29.14
CA LEU C 48 -8.78 -30.58 -28.81
C LEU C 48 -9.39 -29.37 -28.06
N LYS C 49 -8.64 -28.82 -27.11
CA LYS C 49 -9.09 -27.68 -26.34
C LYS C 49 -9.23 -26.46 -27.22
N SER C 50 -8.13 -26.03 -27.84
CA SER C 50 -8.12 -24.81 -28.68
C SER C 50 -9.15 -24.83 -29.81
N LYS C 51 -9.40 -26.05 -30.32
CA LYS C 51 -10.34 -26.31 -31.39
C LYS C 51 -11.83 -26.32 -30.96
N ALA C 52 -12.13 -26.32 -29.66
CA ALA C 52 -13.51 -26.52 -29.18
C ALA C 52 -14.49 -25.37 -29.50
N PRO C 53 -14.02 -24.12 -29.49
CA PRO C 53 -14.92 -22.99 -29.85
C PRO C 53 -15.56 -23.03 -31.25
N ILE C 54 -14.76 -23.23 -32.32
CA ILE C 54 -15.32 -23.37 -33.69
C ILE C 54 -16.15 -24.65 -33.86
N THR C 55 -15.72 -25.74 -33.24
CA THR C 55 -16.40 -27.02 -33.35
C THR C 55 -17.77 -26.94 -32.68
N VAL C 56 -17.83 -26.30 -31.50
CA VAL C 56 -19.10 -26.12 -30.78
C VAL C 56 -19.95 -25.11 -31.54
N ALA C 57 -19.34 -24.04 -32.02
CA ALA C 57 -20.05 -23.02 -32.78
C ALA C 57 -20.83 -23.61 -33.98
N GLN C 58 -20.20 -24.58 -34.65
CA GLN C 58 -20.76 -25.22 -35.84
C GLN C 58 -21.79 -26.31 -35.52
N TYR C 59 -21.49 -27.17 -34.54
CA TYR C 59 -22.37 -28.30 -34.18
C TYR C 59 -23.33 -28.06 -33.00
N LYS C 60 -22.93 -27.27 -32.00
CA LYS C 60 -23.72 -27.03 -30.77
C LYS C 60 -23.99 -28.31 -29.98
N ASP C 61 -25.24 -28.77 -29.86
CA ASP C 61 -25.56 -29.98 -29.07
C ASP C 61 -25.30 -31.35 -29.77
N HIS C 62 -24.82 -31.33 -31.02
CA HIS C 62 -24.53 -32.54 -31.80
C HIS C 62 -23.07 -33.08 -31.64
N TYR C 63 -22.22 -32.32 -30.95
CA TYR C 63 -20.80 -32.65 -30.76
C TYR C 63 -20.56 -33.23 -29.37
N HIS C 64 -19.71 -34.26 -29.31
CA HIS C 64 -19.32 -34.89 -28.06
C HIS C 64 -17.88 -35.36 -28.19
N LEU C 65 -17.04 -34.97 -27.24
CA LEU C 65 -15.71 -35.56 -27.12
C LEU C 65 -15.81 -36.85 -26.32
N ILE C 66 -14.92 -37.81 -26.59
CA ILE C 66 -14.89 -39.09 -25.88
C ILE C 66 -13.46 -39.45 -25.50
N GLY C 67 -13.29 -40.03 -24.31
CA GLY C 67 -12.00 -40.55 -23.89
C GLY C 67 -12.10 -41.44 -22.67
N PRO C 68 -10.94 -41.81 -22.10
CA PRO C 68 -10.88 -42.55 -20.85
C PRO C 68 -10.98 -41.62 -19.66
N LEU C 69 -11.70 -42.05 -18.62
CA LEU C 69 -11.84 -41.27 -17.38
C LEU C 69 -10.56 -41.36 -16.55
N ASN C 70 -9.97 -40.21 -16.27
CA ASN C 70 -8.84 -40.10 -15.33
C ASN C 70 -9.44 -39.85 -13.96
N LYS C 71 -9.58 -40.92 -13.19
CA LYS C 71 -10.29 -40.90 -11.89
C LYS C 71 -9.63 -39.94 -10.90
N ALA C 72 -8.31 -39.77 -11.02
CA ALA C 72 -7.54 -38.82 -10.22
C ALA C 72 -7.82 -37.34 -10.57
N THR C 73 -7.60 -36.96 -11.83
CA THR C 73 -7.53 -35.53 -12.24
C THR C 73 -8.75 -34.93 -12.95
N TYR C 74 -9.80 -35.72 -13.22
CA TYR C 74 -10.98 -35.21 -13.95
C TYR C 74 -11.77 -34.15 -13.15
N GLN C 75 -11.64 -34.20 -11.82
CA GLN C 75 -12.28 -33.23 -10.92
C GLN C 75 -11.98 -31.77 -11.26
N ASN C 76 -10.74 -31.48 -11.64
CA ASN C 76 -10.27 -30.10 -11.84
C ASN C 76 -10.80 -29.45 -13.11
N GLU C 77 -10.94 -30.25 -14.17
CA GLU C 77 -11.27 -29.74 -15.51
C GLU C 77 -12.69 -30.00 -15.99
N VAL C 78 -13.35 -31.04 -15.49
CA VAL C 78 -14.70 -31.42 -15.95
C VAL C 78 -15.80 -31.09 -14.95
N ASP C 79 -16.73 -30.24 -15.38
CA ASP C 79 -17.98 -30.01 -14.65
C ASP C 79 -18.89 -31.24 -14.83
N ILE C 80 -19.13 -31.99 -13.75
CA ILE C 80 -19.96 -33.20 -13.81
C ILE C 80 -21.42 -32.79 -13.99
N LEU C 81 -22.09 -33.39 -14.96
CA LEU C 81 -23.51 -33.14 -15.22
C LEU C 81 -24.33 -34.39 -14.99
N ASP C 82 -25.64 -34.19 -14.81
CA ASP C 82 -26.59 -35.27 -14.63
C ASP C 82 -27.18 -35.59 -16.01
N TRP C 83 -26.77 -36.74 -16.57
CA TRP C 83 -27.22 -37.17 -17.90
C TRP C 83 -28.60 -37.84 -17.93
N LYS C 84 -29.16 -38.17 -16.77
CA LYS C 84 -30.43 -38.91 -16.68
C LYS C 84 -31.70 -38.05 -16.85
N LYS C 85 -31.66 -36.77 -16.49
CA LYS C 85 -32.86 -35.92 -16.58
C LYS C 85 -33.25 -35.65 -18.05
N PRO C 86 -34.57 -35.66 -18.35
CA PRO C 86 -35.05 -35.33 -19.71
C PRO C 86 -34.58 -33.96 -20.28
N GLU C 87 -34.36 -32.98 -19.40
CA GLU C 87 -33.87 -31.65 -19.81
C GLU C 87 -32.43 -31.64 -20.37
N ALA C 88 -31.63 -32.66 -20.07
CA ALA C 88 -30.20 -32.71 -20.45
C ALA C 88 -29.91 -33.09 -21.91
N PHE C 89 -30.93 -33.48 -22.67
CA PHE C 89 -30.83 -33.71 -24.12
C PHE C 89 -32.10 -33.21 -24.81
N SER C 90 -31.98 -32.82 -26.09
CA SER C 90 -33.13 -32.47 -26.92
C SER C 90 -33.80 -33.76 -27.41
N ASP C 91 -34.86 -33.61 -28.21
CA ASP C 91 -35.59 -34.76 -28.74
C ASP C 91 -34.97 -35.38 -30.01
N GLU C 92 -34.30 -34.56 -30.83
CA GLU C 92 -33.51 -35.09 -31.95
C GLU C 92 -32.23 -35.75 -31.42
N MET C 93 -31.67 -35.20 -30.34
CA MET C 93 -30.49 -35.78 -29.66
C MET C 93 -30.82 -36.87 -28.63
N ARG C 94 -32.11 -37.20 -28.47
CA ARG C 94 -32.58 -38.22 -27.52
C ARG C 94 -31.87 -39.59 -27.64
N PRO C 95 -31.59 -40.06 -28.87
CA PRO C 95 -30.90 -41.35 -29.03
C PRO C 95 -29.56 -41.50 -28.30
N VAL C 96 -28.83 -40.40 -28.11
CA VAL C 96 -27.54 -40.44 -27.38
C VAL C 96 -27.78 -40.82 -25.91
N GLN C 97 -28.89 -40.36 -25.34
CA GLN C 97 -29.28 -40.71 -23.96
C GLN C 97 -29.66 -42.19 -23.82
N HIS C 98 -30.46 -42.72 -24.75
CA HIS C 98 -30.84 -44.15 -24.76
C HIS C 98 -29.62 -45.07 -24.87
N ALA C 99 -28.66 -44.67 -25.69
CA ALA C 99 -27.39 -45.38 -25.87
C ALA C 99 -26.58 -45.45 -24.57
N LEU C 100 -26.52 -44.33 -23.84
CA LEU C 100 -25.88 -44.28 -22.52
C LEU C 100 -26.64 -45.07 -21.45
N GLN C 101 -27.97 -45.17 -21.59
CA GLN C 101 -28.82 -45.97 -20.68
C GLN C 101 -28.67 -47.48 -20.91
N THR C 102 -28.36 -47.86 -22.14
CA THR C 102 -28.01 -49.25 -22.48
C THR C 102 -26.65 -49.66 -21.90
N MET C 103 -25.67 -48.76 -21.97
CA MET C 103 -24.32 -48.98 -21.43
C MET C 103 -24.36 -49.08 -19.90
N GLU C 104 -25.28 -48.34 -19.27
CA GLU C 104 -25.56 -48.46 -17.83
C GLU C 104 -26.11 -49.83 -17.46
N SER C 105 -27.10 -50.31 -18.22
CA SER C 105 -27.75 -51.61 -17.95
C SER C 105 -26.89 -52.85 -18.21
N ARG C 106 -25.70 -52.68 -18.81
CA ARG C 106 -24.64 -53.72 -18.79
C ARG C 106 -23.44 -53.34 -17.88
N GLY C 107 -23.66 -52.44 -16.93
CA GLY C 107 -22.65 -52.11 -15.92
C GLY C 107 -21.44 -51.29 -16.34
N VAL C 108 -21.51 -50.61 -17.50
CA VAL C 108 -20.41 -49.75 -17.94
C VAL C 108 -20.58 -48.37 -17.30
N HIS C 109 -19.65 -48.02 -16.41
CA HIS C 109 -19.65 -46.74 -15.70
C HIS C 109 -18.90 -45.67 -16.51
N PHE C 110 -19.42 -44.45 -16.48
CA PHE C 110 -18.88 -43.32 -17.23
C PHE C 110 -19.18 -41.98 -16.54
N VAL C 111 -18.76 -40.87 -17.14
CA VAL C 111 -19.06 -39.51 -16.66
C VAL C 111 -19.46 -38.62 -17.84
N TYR C 112 -20.63 -37.99 -17.75
CA TYR C 112 -21.06 -36.97 -18.70
C TYR C 112 -20.80 -35.60 -18.08
N GLY C 113 -20.35 -34.64 -18.88
CA GLY C 113 -20.05 -33.31 -18.35
C GLY C 113 -19.62 -32.28 -19.36
N ARG C 114 -19.63 -31.02 -18.94
CA ARG C 114 -19.02 -29.93 -19.70
C ARG C 114 -17.55 -29.88 -19.34
N TRP C 115 -16.69 -29.78 -20.35
CA TRP C 115 -15.26 -29.55 -20.14
C TRP C 115 -15.08 -28.05 -19.86
N LEU C 116 -14.41 -27.69 -18.76
CA LEU C 116 -14.31 -26.28 -18.32
C LEU C 116 -13.28 -25.48 -19.11
N ILE C 117 -13.61 -25.26 -20.38
CA ILE C 117 -12.77 -24.51 -21.32
C ILE C 117 -13.68 -23.61 -22.14
N GLU C 118 -13.10 -22.65 -22.85
CA GLU C 118 -13.88 -21.87 -23.81
C GLU C 118 -14.43 -22.81 -24.89
N GLY C 119 -15.73 -22.68 -25.16
CA GLY C 119 -16.46 -23.58 -26.03
C GLY C 119 -17.47 -24.35 -25.22
N ALA C 120 -17.00 -24.97 -24.13
CA ALA C 120 -17.84 -25.79 -23.23
C ALA C 120 -18.47 -27.01 -23.94
N PRO C 121 -17.64 -27.92 -24.48
CA PRO C 121 -18.17 -29.09 -25.19
C PRO C 121 -18.57 -30.21 -24.25
N LYS C 122 -19.69 -30.86 -24.52
CA LYS C 122 -20.14 -31.99 -23.72
C LYS C 122 -19.10 -33.10 -23.90
N VAL C 123 -18.71 -33.78 -22.82
CA VAL C 123 -17.78 -34.95 -22.87
C VAL C 123 -18.42 -36.23 -22.37
N ILE C 124 -17.82 -37.36 -22.72
CA ILE C 124 -18.26 -38.69 -22.28
C ILE C 124 -17.00 -39.49 -21.94
N LEU C 125 -16.67 -39.51 -20.66
CA LEU C 125 -15.46 -40.19 -20.18
C LEU C 125 -15.83 -41.56 -19.60
N PHE C 126 -15.26 -42.63 -20.16
CA PHE C 126 -15.57 -43.99 -19.72
C PHE C 126 -14.57 -44.47 -18.67
N ASP C 127 -15.08 -45.09 -17.60
CA ASP C 127 -14.24 -45.73 -16.58
C ASP C 127 -13.69 -47.05 -17.15
N LEU C 128 -12.39 -47.09 -17.42
CA LEU C 128 -11.75 -48.28 -17.99
C LEU C 128 -11.67 -49.46 -17.03
N ASP C 129 -11.66 -49.17 -15.72
CA ASP C 129 -11.77 -50.24 -14.70
C ASP C 129 -13.12 -50.95 -14.80
N SER C 130 -14.17 -50.20 -15.11
CA SER C 130 -15.54 -50.74 -15.22
C SER C 130 -15.79 -51.83 -16.28
N VAL C 131 -14.82 -52.07 -17.17
CA VAL C 131 -14.89 -53.18 -18.13
C VAL C 131 -13.63 -54.06 -18.12
N ARG C 132 -12.80 -53.94 -17.07
CA ARG C 132 -11.50 -54.62 -17.05
C ARG C 132 -11.62 -56.15 -17.06
N GLY C 133 -12.71 -56.66 -16.47
CA GLY C 133 -13.06 -58.08 -16.56
C GLY C 133 -13.13 -58.65 -17.97
N TYR C 134 -13.57 -57.84 -18.93
CA TYR C 134 -13.64 -58.26 -20.35
C TYR C 134 -12.30 -58.38 -21.08
N SER C 135 -11.22 -57.86 -20.49
CA SER C 135 -9.89 -57.78 -21.16
C SER C 135 -9.46 -58.97 -22.02
N ASN C 136 -9.64 -60.20 -21.51
CA ASN C 136 -9.08 -61.41 -22.16
C ASN C 136 -9.80 -61.91 -23.42
N GLU C 137 -11.13 -61.95 -23.38
CA GLU C 137 -11.93 -62.26 -24.57
C GLU C 137 -11.86 -61.13 -25.62
N TRP C 138 -11.71 -59.88 -25.17
CA TRP C 138 -11.52 -58.74 -26.07
C TRP C 138 -10.13 -58.73 -26.70
N LYS C 139 -9.08 -58.95 -25.91
CA LYS C 139 -7.71 -59.13 -26.45
C LYS C 139 -7.65 -60.29 -27.46
N GLY C 140 -8.39 -61.36 -27.17
CA GLY C 140 -8.50 -62.53 -28.05
C GLY C 140 -9.27 -62.29 -29.33
N ASP C 141 -10.39 -61.57 -29.25
CA ASP C 141 -11.17 -61.16 -30.44
C ASP C 141 -10.33 -60.26 -31.37
N LEU C 142 -9.46 -59.44 -30.78
CA LEU C 142 -8.53 -58.59 -31.51
C LEU C 142 -7.44 -59.41 -32.20
N TRP C 143 -6.94 -60.44 -31.53
CA TRP C 143 -5.97 -61.36 -32.14
C TRP C 143 -6.61 -62.08 -33.32
N SER C 144 -7.70 -62.81 -33.06
CA SER C 144 -8.30 -63.71 -34.05
C SER C 144 -8.91 -62.99 -35.25
N LEU C 145 -9.64 -61.89 -34.99
CA LEU C 145 -10.40 -61.19 -36.03
C LEU C 145 -9.79 -59.84 -36.48
N VAL C 146 -8.58 -59.52 -36.04
CA VAL C 146 -7.78 -58.44 -36.65
C VAL C 146 -6.32 -58.83 -36.90
N GLY C 147 -5.71 -59.60 -35.99
CA GLY C 147 -4.33 -60.10 -36.15
C GLY C 147 -3.33 -59.65 -35.10
N ILE C 148 -3.75 -58.78 -34.18
CA ILE C 148 -2.86 -58.05 -33.27
C ILE C 148 -2.47 -58.87 -32.03
N PRO C 149 -1.19 -59.34 -31.97
CA PRO C 149 -0.76 -59.98 -30.73
C PRO C 149 -0.66 -58.92 -29.64
N SER C 150 -1.28 -59.20 -28.50
CA SER C 150 -1.36 -58.25 -27.39
C SER C 150 -0.82 -58.89 -26.11
N PRO C 151 0.53 -59.02 -26.00
CA PRO C 151 1.17 -59.44 -24.75
C PRO C 151 0.70 -58.64 -23.53
N GLU C 152 0.44 -59.36 -22.43
CA GLU C 152 -0.18 -58.80 -21.22
C GLU C 152 0.67 -57.76 -20.49
N ASN C 153 1.99 -57.81 -20.72
CA ASN C 153 2.98 -56.94 -20.04
C ASN C 153 2.65 -55.45 -20.12
N ASP C 154 2.21 -55.01 -21.30
CA ASP C 154 2.06 -53.60 -21.63
C ASP C 154 0.69 -53.05 -21.16
N PHE C 155 0.68 -52.36 -20.02
CA PHE C 155 -0.57 -51.73 -19.49
C PHE C 155 -1.14 -50.60 -20.38
N GLU C 156 -0.31 -50.02 -21.24
CA GLU C 156 -0.78 -48.98 -22.18
C GLU C 156 -1.69 -49.57 -23.27
N THR C 157 -1.22 -50.63 -23.94
CA THR C 157 -2.00 -51.34 -24.96
C THR C 157 -3.18 -52.11 -24.39
N ASN C 158 -3.17 -52.40 -23.09
CA ASN C 158 -4.35 -52.91 -22.40
C ASN C 158 -5.44 -51.84 -22.40
N ASP C 159 -5.09 -50.65 -21.94
CA ASP C 159 -6.05 -49.54 -21.80
C ASP C 159 -6.55 -49.00 -23.14
N ALA C 160 -5.72 -49.08 -24.17
CA ALA C 160 -6.13 -48.76 -25.54
C ALA C 160 -7.19 -49.73 -26.09
N ILE C 161 -7.01 -51.03 -25.80
CA ILE C 161 -7.96 -52.09 -26.22
C ILE C 161 -9.28 -51.96 -25.45
N LEU C 162 -9.18 -51.66 -24.16
CA LEU C 162 -10.36 -51.46 -23.34
C LEU C 162 -11.17 -50.30 -23.88
N LEU C 163 -10.51 -49.13 -24.02
CA LEU C 163 -11.16 -47.92 -24.59
C LEU C 163 -11.82 -48.18 -25.96
N GLY C 164 -11.07 -48.80 -26.88
CA GLY C 164 -11.53 -49.04 -28.24
C GLY C 164 -12.75 -49.96 -28.35
N TYR C 165 -12.75 -51.03 -27.57
CA TYR C 165 -13.91 -51.94 -27.54
C TYR C 165 -15.13 -51.25 -26.92
N THR C 166 -14.89 -50.47 -25.86
CA THR C 166 -15.93 -49.70 -25.18
C THR C 166 -16.57 -48.65 -26.09
N VAL C 167 -15.75 -47.97 -26.90
CA VAL C 167 -16.26 -46.90 -27.79
C VAL C 167 -16.99 -47.47 -29.01
N ALA C 168 -16.48 -48.55 -29.60
CA ALA C 168 -17.13 -49.24 -30.75
C ALA C 168 -18.47 -49.87 -30.37
N TRP C 169 -18.56 -50.32 -29.11
CA TRP C 169 -19.81 -50.74 -28.46
C TRP C 169 -20.79 -49.55 -28.40
N PHE C 170 -20.31 -48.42 -27.90
CA PHE C 170 -21.12 -47.19 -27.76
C PHE C 170 -21.69 -46.69 -29.09
N LEU C 171 -20.81 -46.52 -30.07
CA LEU C 171 -21.21 -46.04 -31.41
C LEU C 171 -22.13 -47.06 -32.10
N GLY C 172 -21.93 -48.35 -31.82
CA GLY C 172 -22.83 -49.40 -32.30
C GLY C 172 -24.26 -49.19 -31.83
N GLU C 173 -24.42 -48.84 -30.55
CA GLU C 173 -25.75 -48.56 -29.99
C GLU C 173 -26.35 -47.31 -30.61
N VAL C 174 -25.61 -46.21 -30.60
CA VAL C 174 -26.08 -44.94 -31.19
C VAL C 174 -26.51 -45.12 -32.65
N ALA C 175 -25.72 -45.88 -33.43
CA ALA C 175 -26.02 -46.11 -34.85
C ALA C 175 -27.31 -46.90 -35.07
N HIS C 176 -27.62 -47.83 -34.17
CA HIS C 176 -28.87 -48.60 -34.23
C HIS C 176 -30.07 -47.78 -33.72
N LEU C 177 -29.89 -47.10 -32.58
CA LEU C 177 -30.97 -46.36 -31.90
C LEU C 177 -31.30 -44.99 -32.51
N ASP C 178 -30.37 -44.42 -33.27
CA ASP C 178 -30.57 -43.15 -34.02
C ASP C 178 -30.76 -43.47 -35.49
N SER C 179 -31.77 -42.86 -36.12
CA SER C 179 -32.04 -43.08 -37.55
C SER C 179 -32.24 -41.79 -38.37
N GLN C 180 -31.89 -40.65 -37.79
CA GLN C 180 -32.02 -39.35 -38.47
C GLN C 180 -30.67 -38.84 -38.99
N HIS C 181 -29.71 -38.75 -38.06
CA HIS C 181 -28.40 -38.17 -38.32
C HIS C 181 -27.44 -39.21 -38.91
N ALA C 182 -26.66 -38.79 -39.91
CA ALA C 182 -25.40 -39.48 -40.24
C ALA C 182 -24.47 -39.25 -39.08
N ILE C 183 -23.54 -40.16 -38.85
CA ILE C 183 -22.65 -40.03 -37.70
C ILE C 183 -21.21 -40.02 -38.18
N VAL C 184 -20.45 -39.03 -37.71
CA VAL C 184 -19.02 -38.95 -37.98
C VAL C 184 -18.24 -39.28 -36.70
N ALA C 185 -17.43 -40.33 -36.78
CA ALA C 185 -16.57 -40.75 -35.69
C ALA C 185 -15.14 -40.39 -36.08
N HIS C 186 -14.57 -39.43 -35.36
CA HIS C 186 -13.19 -39.00 -35.57
C HIS C 186 -12.40 -39.54 -34.38
N PHE C 187 -11.19 -40.06 -34.64
CA PHE C 187 -10.31 -40.60 -33.59
C PHE C 187 -8.89 -40.05 -33.73
N HIS C 188 -8.26 -39.66 -32.62
CA HIS C 188 -6.89 -39.13 -32.64
C HIS C 188 -5.89 -40.07 -31.91
N GLN C 189 -4.77 -40.36 -32.58
CA GLN C 189 -3.72 -41.31 -32.11
C GLN C 189 -4.08 -42.78 -32.00
N TRP C 190 -3.05 -43.62 -32.14
CA TRP C 190 -3.17 -45.08 -32.02
C TRP C 190 -3.82 -45.54 -30.70
N LEU C 191 -3.52 -44.85 -29.59
CA LEU C 191 -4.14 -45.11 -28.29
C LEU C 191 -5.68 -45.12 -28.33
N ALA C 192 -6.28 -44.20 -29.09
CA ALA C 192 -7.74 -44.15 -29.27
C ALA C 192 -8.24 -44.85 -30.54
N GLY C 193 -7.33 -45.46 -31.31
CA GLY C 193 -7.68 -46.05 -32.60
C GLY C 193 -7.99 -47.54 -32.66
N VAL C 194 -8.24 -48.20 -31.52
CA VAL C 194 -8.60 -49.63 -31.54
C VAL C 194 -10.05 -49.79 -32.03
N ALA C 195 -10.89 -48.79 -31.76
CA ALA C 195 -12.28 -48.80 -32.20
C ALA C 195 -12.43 -48.79 -33.73
N LEU C 196 -11.43 -48.29 -34.44
CA LEU C 196 -11.48 -48.16 -35.89
C LEU C 196 -11.68 -49.50 -36.63
N PRO C 197 -10.76 -50.47 -36.43
CA PRO C 197 -10.97 -51.76 -37.09
C PRO C 197 -12.26 -52.48 -36.69
N LEU C 198 -12.75 -52.22 -35.48
CA LEU C 198 -14.00 -52.82 -35.00
C LEU C 198 -15.21 -52.27 -35.75
N CYS C 199 -15.25 -50.96 -35.98
CA CYS C 199 -16.31 -50.33 -36.78
C CYS C 199 -16.36 -50.83 -38.24
N ARG C 200 -15.19 -51.04 -38.85
CA ARG C 200 -15.09 -51.60 -40.22
C ARG C 200 -15.53 -53.05 -40.25
N LYS C 201 -14.97 -53.86 -39.34
CA LYS C 201 -15.27 -55.30 -39.26
C LYS C 201 -16.75 -55.58 -38.94
N ARG C 202 -17.31 -54.84 -37.98
CA ARG C 202 -18.76 -54.95 -37.62
C ARG C 202 -19.74 -54.25 -38.57
N ARG C 203 -19.25 -53.64 -39.66
CA ARG C 203 -20.08 -52.87 -40.62
C ARG C 203 -21.03 -51.82 -39.99
N ILE C 204 -20.58 -51.19 -38.90
CA ILE C 204 -21.38 -50.23 -38.11
C ILE C 204 -21.66 -48.98 -38.94
N ASP C 205 -22.86 -48.41 -38.83
CA ASP C 205 -23.28 -47.31 -39.74
C ASP C 205 -22.84 -45.91 -39.28
N VAL C 206 -21.52 -45.75 -39.19
CA VAL C 206 -20.83 -44.49 -38.96
C VAL C 206 -19.75 -44.35 -40.04
N VAL C 207 -19.22 -43.14 -40.19
CA VAL C 207 -18.08 -42.89 -41.08
C VAL C 207 -16.95 -42.37 -40.23
N THR C 208 -15.77 -42.92 -40.46
CA THR C 208 -14.68 -42.77 -39.54
C THR C 208 -13.56 -41.94 -40.12
N ILE C 209 -13.00 -41.07 -39.27
CA ILE C 209 -11.73 -40.42 -39.57
C ILE C 209 -10.72 -40.86 -38.53
N PHE C 210 -9.48 -41.06 -38.97
CA PHE C 210 -8.37 -41.24 -38.06
C PHE C 210 -7.33 -40.16 -38.36
N THR C 211 -6.95 -39.41 -37.33
CA THR C 211 -5.83 -38.47 -37.39
C THR C 211 -4.69 -39.01 -36.52
N THR C 212 -3.51 -39.21 -37.10
CA THR C 212 -2.30 -39.54 -36.35
C THR C 212 -1.45 -38.27 -36.24
N HIS C 213 -0.97 -37.99 -35.04
CA HIS C 213 -0.17 -36.79 -34.75
C HIS C 213 1.31 -37.09 -34.74
N ALA C 214 1.68 -38.32 -35.12
CA ALA C 214 3.07 -38.75 -35.20
C ALA C 214 3.04 -40.15 -35.77
N THR C 215 4.18 -40.83 -35.76
CA THR C 215 4.22 -42.27 -35.92
C THR C 215 5.13 -42.86 -34.85
N LEU C 216 4.75 -44.05 -34.37
CA LEU C 216 5.56 -44.81 -33.45
C LEU C 216 6.95 -45.02 -34.01
N LEU C 217 7.06 -45.62 -35.17
CA LEU C 217 8.39 -45.85 -35.75
C LEU C 217 9.21 -44.58 -35.94
N GLY C 218 8.55 -43.50 -36.35
CA GLY C 218 9.23 -42.22 -36.57
C GLY C 218 9.84 -41.61 -35.32
N ARG C 219 9.11 -41.64 -34.20
CA ARG C 219 9.66 -41.24 -32.88
C ARG C 219 10.96 -41.99 -32.61
N TYR C 220 10.82 -43.30 -32.57
CA TYR C 220 11.86 -44.22 -32.13
C TYR C 220 13.07 -44.22 -33.05
N LEU C 221 12.83 -44.08 -34.34
CA LEU C 221 13.90 -43.93 -35.32
C LEU C 221 14.73 -42.67 -35.08
N CYS C 222 14.05 -41.58 -34.78
CA CYS C 222 14.70 -40.29 -34.52
C CYS C 222 15.36 -40.20 -33.17
N ALA C 223 14.70 -40.76 -32.15
CA ALA C 223 15.16 -40.74 -30.75
C ALA C 223 16.57 -41.33 -30.60
N SER C 224 16.74 -42.55 -31.13
CA SER C 224 18.07 -43.16 -31.34
C SER C 224 18.81 -42.33 -32.40
N GLY C 225 19.31 -41.16 -32.01
CA GLY C 225 19.73 -40.11 -32.94
C GLY C 225 20.88 -40.45 -33.87
N SER C 226 20.82 -41.64 -34.45
CA SER C 226 21.94 -42.25 -35.13
C SER C 226 21.97 -41.82 -36.59
N PHE C 227 20.83 -41.99 -37.27
CA PHE C 227 20.78 -41.94 -38.74
C PHE C 227 19.92 -40.79 -39.29
N ASP C 228 20.03 -40.60 -40.61
CA ASP C 228 19.47 -39.45 -41.31
C ASP C 228 18.02 -39.70 -41.79
N PHE C 229 17.12 -39.78 -40.82
CA PHE C 229 15.67 -40.11 -40.97
C PHE C 229 14.96 -39.43 -42.14
N TYR C 230 15.15 -38.12 -42.28
CA TYR C 230 14.39 -37.35 -43.28
C TYR C 230 14.77 -37.67 -44.71
N ASN C 231 16.05 -37.95 -44.94
CA ASN C 231 16.56 -38.29 -46.28
C ASN C 231 16.53 -39.81 -46.59
N CYS C 232 16.74 -40.67 -45.58
CA CYS C 232 16.84 -42.11 -45.77
C CYS C 232 15.59 -42.89 -45.29
N LEU C 233 14.41 -42.32 -45.50
CA LEU C 233 13.16 -42.87 -44.97
C LEU C 233 12.58 -44.02 -45.81
N GLU C 234 12.57 -43.84 -47.12
CA GLU C 234 11.99 -44.83 -48.03
C GLU C 234 12.59 -46.25 -47.86
N SER C 235 13.85 -46.31 -47.43
CA SER C 235 14.57 -47.58 -47.28
C SER C 235 14.63 -48.11 -45.83
N VAL C 236 13.54 -48.04 -45.07
CA VAL C 236 13.47 -48.71 -43.76
C VAL C 236 12.49 -49.87 -43.83
N ASP C 237 12.92 -51.03 -43.33
CA ASP C 237 12.05 -52.21 -43.28
C ASP C 237 11.23 -52.06 -42.00
N VAL C 238 9.96 -51.73 -42.17
CA VAL C 238 9.07 -51.40 -41.05
C VAL C 238 8.87 -52.59 -40.10
N ASP C 239 8.92 -53.81 -40.61
CA ASP C 239 8.71 -54.98 -39.75
C ASP C 239 9.98 -55.29 -38.92
N HIS C 240 11.14 -55.21 -39.56
CA HIS C 240 12.45 -55.37 -38.89
C HIS C 240 12.61 -54.32 -37.78
N GLU C 241 12.32 -53.06 -38.16
CA GLU C 241 12.50 -51.91 -37.29
C GLU C 241 11.48 -51.86 -36.16
N ALA C 242 10.22 -52.16 -36.44
CA ALA C 242 9.20 -52.32 -35.37
C ALA C 242 9.56 -53.43 -34.39
N GLY C 243 10.15 -54.52 -34.92
CA GLY C 243 10.62 -55.64 -34.11
C GLY C 243 11.68 -55.21 -33.10
N ARG C 244 12.77 -54.64 -33.59
CA ARG C 244 13.96 -54.28 -32.78
C ARG C 244 13.73 -53.25 -31.69
N PHE C 245 12.69 -52.43 -31.82
CA PHE C 245 12.32 -51.47 -30.79
C PHE C 245 11.30 -52.03 -29.77
N GLY C 246 10.84 -53.27 -29.94
CA GLY C 246 9.87 -53.89 -29.01
C GLY C 246 8.55 -53.14 -29.03
N ILE C 247 8.11 -52.81 -30.24
CA ILE C 247 7.00 -51.91 -30.51
C ILE C 247 5.91 -52.56 -31.40
N TYR C 248 6.20 -53.75 -31.95
CA TYR C 248 5.39 -54.34 -33.03
C TYR C 248 3.90 -54.43 -32.70
N HIS C 249 3.57 -54.82 -31.49
CA HIS C 249 2.17 -54.91 -31.04
C HIS C 249 1.43 -53.55 -31.05
N ARG C 250 2.16 -52.45 -30.79
CA ARG C 250 1.63 -51.08 -30.85
C ARG C 250 1.54 -50.52 -32.26
N TYR C 251 2.62 -50.70 -33.03
CA TYR C 251 2.67 -50.41 -34.46
C TYR C 251 1.50 -51.03 -35.23
N CYS C 252 1.12 -52.26 -34.86
CA CYS C 252 -0.01 -52.95 -35.49
C CYS C 252 -1.36 -52.30 -35.21
N ILE C 253 -1.53 -51.68 -34.04
CA ILE C 253 -2.76 -50.94 -33.72
C ILE C 253 -2.86 -49.67 -34.58
N GLU C 254 -1.75 -48.94 -34.62
CA GLU C 254 -1.61 -47.70 -35.40
C GLU C 254 -1.87 -47.99 -36.88
N ARG C 255 -1.29 -49.08 -37.41
CA ARG C 255 -1.50 -49.47 -38.79
C ARG C 255 -2.96 -49.80 -39.06
N ALA C 256 -3.57 -50.56 -38.16
CA ALA C 256 -4.97 -50.94 -38.30
C ALA C 256 -5.90 -49.72 -38.23
N ALA C 257 -5.57 -48.76 -37.38
CA ALA C 257 -6.30 -47.48 -37.31
C ALA C 257 -6.28 -46.75 -38.66
N ALA C 258 -5.07 -46.52 -39.16
CA ALA C 258 -4.86 -45.85 -40.44
C ALA C 258 -5.51 -46.58 -41.60
N HIS C 259 -5.50 -47.92 -41.59
CA HIS C 259 -6.06 -48.71 -42.70
C HIS C 259 -7.57 -48.91 -42.65
N SER C 260 -8.13 -48.99 -41.44
CA SER C 260 -9.57 -49.15 -41.24
C SER C 260 -10.41 -47.87 -41.33
N ALA C 261 -9.77 -46.69 -41.34
CA ALA C 261 -10.52 -45.43 -41.38
C ALA C 261 -11.01 -45.08 -42.80
N ASP C 262 -12.23 -44.53 -42.88
CA ASP C 262 -12.77 -44.01 -44.14
C ASP C 262 -11.86 -42.89 -44.64
N VAL C 263 -11.50 -41.98 -43.74
CA VAL C 263 -10.56 -40.91 -44.02
C VAL C 263 -9.37 -41.05 -43.09
N PHE C 264 -8.16 -40.96 -43.62
CA PHE C 264 -6.91 -40.98 -42.82
C PHE C 264 -6.13 -39.66 -42.97
N THR C 265 -5.76 -39.04 -41.84
CA THR C 265 -5.10 -37.72 -41.83
C THR C 265 -3.90 -37.65 -40.89
N THR C 266 -2.99 -36.74 -41.18
CA THR C 266 -1.96 -36.31 -40.24
C THR C 266 -2.15 -34.81 -40.05
N VAL C 267 -1.25 -34.20 -39.29
CA VAL C 267 -1.27 -32.78 -39.02
C VAL C 267 -0.37 -32.00 -39.95
N SER C 268 0.73 -32.60 -40.40
CA SER C 268 1.65 -31.88 -41.29
C SER C 268 1.93 -32.69 -42.54
N GLN C 269 2.42 -32.00 -43.57
CA GLN C 269 2.95 -32.66 -44.76
C GLN C 269 4.19 -33.52 -44.47
N ILE C 270 5.07 -33.06 -43.57
CA ILE C 270 6.24 -33.85 -43.17
C ILE C 270 5.80 -35.18 -42.59
N THR C 271 4.83 -35.15 -41.69
CA THR C 271 4.29 -36.38 -41.11
C THR C 271 3.50 -37.21 -42.11
N ALA C 272 2.81 -36.56 -43.05
CA ALA C 272 2.08 -37.29 -44.11
C ALA C 272 3.04 -38.17 -44.96
N PHE C 273 4.14 -37.57 -45.40
CA PHE C 273 5.26 -38.28 -46.07
C PHE C 273 5.74 -39.49 -45.25
N GLU C 274 5.84 -39.30 -43.95
CA GLU C 274 6.29 -40.34 -43.01
C GLU C 274 5.23 -41.42 -42.73
N ALA C 275 3.98 -41.03 -42.61
CA ALA C 275 2.88 -41.99 -42.44
C ALA C 275 2.62 -42.82 -43.70
N GLU C 276 2.94 -42.28 -44.88
CA GLU C 276 2.83 -43.05 -46.11
C GLU C 276 3.76 -44.27 -46.05
N HIS C 277 5.04 -44.02 -45.82
CA HIS C 277 6.06 -45.05 -45.91
C HIS C 277 6.17 -45.96 -44.70
N LEU C 278 5.71 -45.50 -43.53
CA LEU C 278 5.79 -46.30 -42.31
C LEU C 278 4.49 -46.99 -41.92
N LEU C 279 3.34 -46.37 -42.19
CA LEU C 279 2.03 -47.01 -41.96
C LEU C 279 1.37 -47.62 -43.21
N LYS C 280 1.98 -47.39 -44.38
CA LYS C 280 1.53 -47.98 -45.69
C LYS C 280 0.20 -47.45 -46.25
N ARG C 281 -0.17 -46.22 -45.91
CA ARG C 281 -1.33 -45.57 -46.51
C ARG C 281 -1.06 -44.10 -46.69
N LYS C 282 -1.30 -43.60 -47.90
CA LYS C 282 -1.16 -42.19 -48.15
C LYS C 282 -2.36 -41.48 -47.52
N PRO C 283 -2.09 -40.50 -46.63
CA PRO C 283 -3.19 -39.77 -46.01
C PRO C 283 -4.01 -38.99 -47.01
N ASP C 284 -5.30 -38.90 -46.74
CA ASP C 284 -6.22 -38.15 -47.61
C ASP C 284 -6.10 -36.63 -47.50
N GLY C 285 -5.19 -36.13 -46.68
CA GLY C 285 -5.05 -34.70 -46.42
C GLY C 285 -4.43 -34.41 -45.07
N ILE C 286 -4.22 -33.12 -44.85
CA ILE C 286 -3.49 -32.58 -43.70
C ILE C 286 -4.47 -31.82 -42.84
N LEU C 287 -4.38 -32.04 -41.53
CA LEU C 287 -5.12 -31.22 -40.53
C LEU C 287 -4.17 -30.33 -39.68
N PRO C 288 -3.63 -29.25 -40.29
CA PRO C 288 -2.64 -28.43 -39.58
C PRO C 288 -3.27 -27.80 -38.34
N ASN C 289 -2.49 -27.73 -37.27
CA ASN C 289 -3.00 -27.34 -35.94
C ASN C 289 -3.22 -25.82 -35.81
N GLY C 290 -4.34 -25.48 -35.20
CA GLY C 290 -4.72 -24.10 -34.98
C GLY C 290 -4.63 -23.69 -33.52
N LEU C 291 -4.68 -22.39 -33.31
CA LEU C 291 -4.77 -21.81 -31.96
C LEU C 291 -6.04 -21.01 -31.79
N ASN C 292 -6.51 -20.96 -30.55
CA ASN C 292 -7.63 -20.11 -30.19
C ASN C 292 -7.11 -18.69 -29.95
N VAL C 293 -7.07 -17.90 -31.03
CA VAL C 293 -6.44 -16.57 -31.02
C VAL C 293 -7.25 -15.54 -30.20
N ILE C 294 -6.73 -15.22 -28.99
CA ILE C 294 -7.28 -14.21 -28.08
C ILE C 294 -6.96 -12.81 -28.63
N LYS C 295 -7.89 -12.22 -29.37
CA LYS C 295 -7.73 -10.84 -29.83
C LYS C 295 -7.75 -9.89 -28.63
N PHE C 296 -7.07 -8.77 -28.77
CA PHE C 296 -7.22 -7.67 -27.80
C PHE C 296 -7.93 -6.53 -28.53
N GLN C 297 -8.56 -5.65 -27.76
CA GLN C 297 -9.25 -4.47 -28.33
C GLN C 297 -8.20 -3.48 -28.84
N ALA C 298 -7.15 -3.30 -28.04
CA ALA C 298 -5.94 -2.61 -28.46
C ALA C 298 -4.92 -3.63 -28.93
N PHE C 299 -4.46 -3.48 -30.17
CA PHE C 299 -3.40 -4.31 -30.71
C PHE C 299 -2.17 -4.36 -29.80
N HIS C 300 -1.80 -3.22 -29.24
CA HIS C 300 -0.60 -3.12 -28.39
C HIS C 300 -0.70 -3.72 -26.99
N GLU C 301 -1.89 -4.09 -26.53
CA GLU C 301 -2.02 -4.69 -25.20
C GLU C 301 -1.06 -5.86 -24.93
N PHE C 302 -0.77 -6.68 -25.95
CA PHE C 302 0.21 -7.77 -25.77
C PHE C 302 1.62 -7.29 -25.34
N GLN C 303 2.02 -6.09 -25.76
CA GLN C 303 3.32 -5.52 -25.40
C GLN C 303 3.40 -5.19 -23.90
N ASN C 304 2.28 -4.68 -23.37
CA ASN C 304 2.15 -4.38 -21.95
C ASN C 304 2.18 -5.65 -21.13
N LEU C 305 1.48 -6.68 -21.58
CA LEU C 305 1.56 -7.99 -20.92
C LEU C 305 2.97 -8.55 -20.89
N HIS C 306 3.71 -8.38 -21.98
CA HIS C 306 5.11 -8.80 -21.98
C HIS C 306 5.88 -8.14 -20.81
N ALA C 307 5.69 -6.85 -20.61
CA ALA C 307 6.46 -6.14 -19.59
C ALA C 307 6.04 -6.48 -18.15
N LEU C 308 4.74 -6.71 -17.93
CA LEU C 308 4.25 -7.22 -16.66
C LEU C 308 4.83 -8.59 -16.36
N LYS C 309 4.66 -9.53 -17.28
CA LYS C 309 5.10 -10.89 -17.00
C LYS C 309 6.62 -10.97 -16.88
N LYS C 310 7.34 -10.13 -17.62
CA LYS C 310 8.80 -10.13 -17.56
C LYS C 310 9.29 -9.73 -16.19
N GLU C 311 8.57 -8.81 -15.54
CA GLU C 311 8.94 -8.35 -14.22
C GLU C 311 8.82 -9.49 -13.20
N LYS C 312 7.87 -10.40 -13.35
CA LYS C 312 7.77 -11.57 -12.47
C LYS C 312 8.92 -12.56 -12.67
N ILE C 313 9.37 -12.68 -13.92
CA ILE C 313 10.57 -13.44 -14.24
C ILE C 313 11.80 -12.72 -13.63
N ASN C 314 11.87 -11.41 -13.73
CA ASN C 314 12.92 -10.64 -13.06
C ASN C 314 12.95 -10.91 -11.53
N ASP C 315 11.78 -10.99 -10.89
CA ASP C 315 11.67 -11.29 -9.47
C ASP C 315 12.28 -12.67 -9.15
N PHE C 316 11.89 -13.69 -9.90
CA PHE C 316 12.47 -15.02 -9.72
C PHE C 316 14.01 -14.99 -9.88
N VAL C 317 14.47 -14.38 -10.99
CA VAL C 317 15.90 -14.35 -11.33
C VAL C 317 16.74 -13.73 -10.22
N ARG C 318 16.29 -12.59 -9.70
CA ARG C 318 16.92 -11.94 -8.59
C ARG C 318 17.10 -12.84 -7.37
N GLY C 319 16.11 -13.67 -7.08
CA GLY C 319 16.23 -14.65 -5.99
C GLY C 319 17.23 -15.74 -6.34
N HIS C 320 17.14 -16.24 -7.57
CA HIS C 320 18.00 -17.32 -7.99
C HIS C 320 19.52 -16.95 -7.90
N PHE C 321 19.81 -15.71 -8.32
CA PHE C 321 21.18 -15.17 -8.31
C PHE C 321 21.55 -14.32 -7.06
N HIS C 322 20.86 -14.51 -5.92
CA HIS C 322 21.17 -13.72 -4.73
C HIS C 322 22.64 -13.92 -4.34
N GLY C 323 23.33 -12.84 -3.98
CA GLY C 323 24.77 -12.86 -3.75
C GLY C 323 25.68 -13.02 -4.97
N CYS C 324 25.12 -13.25 -6.16
CA CYS C 324 25.90 -13.40 -7.39
C CYS C 324 25.25 -12.62 -8.55
N PHE C 325 24.65 -11.48 -8.20
CA PHE C 325 23.85 -10.70 -9.12
C PHE C 325 24.66 -9.52 -9.62
N ASP C 326 25.33 -9.71 -10.76
CA ASP C 326 26.28 -8.74 -11.31
C ASP C 326 25.97 -8.34 -12.75
N PHE C 327 24.69 -8.42 -13.13
CA PHE C 327 24.22 -7.99 -14.45
C PHE C 327 22.95 -7.13 -14.33
N ASP C 328 22.70 -6.34 -15.36
CA ASP C 328 21.56 -5.40 -15.43
C ASP C 328 20.39 -6.06 -16.19
N LEU C 329 19.30 -6.36 -15.47
CA LEU C 329 18.10 -7.00 -16.07
C LEU C 329 17.48 -6.19 -17.21
N ASP C 330 17.65 -4.87 -17.17
CA ASP C 330 17.30 -4.01 -18.30
C ASP C 330 18.10 -4.28 -19.61
N ASN C 331 19.20 -5.03 -19.51
CA ASN C 331 20.04 -5.40 -20.64
C ASN C 331 20.25 -6.90 -20.63
N THR C 332 19.21 -7.61 -20.21
CA THR C 332 19.19 -9.06 -20.13
C THR C 332 18.00 -9.58 -20.93
N LEU C 333 18.23 -10.68 -21.64
CA LEU C 333 17.22 -11.34 -22.47
C LEU C 333 17.03 -12.75 -21.95
N TYR C 334 15.84 -13.28 -22.15
CA TYR C 334 15.39 -14.53 -21.56
C TYR C 334 15.03 -15.46 -22.72
N PHE C 335 15.80 -16.54 -22.86
CA PHE C 335 15.57 -17.56 -23.89
C PHE C 335 15.00 -18.79 -23.18
N PHE C 336 14.07 -19.48 -23.82
CA PHE C 336 13.62 -20.73 -23.24
C PHE C 336 13.41 -21.83 -24.28
N ILE C 337 13.60 -23.06 -23.82
CA ILE C 337 13.09 -24.26 -24.46
C ILE C 337 12.07 -24.83 -23.47
N ALA C 338 10.98 -25.37 -23.99
CA ALA C 338 10.00 -26.05 -23.16
C ALA C 338 9.36 -27.18 -23.94
N GLY C 339 8.90 -28.20 -23.21
CA GLY C 339 8.31 -29.40 -23.81
C GLY C 339 8.62 -30.63 -22.98
N ARG C 340 8.07 -31.77 -23.39
CA ARG C 340 8.26 -33.05 -22.69
C ARG C 340 9.71 -33.49 -22.77
N TYR C 341 10.18 -34.25 -21.78
CA TYR C 341 11.59 -34.65 -21.76
C TYR C 341 11.86 -35.72 -22.84
N GLU C 342 12.16 -35.25 -24.06
CA GLU C 342 12.68 -36.06 -25.15
C GLU C 342 13.95 -35.36 -25.64
N TYR C 343 15.09 -35.72 -25.06
CA TYR C 343 16.34 -34.95 -25.20
C TYR C 343 16.81 -34.68 -26.66
N LYS C 344 16.74 -35.68 -27.53
CA LYS C 344 17.18 -35.58 -28.94
C LYS C 344 16.10 -34.97 -29.83
N ASN C 345 14.88 -35.48 -29.62
CA ASN C 345 13.76 -35.13 -30.48
C ASN C 345 13.29 -33.71 -30.34
N LYS C 346 13.29 -33.21 -29.10
CA LYS C 346 12.95 -31.81 -28.79
C LYS C 346 14.13 -30.87 -28.93
N GLY C 347 15.33 -31.42 -29.00
CA GLY C 347 16.50 -30.66 -29.40
C GLY C 347 17.19 -30.00 -28.26
N ALA C 348 17.01 -30.54 -27.05
CA ALA C 348 17.60 -30.00 -25.85
C ALA C 348 19.12 -30.06 -25.97
N ASP C 349 19.63 -31.08 -26.64
CA ASP C 349 21.07 -31.20 -26.92
C ASP C 349 21.61 -30.02 -27.73
N MET C 350 20.98 -29.69 -28.86
CA MET C 350 21.40 -28.56 -29.71
C MET C 350 21.30 -27.24 -28.97
N PHE C 351 20.22 -27.07 -28.21
CA PHE C 351 20.00 -25.87 -27.45
C PHE C 351 21.14 -25.59 -26.49
N ILE C 352 21.47 -26.59 -25.67
CA ILE C 352 22.52 -26.42 -24.69
C ILE C 352 23.86 -26.22 -25.39
N GLU C 353 24.13 -26.98 -26.46
CA GLU C 353 25.37 -26.81 -27.22
C GLU C 353 25.53 -25.40 -27.79
N ALA C 354 24.46 -24.89 -28.39
CA ALA C 354 24.44 -23.58 -29.01
C ALA C 354 24.62 -22.45 -27.99
N LEU C 355 24.02 -22.60 -26.83
CA LEU C 355 24.19 -21.61 -25.76
C LEU C 355 25.65 -21.52 -25.34
N ALA C 356 26.31 -22.67 -25.25
CA ALA C 356 27.73 -22.71 -24.92
C ALA C 356 28.59 -22.02 -25.94
N ARG C 357 28.33 -22.22 -27.23
CA ARG C 357 29.08 -21.50 -28.25
C ARG C 357 28.74 -20.02 -28.24
N LEU C 358 27.45 -19.71 -28.09
CA LEU C 358 26.98 -18.32 -27.95
C LEU C 358 27.70 -17.61 -26.81
N ASN C 359 27.88 -18.31 -25.69
CA ASN C 359 28.60 -17.75 -24.54
C ASN C 359 30.02 -17.34 -24.96
N TYR C 360 30.69 -18.23 -25.67
CA TYR C 360 32.04 -17.96 -26.19
C TYR C 360 32.07 -16.79 -27.19
N ARG C 361 31.10 -16.72 -28.10
CA ARG C 361 31.05 -15.61 -29.06
C ARG C 361 30.81 -14.30 -28.36
N LEU C 362 29.96 -14.31 -27.33
CA LEU C 362 29.62 -13.09 -26.61
C LEU C 362 30.79 -12.58 -25.76
N LYS C 363 31.52 -13.49 -25.12
CA LYS C 363 32.75 -13.13 -24.42
C LYS C 363 33.81 -12.54 -25.36
N VAL C 364 34.06 -13.23 -26.49
CA VAL C 364 35.04 -12.75 -27.46
C VAL C 364 34.71 -11.37 -28.03
N SER C 365 33.45 -11.12 -28.37
CA SER C 365 33.05 -9.81 -28.94
C SER C 365 32.80 -8.72 -27.88
N GLY C 366 32.99 -9.04 -26.60
CA GLY C 366 32.89 -8.07 -25.51
C GLY C 366 31.49 -7.53 -25.28
N SER C 367 30.49 -8.38 -25.47
CA SER C 367 29.09 -7.98 -25.37
C SER C 367 28.72 -7.70 -23.91
N LYS C 368 27.90 -6.67 -23.72
CA LYS C 368 27.42 -6.26 -22.41
C LYS C 368 26.10 -6.95 -22.07
N LYS C 369 25.48 -7.59 -23.06
CA LYS C 369 24.20 -8.25 -22.86
C LYS C 369 24.39 -9.52 -22.01
N THR C 370 23.30 -9.96 -21.40
CA THR C 370 23.27 -11.22 -20.66
C THR C 370 22.05 -12.01 -21.14
N VAL C 371 22.21 -13.32 -21.28
CA VAL C 371 21.13 -14.19 -21.69
C VAL C 371 20.91 -15.14 -20.53
N VAL C 372 19.66 -15.28 -20.11
CA VAL C 372 19.31 -16.25 -19.09
C VAL C 372 18.43 -17.30 -19.75
N ALA C 373 18.96 -18.51 -19.91
CA ALA C 373 18.26 -19.60 -20.61
C ALA C 373 17.53 -20.49 -19.62
N PHE C 374 16.23 -20.65 -19.83
CA PHE C 374 15.43 -21.61 -19.06
C PHE C 374 15.19 -22.85 -19.89
N ILE C 375 15.27 -24.00 -19.24
CA ILE C 375 14.83 -25.28 -19.79
C ILE C 375 13.69 -25.74 -18.90
N VAL C 376 12.50 -25.78 -19.47
CA VAL C 376 11.31 -26.25 -18.78
C VAL C 376 10.92 -27.61 -19.34
N MET C 377 11.42 -28.69 -18.71
CA MET C 377 11.17 -30.07 -19.16
C MET C 377 11.02 -30.99 -17.96
N PRO C 378 9.86 -31.68 -17.82
CA PRO C 378 9.63 -32.49 -16.63
C PRO C 378 10.63 -33.65 -16.47
N ALA C 379 11.19 -33.79 -15.27
CA ALA C 379 12.05 -34.92 -14.92
C ALA C 379 11.67 -35.40 -13.52
N LYS C 380 12.00 -36.66 -13.20
CA LYS C 380 11.72 -37.23 -11.86
C LYS C 380 12.39 -36.36 -10.80
N ASN C 381 11.62 -35.80 -9.87
CA ASN C 381 12.22 -34.95 -8.83
C ASN C 381 11.55 -35.03 -7.48
N ASN C 382 12.26 -34.52 -6.47
CA ASN C 382 11.76 -34.43 -5.09
C ASN C 382 11.49 -33.00 -4.73
N SER C 383 10.79 -32.28 -5.60
CA SER C 383 10.38 -30.90 -5.37
C SER C 383 11.58 -29.92 -5.42
N PHE C 384 11.28 -28.67 -5.08
CA PHE C 384 12.23 -27.55 -5.13
C PHE C 384 13.30 -27.73 -4.06
N THR C 385 14.52 -27.26 -4.36
CA THR C 385 15.61 -27.24 -3.37
C THR C 385 15.28 -26.23 -2.32
N VAL C 386 15.67 -26.52 -1.09
CA VAL C 386 15.66 -25.49 -0.05
C VAL C 386 16.32 -24.18 -0.49
N GLU C 387 17.41 -24.26 -1.25
CA GLU C 387 18.13 -23.06 -1.67
C GLU C 387 17.27 -22.12 -2.50
N ALA C 388 16.57 -22.69 -3.48
CA ALA C 388 15.73 -21.91 -4.38
C ALA C 388 14.57 -21.23 -3.68
N LEU C 389 14.05 -21.86 -2.62
CA LEU C 389 12.96 -21.30 -1.83
C LEU C 389 13.43 -20.16 -0.90
N LYS C 390 14.54 -20.41 -0.20
CA LYS C 390 15.13 -19.45 0.76
C LYS C 390 15.49 -18.15 0.09
N GLY C 391 16.07 -18.25 -1.11
CA GLY C 391 16.43 -17.07 -1.89
C GLY C 391 15.23 -16.16 -2.18
N GLN C 392 14.14 -16.77 -2.64
CA GLN C 392 12.88 -16.07 -2.84
C GLN C 392 12.45 -15.39 -1.53
N ALA C 393 12.47 -16.13 -0.42
CA ALA C 393 12.14 -15.58 0.91
C ALA C 393 13.08 -14.45 1.35
N GLU C 394 14.38 -14.65 1.09
CA GLU C 394 15.41 -13.68 1.44
C GLU C 394 15.16 -12.38 0.64
N VAL C 395 14.89 -12.49 -0.67
CA VAL C 395 14.62 -11.33 -1.52
C VAL C 395 13.31 -10.64 -1.14
N ARG C 396 12.26 -11.41 -0.92
CA ARG C 396 11.00 -10.83 -0.43
C ARG C 396 11.19 -10.07 0.87
N ALA C 397 12.00 -10.58 1.79
CA ALA C 397 12.27 -9.91 3.09
C ALA C 397 13.03 -8.58 2.96
N LEU C 398 14.02 -8.55 2.07
CA LEU C 398 14.70 -7.31 1.72
C LEU C 398 13.72 -6.29 1.16
N GLU C 399 12.86 -6.71 0.22
CA GLU C 399 11.84 -5.83 -0.38
C GLU C 399 10.99 -5.12 0.67
N ASN C 400 10.54 -5.85 1.69
CA ASN C 400 9.70 -5.26 2.75
C ASN C 400 10.49 -4.34 3.66
N THR C 401 11.76 -4.66 3.92
CA THR C 401 12.60 -3.76 4.70
C THR C 401 12.80 -2.46 3.94
N VAL C 402 13.07 -2.55 2.64
CA VAL C 402 13.16 -1.36 1.78
C VAL C 402 11.87 -0.54 1.81
N HIS C 403 10.73 -1.21 1.79
CA HIS C 403 9.46 -0.52 1.89
C HIS C 403 9.36 0.22 3.23
N GLU C 404 9.75 -0.43 4.33
CA GLU C 404 9.74 0.24 5.63
C GLU C 404 10.61 1.48 5.62
N VAL C 405 11.81 1.32 5.10
CA VAL C 405 12.75 2.41 5.04
C VAL C 405 12.25 3.57 4.17
N THR C 406 11.66 3.29 3.01
CA THR C 406 11.15 4.41 2.18
C THR C 406 9.94 5.15 2.79
N THR C 407 9.12 4.48 3.57
CA THR C 407 8.04 5.14 4.29
C THR C 407 8.60 6.20 5.21
N SER C 408 9.65 5.84 5.97
CA SER C 408 10.33 6.79 6.86
C SER C 408 10.97 7.90 6.09
N ILE C 409 11.71 7.55 5.03
CA ILE C 409 12.27 8.56 4.14
C ILE C 409 11.17 9.56 3.73
N GLY C 410 9.99 9.03 3.39
CA GLY C 410 8.84 9.83 3.05
C GLY C 410 8.40 10.82 4.08
N LYS C 411 8.31 10.40 5.33
CA LYS C 411 7.95 11.33 6.42
C LYS C 411 8.95 12.48 6.45
N ARG C 412 10.22 12.16 6.20
CA ARG C 412 11.30 13.13 6.32
C ARG C 412 11.39 14.12 5.15
N ILE C 413 11.22 13.66 3.92
CA ILE C 413 11.18 14.56 2.77
C ILE C 413 9.97 15.48 2.94
N PHE C 414 8.85 14.88 3.33
CA PHE C 414 7.61 15.60 3.52
C PHE C 414 7.78 16.70 4.55
N ASP C 415 8.37 16.39 5.72
CA ASP C 415 8.54 17.40 6.74
C ASP C 415 9.39 18.51 6.21
N HIS C 416 10.48 18.16 5.54
CA HIS C 416 11.37 19.16 5.01
C HIS C 416 10.64 20.12 4.05
N ALA C 417 9.91 19.53 3.11
CA ALA C 417 9.17 20.27 2.09
C ALA C 417 8.12 21.16 2.67
N ILE C 418 7.34 20.68 3.63
CA ILE C 418 6.27 21.50 4.23
C ILE C 418 6.80 22.57 5.18
N ARG C 419 8.00 22.39 5.71
CA ARG C 419 8.56 23.29 6.70
C ARG C 419 9.35 24.40 5.99
N TYR C 420 9.83 24.12 4.79
CA TYR C 420 10.69 25.06 4.07
C TYR C 420 9.99 26.41 3.85
N PRO C 421 10.66 27.55 4.05
CA PRO C 421 12.08 27.68 4.44
C PRO C 421 12.30 28.02 5.93
N HIS C 422 11.47 27.52 6.83
CA HIS C 422 11.58 27.87 8.25
C HIS C 422 12.50 26.93 8.99
N ASN C 423 12.85 27.30 10.22
CA ASN C 423 13.66 26.49 11.14
C ASN C 423 14.99 26.10 10.49
N GLY C 424 15.61 27.06 9.83
CA GLY C 424 16.92 26.87 9.23
C GLY C 424 16.99 25.93 8.05
N LEU C 425 15.86 25.64 7.42
CA LEU C 425 15.86 24.84 6.20
C LEU C 425 16.00 25.79 5.01
N THR C 426 17.23 25.91 4.55
CA THR C 426 17.66 26.93 3.63
C THR C 426 17.55 26.47 2.16
N THR C 427 17.62 25.16 1.89
CA THR C 427 17.33 24.59 0.55
C THR C 427 15.95 23.93 0.50
N GLU C 428 15.25 24.01 -0.62
CA GLU C 428 13.92 23.41 -0.75
C GLU C 428 13.87 21.91 -0.44
N LEU C 429 14.92 21.19 -0.78
CA LEU C 429 14.95 19.75 -0.54
C LEU C 429 16.14 19.36 0.33
N PRO C 430 16.09 18.13 0.89
CA PRO C 430 17.27 17.62 1.57
C PRO C 430 18.38 17.42 0.58
N THR C 431 19.61 17.65 1.03
CA THR C 431 20.80 17.51 0.18
C THR C 431 21.72 16.38 0.64
N ASP C 432 21.79 16.17 1.95
CA ASP C 432 22.57 15.08 2.54
C ASP C 432 21.70 13.85 2.77
N LEU C 433 22.23 12.68 2.45
CA LEU C 433 21.51 11.42 2.66
C LEU C 433 21.18 11.21 4.13
N GLY C 434 22.10 11.55 5.01
CA GLY C 434 21.87 11.46 6.45
C GLY C 434 20.64 12.13 7.03
N GLU C 435 20.12 13.18 6.41
CA GLU C 435 18.80 13.75 6.81
C GLU C 435 17.64 12.74 6.67
N LEU C 436 17.78 11.83 5.73
CA LEU C 436 16.70 10.90 5.38
C LEU C 436 16.95 9.49 5.90
N LEU C 437 18.15 8.97 5.68
CA LEU C 437 18.52 7.62 6.06
C LEU C 437 19.21 7.59 7.43
N LYS C 438 18.49 7.12 8.46
CA LYS C 438 19.02 6.98 9.83
C LYS C 438 19.70 5.64 10.06
N SER C 439 20.44 5.53 11.17
CA SER C 439 21.28 4.35 11.42
C SER C 439 20.47 3.10 11.71
N SER C 440 19.32 3.23 12.39
CA SER C 440 18.43 2.08 12.59
C SER C 440 17.90 1.50 11.25
N ASP C 441 17.63 2.39 10.28
CA ASP C 441 17.29 2.01 8.89
C ASP C 441 18.46 1.29 8.25
N LYS C 442 19.67 1.83 8.40
CA LYS C 442 20.89 1.21 7.85
C LYS C 442 21.21 -0.16 8.43
N VAL C 443 20.85 -0.38 9.70
CA VAL C 443 21.15 -1.65 10.38
C VAL C 443 20.28 -2.79 9.86
N MET C 444 18.96 -2.54 9.69
CA MET C 444 18.06 -3.56 9.12
C MET C 444 18.32 -3.82 7.64
N LEU C 445 18.70 -2.81 6.87
CA LEU C 445 19.06 -3.04 5.46
C LEU C 445 20.30 -3.92 5.33
N LYS C 446 21.27 -3.71 6.23
CA LYS C 446 22.53 -4.46 6.21
C LYS C 446 22.36 -5.90 6.65
N ARG C 447 21.40 -6.14 7.54
CA ARG C 447 21.02 -7.51 7.94
C ARG C 447 20.43 -8.30 6.78
N ARG C 448 19.54 -7.66 6.01
CA ARG C 448 18.94 -8.31 4.87
C ARG C 448 19.98 -8.56 3.75
N ILE C 449 20.97 -7.67 3.63
CA ILE C 449 22.03 -7.86 2.65
C ILE C 449 22.89 -9.05 3.04
N LEU C 450 23.11 -9.22 4.34
CA LEU C 450 23.87 -10.34 4.85
C LEU C 450 23.16 -11.67 4.59
N ALA C 451 21.82 -11.68 4.71
CA ALA C 451 21.04 -12.91 4.48
C ALA C 451 21.08 -13.38 3.03
N LEU C 452 21.28 -12.46 2.10
CA LEU C 452 21.46 -12.76 0.68
C LEU C 452 22.86 -13.24 0.27
N ARG C 453 23.85 -12.97 1.11
CA ARG C 453 25.23 -13.33 0.86
C ARG C 453 25.31 -14.84 0.73
N ARG C 454 26.10 -15.34 -0.22
CA ARG C 454 26.33 -16.78 -0.31
C ARG C 454 27.82 -17.14 -0.13
N PRO C 455 28.11 -18.35 0.40
CA PRO C 455 29.50 -18.74 0.76
C PRO C 455 30.54 -18.55 -0.35
N GLU C 456 31.80 -18.43 0.04
CA GLU C 456 32.92 -18.20 -0.89
C GLU C 456 32.93 -19.22 -2.02
N GLY C 457 32.98 -18.71 -3.26
CA GLY C 457 33.05 -19.56 -4.43
C GLY C 457 31.79 -20.31 -4.87
N GLN C 458 30.68 -20.19 -4.13
CA GLN C 458 29.43 -20.88 -4.49
C GLN C 458 28.70 -20.13 -5.62
N LEU C 459 28.32 -20.87 -6.65
CA LEU C 459 27.74 -20.31 -7.87
C LEU C 459 26.24 -20.57 -7.88
N PRO C 460 25.45 -19.64 -8.51
CA PRO C 460 23.99 -19.84 -8.66
C PRO C 460 23.70 -21.16 -9.37
N PRO C 461 22.77 -21.97 -8.84
CA PRO C 461 22.62 -23.29 -9.41
C PRO C 461 22.20 -23.33 -10.88
N ILE C 462 22.40 -24.50 -11.49
CA ILE C 462 21.92 -24.78 -12.82
C ILE C 462 20.57 -25.52 -12.78
N VAL C 463 19.98 -25.67 -11.59
CA VAL C 463 18.74 -26.41 -11.44
C VAL C 463 18.03 -26.00 -10.16
N THR C 464 16.69 -26.03 -10.19
CA THR C 464 15.87 -25.50 -9.12
C THR C 464 15.31 -26.57 -8.20
N HIS C 465 15.44 -27.83 -8.59
CA HIS C 465 14.83 -28.94 -7.88
C HIS C 465 15.92 -29.90 -7.46
N ASN C 466 15.59 -30.74 -6.47
CA ASN C 466 16.41 -31.90 -6.16
C ASN C 466 15.98 -33.01 -7.08
N MET C 467 16.93 -33.51 -7.87
CA MET C 467 16.64 -34.55 -8.85
C MET C 467 16.68 -35.93 -8.19
N VAL C 468 15.83 -36.83 -8.70
CA VAL C 468 16.03 -38.26 -8.56
C VAL C 468 17.04 -38.57 -9.66
N ASP C 469 18.19 -39.11 -9.30
CA ASP C 469 19.23 -39.49 -10.29
C ASP C 469 19.88 -38.29 -11.02
N ASP C 470 20.33 -37.32 -10.23
CA ASP C 470 21.07 -36.15 -10.72
C ASP C 470 22.24 -36.51 -11.65
N ALA C 471 23.07 -37.45 -11.20
CA ALA C 471 24.28 -37.87 -11.92
C ALA C 471 24.06 -38.50 -13.32
N ASN C 472 22.86 -39.07 -13.57
CA ASN C 472 22.53 -39.67 -14.87
C ASN C 472 21.58 -38.87 -15.75
N ASP C 473 21.03 -37.77 -15.24
CA ASP C 473 20.15 -36.91 -16.04
C ASP C 473 20.86 -36.38 -17.31
N LEU C 474 20.15 -36.41 -18.42
CA LEU C 474 20.74 -36.08 -19.72
C LEU C 474 21.04 -34.60 -19.90
N ILE C 475 20.11 -33.76 -19.44
CA ILE C 475 20.25 -32.32 -19.53
C ILE C 475 21.37 -31.82 -18.60
N LEU C 476 21.35 -32.24 -17.34
CA LEU C 476 22.38 -31.80 -16.41
C LEU C 476 23.79 -32.22 -16.85
N ASN C 477 23.95 -33.46 -17.30
CA ASN C 477 25.27 -33.93 -17.79
C ASN C 477 25.77 -33.13 -18.98
N LYS C 478 24.85 -32.71 -19.85
CA LYS C 478 25.19 -31.87 -21.00
C LYS C 478 25.58 -30.44 -20.60
N ILE C 479 24.91 -29.90 -19.59
CA ILE C 479 25.24 -28.57 -19.09
C ILE C 479 26.62 -28.61 -18.41
N ARG C 480 26.90 -29.71 -17.71
CA ARG C 480 28.23 -29.94 -17.09
C ARG C 480 29.33 -30.15 -18.14
N GLN C 481 29.03 -30.91 -19.19
CA GLN C 481 29.98 -31.12 -20.28
C GLN C 481 30.42 -29.79 -20.92
N VAL C 482 29.49 -28.90 -21.23
CA VAL C 482 29.80 -27.60 -21.87
C VAL C 482 30.27 -26.50 -20.89
N GLN C 483 30.18 -26.81 -19.60
CA GLN C 483 30.70 -25.98 -18.50
C GLN C 483 30.06 -24.60 -18.44
N LEU C 484 28.73 -24.61 -18.49
CA LEU C 484 27.93 -23.44 -18.22
C LEU C 484 27.48 -23.59 -16.79
N PHE C 485 28.32 -23.09 -15.87
CA PHE C 485 28.10 -23.20 -14.43
C PHE C 485 27.61 -21.91 -13.78
N ASN C 486 27.16 -20.96 -14.61
CA ASN C 486 26.67 -19.66 -14.15
C ASN C 486 27.76 -18.93 -13.38
N SER C 487 28.93 -18.90 -14.00
CA SER C 487 30.07 -18.14 -13.51
C SER C 487 29.83 -16.67 -13.84
N PRO C 488 30.46 -15.73 -13.12
CA PRO C 488 30.25 -14.30 -13.44
C PRO C 488 30.71 -13.87 -14.84
N SER C 489 31.74 -14.52 -15.37
CA SER C 489 32.28 -14.20 -16.68
C SER C 489 31.43 -14.73 -17.84
N ASP C 490 30.63 -15.79 -17.59
CA ASP C 490 29.65 -16.31 -18.56
C ASP C 490 28.56 -15.27 -18.87
N ARG C 491 28.42 -14.91 -20.15
CA ARG C 491 27.33 -14.04 -20.59
C ARG C 491 26.02 -14.82 -20.88
N VAL C 492 26.04 -16.14 -20.76
CA VAL C 492 24.85 -16.96 -20.90
C VAL C 492 24.67 -17.75 -19.61
N LYS C 493 23.49 -17.64 -19.01
CA LYS C 493 23.17 -18.36 -17.77
C LYS C 493 22.17 -19.46 -18.07
N MET C 494 22.25 -20.52 -17.28
CA MET C 494 21.46 -21.72 -17.47
C MET C 494 20.59 -21.91 -16.24
N ILE C 495 19.29 -22.12 -16.42
CA ILE C 495 18.40 -22.55 -15.33
C ILE C 495 17.48 -23.67 -15.81
N PHE C 496 17.64 -24.85 -15.22
CA PHE C 496 16.85 -26.01 -15.56
C PHE C 496 15.75 -26.14 -14.53
N HIS C 497 14.51 -26.06 -14.99
CA HIS C 497 13.34 -26.18 -14.15
C HIS C 497 12.55 -27.46 -14.54
N PRO C 498 12.86 -28.59 -13.88
CA PRO C 498 12.35 -29.90 -14.31
C PRO C 498 10.89 -30.22 -13.93
N GLU C 499 9.99 -29.28 -14.20
CA GLU C 499 8.55 -29.43 -13.94
C GLU C 499 7.88 -28.46 -14.90
N PHE C 500 6.61 -28.68 -15.19
CA PHE C 500 5.86 -27.72 -16.02
C PHE C 500 5.49 -26.54 -15.15
N LEU C 501 5.36 -25.37 -15.80
CA LEU C 501 5.06 -24.13 -15.08
C LEU C 501 3.62 -24.10 -14.69
N ASN C 502 3.35 -23.51 -13.55
CA ASN C 502 1.99 -23.34 -13.06
C ASN C 502 2.01 -22.15 -12.11
N ALA C 503 0.96 -21.35 -12.13
CA ALA C 503 0.87 -20.17 -11.28
C ALA C 503 0.94 -20.41 -9.75
N ASN C 504 0.64 -21.61 -9.26
CA ASN C 504 0.86 -21.96 -7.83
C ASN C 504 2.29 -22.34 -7.47
N ASN C 505 3.17 -22.35 -8.45
CA ASN C 505 4.58 -22.60 -8.24
C ASN C 505 5.14 -21.52 -7.30
N PRO C 506 5.75 -21.94 -6.18
CA PRO C 506 6.23 -20.99 -5.15
C PRO C 506 7.41 -20.11 -5.53
N ILE C 507 8.25 -20.52 -6.48
CA ILE C 507 9.43 -19.69 -6.89
C ILE C 507 9.23 -18.85 -8.18
N LEU C 508 8.31 -19.27 -9.04
CA LEU C 508 8.09 -18.61 -10.33
C LEU C 508 6.62 -18.77 -10.62
N GLY C 509 5.82 -17.94 -9.97
CA GLY C 509 4.37 -18.11 -9.95
C GLY C 509 3.66 -17.66 -11.22
N LEU C 510 4.01 -18.28 -12.32
CA LEU C 510 3.47 -17.97 -13.62
C LEU C 510 2.85 -19.22 -14.17
N ASP C 511 1.75 -19.06 -14.91
CA ASP C 511 1.30 -20.10 -15.84
C ASP C 511 2.18 -20.08 -17.06
N TYR C 512 2.28 -21.21 -17.74
CA TYR C 512 3.16 -21.32 -18.87
C TYR C 512 2.94 -20.20 -19.91
N ASP C 513 1.68 -19.94 -20.28
CA ASP C 513 1.33 -18.86 -21.23
C ASP C 513 1.93 -17.51 -20.79
N GLU C 514 1.79 -17.17 -19.51
CA GLU C 514 2.32 -15.92 -18.96
C GLU C 514 3.84 -15.87 -19.05
N PHE C 515 4.49 -16.96 -18.64
CA PHE C 515 5.93 -17.06 -18.73
C PHE C 515 6.41 -16.84 -20.18
N VAL C 516 5.73 -17.48 -21.15
CA VAL C 516 6.07 -17.30 -22.57
C VAL C 516 6.01 -15.82 -22.97
N ARG C 517 4.97 -15.12 -22.52
CA ARG C 517 4.84 -13.68 -22.80
C ARG C 517 5.99 -12.89 -22.21
N GLY C 518 6.40 -13.26 -21.00
CA GLY C 518 7.53 -12.62 -20.35
C GLY C 518 8.84 -12.77 -21.07
N CYS C 519 9.07 -13.93 -21.69
CA CYS C 519 10.37 -14.17 -22.31
C CYS C 519 10.56 -13.34 -23.59
N HIS C 520 11.77 -13.40 -24.14
CA HIS C 520 12.12 -12.69 -25.36
C HIS C 520 12.19 -13.59 -26.58
N LEU C 521 12.70 -14.80 -26.41
CA LEU C 521 12.88 -15.74 -27.54
C LEU C 521 12.61 -17.19 -27.12
N GLY C 522 11.73 -17.85 -27.86
CA GLY C 522 11.52 -19.30 -27.70
C GLY C 522 12.49 -20.05 -28.62
N VAL C 523 13.06 -21.16 -28.13
CA VAL C 523 14.05 -21.92 -28.90
C VAL C 523 13.75 -23.43 -28.85
N PHE C 524 13.28 -23.95 -29.97
CA PHE C 524 12.74 -25.31 -30.05
C PHE C 524 13.34 -26.02 -31.26
N PRO C 525 14.62 -26.43 -31.14
CA PRO C 525 15.31 -26.96 -32.31
C PRO C 525 15.07 -28.46 -32.44
N SER C 526 13.80 -28.82 -32.63
CA SER C 526 13.39 -30.22 -32.67
C SER C 526 13.97 -30.94 -33.88
N TYR C 527 14.34 -32.20 -33.69
CA TYR C 527 14.62 -33.10 -34.80
C TYR C 527 13.35 -33.83 -35.22
N TYR C 528 12.51 -34.22 -34.25
CA TYR C 528 11.25 -34.90 -34.52
C TYR C 528 10.11 -34.12 -33.90
N GLU C 529 9.25 -33.56 -34.78
CA GLU C 529 8.17 -32.67 -34.37
C GLU C 529 7.10 -32.61 -35.45
N PRO C 530 6.12 -33.51 -35.35
CA PRO C 530 5.01 -33.53 -36.32
C PRO C 530 4.31 -32.20 -36.53
N TRP C 531 4.16 -31.39 -35.49
CA TRP C 531 3.73 -30.00 -35.65
C TRP C 531 4.57 -29.05 -34.82
N GLY C 532 4.38 -29.11 -33.50
CA GLY C 532 5.09 -28.24 -32.54
C GLY C 532 4.27 -27.02 -32.20
N TYR C 533 3.32 -27.20 -31.29
CA TYR C 533 2.57 -26.10 -30.71
C TYR C 533 3.45 -25.11 -29.93
N THR C 534 4.57 -25.61 -29.46
CA THR C 534 5.43 -24.81 -28.64
C THR C 534 5.85 -23.47 -29.32
N PRO C 535 6.39 -23.51 -30.54
CA PRO C 535 6.68 -22.25 -31.27
C PRO C 535 5.45 -21.53 -31.81
N ALA C 536 4.41 -22.30 -32.14
CA ALA C 536 3.16 -21.72 -32.60
C ALA C 536 2.54 -20.83 -31.50
N GLU C 537 2.52 -21.34 -30.27
CA GLU C 537 2.06 -20.56 -29.11
C GLU C 537 2.86 -19.29 -28.89
N CYS C 538 4.16 -19.33 -29.11
CA CYS C 538 4.96 -18.12 -29.08
C CYS C 538 4.53 -17.11 -30.12
N THR C 539 4.24 -17.59 -31.31
CA THR C 539 3.93 -16.69 -32.43
C THR C 539 2.66 -15.91 -32.14
N VAL C 540 1.62 -16.64 -31.74
CA VAL C 540 0.35 -16.04 -31.31
C VAL C 540 0.50 -15.02 -30.15
N MET C 541 1.49 -15.21 -29.28
CA MET C 541 1.76 -14.26 -28.22
C MET C 541 2.78 -13.19 -28.57
N GLY C 542 3.15 -13.08 -29.85
CA GLY C 542 4.09 -12.04 -30.28
C GLY C 542 5.51 -12.21 -29.74
N VAL C 543 5.90 -13.46 -29.51
CA VAL C 543 7.22 -13.80 -29.03
C VAL C 543 7.92 -14.54 -30.16
N PRO C 544 9.05 -14.01 -30.66
CA PRO C 544 9.78 -14.73 -31.72
C PRO C 544 10.28 -16.10 -31.29
N SER C 545 10.37 -17.03 -32.23
CA SER C 545 10.77 -18.40 -31.92
C SER C 545 11.70 -18.96 -32.99
N ILE C 546 12.62 -19.82 -32.53
CA ILE C 546 13.48 -20.59 -33.43
C ILE C 546 12.88 -21.99 -33.52
N THR C 547 12.56 -22.43 -34.73
CA THR C 547 12.16 -23.85 -34.99
C THR C 547 13.04 -24.49 -36.11
N THR C 548 12.67 -25.67 -36.58
CA THR C 548 13.43 -26.35 -37.64
C THR C 548 12.56 -26.66 -38.83
N ASN C 549 13.23 -26.88 -39.97
CA ASN C 549 12.56 -27.27 -41.23
C ASN C 549 12.08 -28.73 -41.27
N VAL C 550 12.33 -29.51 -40.23
CA VAL C 550 11.79 -30.88 -40.11
C VAL C 550 10.62 -30.99 -39.14
N SER C 551 10.11 -29.83 -38.71
CA SER C 551 8.99 -29.73 -37.79
C SER C 551 7.77 -29.34 -38.61
N GLY C 552 6.58 -29.81 -38.24
CA GLY C 552 5.38 -29.51 -39.02
C GLY C 552 5.18 -28.01 -39.17
N PHE C 553 5.27 -27.30 -38.03
CA PHE C 553 5.04 -25.86 -37.95
C PHE C 553 6.08 -25.12 -38.77
N GLY C 554 7.34 -25.49 -38.63
CA GLY C 554 8.41 -24.82 -39.39
C GLY C 554 8.28 -25.01 -40.90
N SER C 555 8.01 -26.25 -41.35
CA SER C 555 7.76 -26.54 -42.78
C SER C 555 6.61 -25.71 -43.30
N TYR C 556 5.51 -25.72 -42.54
CA TYR C 556 4.32 -24.94 -42.84
C TYR C 556 4.56 -23.43 -42.98
N MET C 557 5.29 -22.83 -42.04
CA MET C 557 5.59 -21.40 -42.10
C MET C 557 6.59 -21.08 -43.20
N GLU C 558 7.59 -21.96 -43.37
CA GLU C 558 8.54 -21.86 -44.49
C GLU C 558 7.83 -21.76 -45.85
N ASP C 559 6.72 -22.49 -45.99
CA ASP C 559 5.93 -22.50 -47.23
C ASP C 559 5.17 -21.18 -47.48
N LEU C 560 4.90 -20.43 -46.42
CA LEU C 560 4.15 -19.17 -46.50
C LEU C 560 5.01 -17.91 -46.59
N ILE C 561 6.20 -17.94 -46.01
CA ILE C 561 7.06 -16.75 -45.94
C ILE C 561 8.45 -17.08 -46.48
N GLU C 562 8.98 -16.20 -47.33
CA GLU C 562 10.36 -16.34 -47.81
C GLU C 562 11.33 -16.31 -46.62
N THR C 563 12.22 -17.30 -46.55
CA THR C 563 12.92 -17.65 -45.29
C THR C 563 13.79 -16.54 -44.64
N ASN C 564 14.25 -15.57 -45.41
CA ASN C 564 14.95 -14.38 -44.87
C ASN C 564 13.94 -13.33 -44.32
N GLN C 565 12.82 -13.14 -45.02
CA GLN C 565 11.74 -12.29 -44.50
C GLN C 565 11.14 -12.85 -43.21
N ALA C 566 11.09 -14.18 -43.11
CA ALA C 566 10.58 -14.89 -41.92
C ALA C 566 11.25 -14.51 -40.59
N LYS C 567 12.53 -14.16 -40.64
CA LYS C 567 13.28 -13.71 -39.46
C LYS C 567 12.78 -12.37 -38.93
N ASP C 568 12.43 -11.47 -39.84
CA ASP C 568 11.88 -10.15 -39.48
C ASP C 568 10.47 -10.23 -38.87
N TYR C 569 9.75 -11.33 -39.10
CA TYR C 569 8.46 -11.61 -38.46
C TYR C 569 8.60 -12.61 -37.29
N GLY C 570 9.81 -12.78 -36.78
CA GLY C 570 10.11 -13.64 -35.63
C GLY C 570 9.89 -15.13 -35.82
N ILE C 571 10.20 -15.60 -37.02
CA ILE C 571 10.17 -17.03 -37.35
C ILE C 571 11.54 -17.41 -37.89
N TYR C 572 12.40 -17.82 -36.97
CA TYR C 572 13.73 -18.32 -37.29
C TYR C 572 13.66 -19.83 -37.50
N ILE C 573 14.10 -20.30 -38.68
CA ILE C 573 14.05 -21.73 -39.03
C ILE C 573 15.46 -22.27 -39.24
N VAL C 574 15.84 -23.28 -38.47
CA VAL C 574 17.16 -23.92 -38.59
C VAL C 574 17.04 -25.11 -39.52
N ASP C 575 17.99 -25.18 -40.46
CA ASP C 575 18.04 -26.26 -41.44
C ASP C 575 18.70 -27.50 -40.81
N ARG C 576 17.88 -28.49 -40.47
CA ARG C 576 18.34 -29.80 -39.98
C ARG C 576 18.08 -30.96 -40.96
N ARG C 577 17.77 -30.64 -42.21
CA ARG C 577 17.54 -31.64 -43.25
C ARG C 577 18.74 -31.71 -44.19
N PHE C 578 19.15 -30.57 -44.74
CA PHE C 578 20.20 -30.48 -45.76
C PHE C 578 21.55 -29.97 -45.21
N LYS C 579 21.79 -30.09 -43.91
CA LYS C 579 23.03 -29.62 -43.31
C LYS C 579 23.54 -30.64 -42.31
N ALA C 580 24.86 -30.70 -42.18
CA ALA C 580 25.49 -31.52 -41.14
C ALA C 580 25.07 -30.96 -39.77
N PRO C 581 24.80 -31.85 -38.78
CA PRO C 581 24.45 -31.39 -37.44
C PRO C 581 25.27 -30.21 -36.90
N ASP C 582 26.58 -30.22 -37.13
CA ASP C 582 27.44 -29.10 -36.72
C ASP C 582 27.17 -27.78 -37.48
N GLU C 583 26.74 -27.85 -38.73
CA GLU C 583 26.35 -26.64 -39.44
C GLU C 583 25.04 -26.09 -38.87
N SER C 584 24.13 -26.98 -38.47
CA SER C 584 22.88 -26.58 -37.84
C SER C 584 23.11 -25.87 -36.51
N VAL C 585 23.97 -26.43 -35.67
CA VAL C 585 24.31 -25.81 -34.40
C VAL C 585 24.85 -24.41 -34.67
N GLU C 586 25.79 -24.30 -35.59
CA GLU C 586 26.33 -22.98 -35.95
C GLU C 586 25.28 -22.02 -36.50
N GLN C 587 24.30 -22.52 -37.21
CA GLN C 587 23.21 -21.68 -37.73
C GLN C 587 22.32 -21.18 -36.59
N LEU C 588 21.92 -22.08 -35.71
CA LEU C 588 21.18 -21.76 -34.48
C LEU C 588 21.92 -20.69 -33.66
N VAL C 589 23.23 -20.85 -33.53
CA VAL C 589 24.05 -19.87 -32.82
C VAL C 589 24.01 -18.54 -33.57
N ASP C 590 24.19 -18.56 -34.89
CA ASP C 590 24.12 -17.31 -35.66
C ASP C 590 22.83 -16.58 -35.34
N TYR C 591 21.72 -17.32 -35.29
CA TYR C 591 20.41 -16.73 -35.02
C TYR C 591 20.36 -16.08 -33.64
N MET C 592 20.74 -16.85 -32.63
CA MET C 592 20.78 -16.33 -31.27
C MET C 592 21.59 -15.03 -31.16
N GLU C 593 22.81 -15.05 -31.71
CA GLU C 593 23.70 -13.88 -31.68
C GLU C 593 23.13 -12.66 -32.45
N GLU C 594 22.47 -12.92 -33.57
CA GLU C 594 21.79 -11.87 -34.34
C GLU C 594 20.65 -11.22 -33.53
N PHE C 595 19.97 -12.03 -32.73
CA PHE C 595 18.92 -11.55 -31.85
C PHE C 595 19.48 -10.79 -30.66
N VAL C 596 20.56 -11.29 -30.08
CA VAL C 596 21.21 -10.64 -28.96
C VAL C 596 21.70 -9.24 -29.34
N LYS C 597 22.16 -9.06 -30.58
CA LYS C 597 22.60 -7.74 -31.09
C LYS C 597 21.48 -6.69 -31.25
N LYS C 598 20.22 -7.13 -31.30
CA LYS C 598 19.12 -6.20 -31.49
C LYS C 598 18.99 -5.21 -30.32
N THR C 599 18.69 -3.97 -30.67
CA THR C 599 18.24 -2.95 -29.74
C THR C 599 16.82 -3.24 -29.28
N ARG C 600 16.41 -2.54 -28.24
CA ARG C 600 15.06 -2.67 -27.69
C ARG C 600 14.00 -2.28 -28.73
N ARG C 601 14.18 -1.15 -29.42
CA ARG C 601 13.21 -0.71 -30.43
C ARG C 601 12.97 -1.79 -31.44
N GLN C 602 14.05 -2.44 -31.88
CA GLN C 602 13.99 -3.50 -32.88
C GLN C 602 13.32 -4.76 -32.37
N ARG C 603 13.50 -5.04 -31.09
CA ARG C 603 12.76 -6.10 -30.42
C ARG C 603 11.27 -5.83 -30.36
N ILE C 604 10.92 -4.60 -29.99
CA ILE C 604 9.52 -4.19 -29.88
C ILE C 604 8.87 -4.26 -31.26
N ASN C 605 9.56 -3.78 -32.30
CA ASN C 605 9.03 -3.83 -33.68
C ASN C 605 8.88 -5.25 -34.25
N GLN C 606 9.83 -6.14 -33.92
CA GLN C 606 9.77 -7.54 -34.36
C GLN C 606 8.61 -8.30 -33.72
N ARG C 607 8.39 -8.09 -32.42
CA ARG C 607 7.23 -8.67 -31.72
C ARG C 607 5.89 -8.27 -32.33
N ASN C 608 5.76 -7.01 -32.77
CA ASN C 608 4.55 -6.55 -33.44
C ASN C 608 4.35 -7.28 -34.75
N ARG C 609 5.41 -7.36 -35.54
CA ARG C 609 5.37 -8.10 -36.81
C ARG C 609 5.05 -9.56 -36.52
N THR C 610 5.65 -10.15 -35.48
CA THR C 610 5.32 -11.53 -35.10
C THR C 610 3.84 -11.70 -34.78
N GLU C 611 3.27 -10.74 -34.04
CA GLU C 611 1.87 -10.79 -33.61
C GLU C 611 0.90 -10.82 -34.78
N ARG C 612 1.24 -10.09 -35.85
CA ARG C 612 0.40 -10.00 -37.05
C ARG C 612 0.18 -11.35 -37.70
N LEU C 613 1.21 -12.22 -37.69
CA LEU C 613 1.09 -13.61 -38.13
C LEU C 613 0.04 -14.48 -37.40
N SER C 614 -0.45 -14.05 -36.24
CA SER C 614 -1.49 -14.76 -35.49
C SER C 614 -2.65 -15.23 -36.34
N ASP C 615 -3.14 -14.35 -37.22
CA ASP C 615 -4.29 -14.69 -38.09
C ASP C 615 -4.07 -15.98 -38.91
N LEU C 616 -2.85 -16.21 -39.37
CA LEU C 616 -2.52 -17.44 -40.12
C LEU C 616 -2.69 -18.72 -39.32
N LEU C 617 -2.56 -18.65 -37.99
CA LEU C 617 -2.73 -19.82 -37.11
C LEU C 617 -4.08 -19.91 -36.38
N ASP C 618 -5.03 -19.02 -36.67
CA ASP C 618 -6.36 -19.09 -36.06
C ASP C 618 -7.13 -20.32 -36.57
N TRP C 619 -7.72 -21.08 -35.64
CA TRP C 619 -8.72 -22.12 -35.97
C TRP C 619 -9.84 -21.68 -36.93
N LYS C 620 -10.22 -20.39 -36.95
CA LYS C 620 -11.14 -19.87 -37.97
C LYS C 620 -10.66 -20.11 -39.42
N ARG C 621 -9.35 -20.26 -39.61
CA ARG C 621 -8.77 -20.64 -40.88
C ARG C 621 -8.43 -22.17 -40.92
N MET C 622 -7.65 -22.65 -39.96
CA MET C 622 -7.28 -24.09 -39.89
C MET C 622 -8.47 -25.06 -39.86
N GLY C 623 -9.54 -24.69 -39.15
CA GLY C 623 -10.67 -25.59 -38.92
C GLY C 623 -11.54 -25.93 -40.13
N LEU C 624 -11.33 -25.20 -41.24
CA LEU C 624 -11.89 -25.55 -42.55
C LEU C 624 -11.34 -26.88 -43.08
N GLU C 625 -10.12 -27.25 -42.69
CA GLU C 625 -9.57 -28.55 -43.08
C GLU C 625 -10.28 -29.68 -42.39
N TYR C 626 -10.65 -29.50 -41.14
CA TYR C 626 -11.49 -30.49 -40.46
C TYR C 626 -12.87 -30.64 -41.17
N VAL C 627 -13.42 -29.55 -41.70
CA VAL C 627 -14.70 -29.64 -42.39
C VAL C 627 -14.52 -30.47 -43.68
N LYS C 628 -13.49 -30.17 -44.47
CA LYS C 628 -13.17 -30.99 -45.63
C LYS C 628 -12.99 -32.48 -45.29
N ALA C 629 -12.34 -32.78 -44.17
CA ALA C 629 -12.14 -34.17 -43.73
C ALA C 629 -13.45 -34.87 -43.38
N ARG C 630 -14.35 -34.17 -42.70
CA ARG C 630 -15.69 -34.70 -42.43
C ARG C 630 -16.54 -34.84 -43.69
N GLN C 631 -16.52 -33.85 -44.58
CA GLN C 631 -17.22 -33.96 -45.88
C GLN C 631 -16.75 -35.22 -46.66
N LEU C 632 -15.44 -35.42 -46.76
CA LEU C 632 -14.92 -36.61 -47.41
C LEU C 632 -15.39 -37.92 -46.78
N ALA C 633 -15.50 -37.97 -45.46
CA ALA C 633 -15.99 -39.19 -44.79
C ALA C 633 -17.44 -39.50 -45.21
N LEU C 634 -18.27 -38.47 -45.22
CA LEU C 634 -19.65 -38.57 -45.65
C LEU C 634 -19.75 -38.87 -47.14
N ARG C 635 -18.84 -38.31 -47.95
CA ARG C 635 -18.78 -38.59 -49.40
C ARG C 635 -18.37 -40.05 -49.68
N ARG C 636 -17.50 -40.63 -48.86
CA ARG C 636 -17.12 -42.03 -49.03
C ARG C 636 -18.15 -43.02 -48.45
N GLY C 637 -18.67 -42.73 -47.27
CA GLY C 637 -19.67 -43.58 -46.64
C GLY C 637 -21.04 -43.63 -47.32
N TYR C 638 -21.47 -42.55 -47.95
CA TYR C 638 -22.80 -42.47 -48.54
C TYR C 638 -22.73 -41.80 -49.92
N PRO C 639 -22.04 -42.44 -50.90
CA PRO C 639 -21.81 -41.85 -52.24
C PRO C 639 -23.07 -41.48 -52.99
N ASP C 640 -24.09 -42.33 -52.90
CA ASP C 640 -25.37 -42.13 -53.60
C ASP C 640 -26.09 -40.90 -53.06
N GLN C 641 -26.20 -40.83 -51.73
CA GLN C 641 -26.85 -39.69 -51.08
C GLN C 641 -26.08 -38.40 -51.29
N PHE C 642 -24.75 -38.47 -51.25
CA PHE C 642 -23.91 -37.26 -51.42
C PHE C 642 -24.07 -36.69 -52.83
N ARG C 643 -24.12 -37.59 -53.83
CA ARG C 643 -24.35 -37.22 -55.21
C ARG C 643 -25.64 -36.43 -55.37
N GLU C 644 -26.75 -37.01 -54.93
CA GLU C 644 -28.07 -36.37 -55.08
C GLU C 644 -28.25 -35.13 -54.21
N LEU C 645 -27.45 -34.99 -53.16
CA LEU C 645 -27.40 -33.75 -52.36
C LEU C 645 -26.63 -32.61 -53.06
N VAL C 646 -25.61 -32.96 -53.84
CA VAL C 646 -24.70 -31.97 -54.45
C VAL C 646 -24.97 -31.71 -55.96
N GLY C 647 -25.38 -32.73 -56.71
CA GLY C 647 -25.70 -32.58 -58.14
C GLY C 647 -24.79 -33.36 -59.08
N GLU C 648 -23.53 -33.54 -58.69
CA GLU C 648 -22.54 -34.28 -59.49
C GLU C 648 -21.92 -35.40 -58.66
N GLU C 649 -21.27 -36.34 -59.34
CA GLU C 649 -20.39 -37.28 -58.70
C GLU C 649 -19.01 -36.62 -58.59
N LEU C 650 -18.72 -36.08 -57.40
CA LEU C 650 -17.45 -35.43 -57.10
C LEU C 650 -16.33 -36.40 -56.77
N ASN C 651 -15.11 -35.92 -56.92
CA ASN C 651 -13.90 -36.71 -56.80
C ASN C 651 -13.60 -36.91 -55.30
N ASP C 652 -13.59 -38.19 -54.88
CA ASP C 652 -13.36 -38.57 -53.48
C ASP C 652 -11.93 -39.03 -53.21
N SER C 653 -10.99 -38.76 -54.13
CA SER C 653 -9.63 -39.34 -54.00
C SER C 653 -8.85 -38.84 -52.78
N ASN C 654 -9.12 -37.59 -52.37
CA ASN C 654 -8.52 -36.95 -51.22
C ASN C 654 -9.35 -35.71 -50.82
N MET C 655 -8.94 -35.05 -49.72
CA MET C 655 -9.65 -33.86 -49.22
C MET C 655 -9.74 -32.65 -50.17
N ASP C 656 -8.63 -32.23 -50.79
CA ASP C 656 -8.63 -31.08 -51.74
C ASP C 656 -9.35 -31.35 -53.10
N ALA C 657 -9.23 -32.58 -53.60
CA ALA C 657 -9.93 -33.03 -54.81
C ALA C 657 -11.45 -32.97 -54.69
N LEU C 658 -11.97 -33.10 -53.47
CA LEU C 658 -13.41 -32.96 -53.23
C LEU C 658 -13.87 -31.50 -53.10
N ALA C 659 -13.03 -30.61 -52.56
CA ALA C 659 -13.43 -29.23 -52.25
C ALA C 659 -13.03 -28.20 -53.33
N SER D 22 -50.81 -1.76 53.27
CA SER D 22 -51.42 -1.83 51.90
C SER D 22 -50.42 -2.24 50.81
N ARG D 23 -49.39 -1.42 50.63
CA ARG D 23 -48.51 -1.47 49.45
C ARG D 23 -47.11 -1.96 49.77
N ASP D 24 -46.47 -2.63 48.81
CA ASP D 24 -45.09 -3.11 48.95
C ASP D 24 -44.12 -2.03 48.43
N LEU D 25 -43.09 -1.76 49.22
CA LEU D 25 -42.12 -0.71 48.93
C LEU D 25 -40.93 -1.22 48.13
N GLN D 26 -40.58 -2.51 48.31
CA GLN D 26 -39.43 -3.11 47.62
C GLN D 26 -39.71 -3.46 46.15
N ASN D 27 -40.93 -3.95 45.89
CA ASN D 27 -41.46 -4.10 44.54
C ASN D 27 -42.44 -2.95 44.32
N HIS D 28 -41.94 -1.88 43.68
CA HIS D 28 -42.70 -0.67 43.39
C HIS D 28 -42.56 -0.30 41.90
N LEU D 29 -43.54 0.43 41.38
CA LEU D 29 -43.47 0.96 40.02
C LEU D 29 -42.69 2.26 39.99
N LEU D 30 -42.22 2.64 38.81
CA LEU D 30 -41.56 3.92 38.56
C LEU D 30 -42.13 4.55 37.29
N PHE D 31 -42.49 5.83 37.36
CA PHE D 31 -43.04 6.57 36.23
C PHE D 31 -42.29 7.89 36.04
N GLU D 32 -41.44 7.94 35.01
CA GLU D 32 -40.53 9.06 34.79
C GLU D 32 -41.04 9.97 33.66
N THR D 33 -41.58 11.12 34.04
CA THR D 33 -42.25 12.04 33.12
C THR D 33 -41.29 13.17 32.71
N ALA D 34 -41.27 13.50 31.41
CA ALA D 34 -40.53 14.66 30.88
C ALA D 34 -41.00 15.08 29.48
N THR D 35 -40.82 16.35 29.16
CA THR D 35 -41.10 16.91 27.81
C THR D 35 -40.27 16.26 26.70
N GLU D 36 -39.08 15.76 27.02
CA GLU D 36 -38.13 15.29 26.03
C GLU D 36 -38.08 13.76 25.85
N VAL D 37 -39.17 13.06 26.16
CA VAL D 37 -39.14 11.58 26.26
C VAL D 37 -39.00 10.83 24.92
N ALA D 38 -39.50 11.38 23.81
CA ALA D 38 -39.27 10.77 22.50
C ALA D 38 -38.91 11.80 21.43
N ASN D 39 -38.25 12.88 21.84
CA ASN D 39 -37.87 13.95 20.91
C ASN D 39 -36.76 14.85 21.46
N ARG D 40 -35.69 15.02 20.69
CA ARG D 40 -34.56 15.81 21.12
C ARG D 40 -34.89 17.31 21.05
N VAL D 41 -35.05 17.92 22.22
CA VAL D 41 -35.12 19.39 22.35
C VAL D 41 -33.82 19.88 22.99
N GLY D 42 -33.54 19.42 24.20
CA GLY D 42 -32.37 19.84 24.97
C GLY D 42 -31.52 18.69 25.47
N GLY D 43 -30.71 18.97 26.49
CA GLY D 43 -29.84 17.99 27.12
C GLY D 43 -30.54 16.89 27.90
N ILE D 44 -31.80 17.12 28.29
CA ILE D 44 -32.60 16.15 29.05
C ILE D 44 -32.95 14.89 28.23
N TYR D 45 -33.02 15.03 26.91
CA TYR D 45 -33.13 13.87 26.03
C TYR D 45 -32.01 12.87 26.31
N SER D 46 -30.77 13.34 26.23
CA SER D 46 -29.57 12.49 26.38
C SER D 46 -29.43 11.86 27.78
N VAL D 47 -29.88 12.58 28.82
CA VAL D 47 -29.91 12.06 30.19
C VAL D 47 -30.84 10.84 30.28
N LEU D 48 -32.08 11.01 29.81
CA LEU D 48 -33.07 9.94 29.84
C LEU D 48 -32.70 8.77 28.94
N LYS D 49 -32.13 9.08 27.77
CA LYS D 49 -31.66 8.06 26.81
C LYS D 49 -30.54 7.17 27.37
N SER D 50 -29.56 7.79 28.03
CA SER D 50 -28.39 7.08 28.54
C SER D 50 -28.66 6.34 29.85
N LYS D 51 -29.58 6.89 30.65
CA LYS D 51 -29.94 6.32 31.95
C LYS D 51 -30.84 5.08 31.85
N ALA D 52 -31.45 4.86 30.69
CA ALA D 52 -32.41 3.76 30.51
C ALA D 52 -31.86 2.34 30.77
N PRO D 53 -30.67 1.98 30.25
CA PRO D 53 -30.08 0.67 30.55
C PRO D 53 -29.98 0.31 32.03
N ILE D 54 -29.50 1.24 32.84
CA ILE D 54 -29.39 1.02 34.30
C ILE D 54 -30.76 1.04 34.98
N THR D 55 -31.68 1.85 34.45
CA THR D 55 -33.04 1.94 34.97
C THR D 55 -33.85 0.68 34.63
N VAL D 56 -33.78 0.26 33.37
CA VAL D 56 -34.44 -0.96 32.88
C VAL D 56 -33.88 -2.21 33.57
N ALA D 57 -32.56 -2.27 33.76
CA ALA D 57 -31.91 -3.41 34.43
C ALA D 57 -32.35 -3.60 35.89
N GLN D 58 -32.82 -2.53 36.54
CA GLN D 58 -33.34 -2.59 37.91
C GLN D 58 -34.84 -2.95 37.97
N TYR D 59 -35.62 -2.42 37.01
CA TYR D 59 -37.08 -2.51 37.01
C TYR D 59 -37.71 -3.43 35.95
N LYS D 60 -36.98 -3.78 34.90
CA LYS D 60 -37.50 -4.57 33.78
C LYS D 60 -38.84 -4.00 33.25
N ASP D 61 -39.96 -4.66 33.55
CA ASP D 61 -41.29 -4.27 33.04
C ASP D 61 -42.09 -3.31 33.97
N HIS D 62 -41.54 -2.96 35.14
CA HIS D 62 -42.18 -2.03 36.08
C HIS D 62 -41.90 -0.55 35.76
N TYR D 63 -40.99 -0.29 34.81
CA TYR D 63 -40.55 1.07 34.44
C TYR D 63 -41.23 1.56 33.15
N HIS D 64 -41.79 2.77 33.21
CA HIS D 64 -42.41 3.42 32.06
C HIS D 64 -42.02 4.89 32.03
N LEU D 65 -41.59 5.38 30.86
CA LEU D 65 -41.36 6.82 30.63
C LEU D 65 -42.65 7.44 30.07
N ILE D 66 -42.90 8.72 30.38
CA ILE D 66 -44.12 9.43 29.94
C ILE D 66 -43.81 10.84 29.41
N GLY D 67 -44.25 11.15 28.19
CA GLY D 67 -44.09 12.50 27.61
C GLY D 67 -45.15 12.87 26.59
N PRO D 68 -45.10 14.10 26.06
CA PRO D 68 -46.04 14.49 25.00
C PRO D 68 -45.70 13.82 23.66
N LEU D 69 -46.73 13.38 22.95
CA LEU D 69 -46.58 12.71 21.66
C LEU D 69 -46.18 13.73 20.60
N ASN D 70 -44.93 13.64 20.13
CA ASN D 70 -44.47 14.49 19.05
C ASN D 70 -44.97 13.92 17.73
N LYS D 71 -46.20 14.29 17.36
CA LYS D 71 -46.87 13.83 16.14
C LYS D 71 -45.96 13.77 14.90
N ALA D 72 -45.13 14.80 14.72
CA ALA D 72 -44.22 14.90 13.57
C ALA D 72 -43.04 13.92 13.57
N THR D 73 -42.43 13.65 14.73
CA THR D 73 -41.16 12.91 14.81
C THR D 73 -41.15 11.64 15.69
N TYR D 74 -42.28 11.27 16.28
CA TYR D 74 -42.33 10.06 17.12
C TYR D 74 -42.07 8.78 16.32
N GLN D 75 -42.48 8.78 15.04
CA GLN D 75 -42.38 7.60 14.17
C GLN D 75 -40.92 7.14 13.96
N ASN D 76 -39.98 8.08 13.94
CA ASN D 76 -38.55 7.76 13.82
C ASN D 76 -37.97 6.97 14.99
N GLU D 77 -38.45 7.27 16.21
CA GLU D 77 -37.83 6.79 17.45
C GLU D 77 -38.57 5.69 18.20
N VAL D 78 -39.87 5.54 17.97
CA VAL D 78 -40.72 4.70 18.81
C VAL D 78 -41.13 3.41 18.10
N ASP D 79 -40.72 2.28 18.68
CA ASP D 79 -41.18 0.95 18.27
C ASP D 79 -42.63 0.74 18.74
N ILE D 80 -43.60 0.96 17.85
CA ILE D 80 -45.03 1.00 18.21
C ILE D 80 -45.54 -0.41 18.58
N LEU D 81 -46.36 -0.49 19.63
CA LEU D 81 -46.91 -1.77 20.13
C LEU D 81 -48.42 -1.67 20.40
N ASP D 82 -49.14 -2.75 20.08
CA ASP D 82 -50.56 -2.87 20.43
C ASP D 82 -50.68 -3.19 21.93
N TRP D 83 -51.11 -2.19 22.69
CA TRP D 83 -51.27 -2.32 24.15
C TRP D 83 -52.49 -3.13 24.60
N LYS D 84 -53.54 -3.21 23.77
CA LYS D 84 -54.78 -3.92 24.11
C LYS D 84 -54.67 -5.46 24.14
N LYS D 85 -53.62 -6.02 23.53
CA LYS D 85 -53.38 -7.48 23.55
C LYS D 85 -53.03 -7.98 24.96
N PRO D 86 -53.51 -9.19 25.35
CA PRO D 86 -53.13 -9.74 26.65
C PRO D 86 -51.65 -10.09 26.85
N GLU D 87 -50.89 -10.25 25.76
CA GLU D 87 -49.45 -10.55 25.86
C GLU D 87 -48.59 -9.32 26.21
N ALA D 88 -49.12 -8.12 25.98
CA ALA D 88 -48.37 -6.87 26.18
C ALA D 88 -47.99 -6.53 27.64
N PHE D 89 -48.66 -7.16 28.62
CA PHE D 89 -48.35 -6.97 30.06
C PHE D 89 -48.39 -8.28 30.83
N SER D 90 -47.65 -8.35 31.95
CA SER D 90 -47.71 -9.50 32.87
C SER D 90 -48.89 -9.32 33.83
N ASP D 91 -49.20 -10.36 34.60
CA ASP D 91 -50.40 -10.35 35.47
C ASP D 91 -50.36 -9.28 36.58
N GLU D 92 -49.22 -9.13 37.24
CA GLU D 92 -49.04 -8.06 38.25
C GLU D 92 -49.00 -6.65 37.62
N MET D 93 -48.57 -6.55 36.35
CA MET D 93 -48.61 -5.30 35.58
C MET D 93 -49.93 -5.07 34.80
N ARG D 94 -50.98 -5.83 35.10
CA ARG D 94 -52.30 -5.59 34.51
C ARG D 94 -52.86 -4.19 34.79
N PRO D 95 -52.80 -3.70 36.06
CA PRO D 95 -53.41 -2.40 36.40
C PRO D 95 -53.04 -1.23 35.48
N VAL D 96 -51.83 -1.28 34.91
CA VAL D 96 -51.38 -0.30 33.92
C VAL D 96 -52.24 -0.38 32.63
N GLN D 97 -52.56 -1.59 32.19
CA GLN D 97 -53.39 -1.81 30.99
C GLN D 97 -54.81 -1.29 31.18
N HIS D 98 -55.43 -1.66 32.30
CA HIS D 98 -56.80 -1.23 32.65
C HIS D 98 -56.91 0.29 32.80
N ALA D 99 -55.84 0.93 33.27
CA ALA D 99 -55.75 2.39 33.36
C ALA D 99 -55.73 3.05 31.99
N LEU D 100 -54.98 2.47 31.05
CA LEU D 100 -54.97 2.93 29.65
C LEU D 100 -56.31 2.69 28.95
N GLN D 101 -57.00 1.61 29.34
CA GLN D 101 -58.37 1.33 28.89
C GLN D 101 -59.32 2.43 29.37
N THR D 102 -59.27 2.77 30.65
CA THR D 102 -60.11 3.82 31.23
C THR D 102 -59.85 5.20 30.61
N MET D 103 -58.61 5.44 30.17
CA MET D 103 -58.28 6.67 29.42
C MET D 103 -58.84 6.62 27.99
N GLU D 104 -58.84 5.44 27.36
CA GLU D 104 -59.46 5.27 26.05
C GLU D 104 -60.99 5.46 26.07
N SER D 105 -61.65 4.97 27.12
CA SER D 105 -63.12 5.13 27.29
C SER D 105 -63.59 6.58 27.50
N ARG D 106 -62.64 7.50 27.71
CA ARG D 106 -62.92 8.93 27.77
C ARG D 106 -62.38 9.69 26.54
N GLY D 107 -62.00 8.96 25.49
CA GLY D 107 -61.56 9.55 24.22
C GLY D 107 -60.12 10.04 24.12
N VAL D 108 -59.31 9.84 25.16
CA VAL D 108 -57.92 10.33 25.20
C VAL D 108 -57.01 9.39 24.41
N HIS D 109 -56.46 9.88 23.31
CA HIS D 109 -55.56 9.10 22.44
C HIS D 109 -54.12 9.15 22.95
N PHE D 110 -53.38 8.07 22.71
CA PHE D 110 -51.98 7.95 23.13
C PHE D 110 -51.23 6.91 22.28
N VAL D 111 -49.95 6.69 22.58
CA VAL D 111 -49.11 5.69 21.88
C VAL D 111 -48.28 4.90 22.90
N TYR D 112 -48.47 3.57 22.94
CA TYR D 112 -47.65 2.68 23.74
C TYR D 112 -46.60 2.00 22.85
N GLY D 113 -45.37 1.94 23.32
CA GLY D 113 -44.29 1.31 22.55
C GLY D 113 -43.02 1.05 23.33
N ARG D 114 -41.95 0.70 22.60
CA ARG D 114 -40.61 0.61 23.14
C ARG D 114 -39.74 1.68 22.46
N TRP D 115 -38.91 2.38 23.24
CA TRP D 115 -38.03 3.42 22.70
C TRP D 115 -36.86 2.75 22.01
N LEU D 116 -36.61 3.07 20.74
CA LEU D 116 -35.49 2.46 19.99
C LEU D 116 -34.11 2.98 20.40
N ILE D 117 -33.69 2.58 21.61
CA ILE D 117 -32.39 2.91 22.21
C ILE D 117 -31.97 1.71 23.04
N GLU D 118 -30.69 1.62 23.42
CA GLU D 118 -30.23 0.54 24.31
C GLU D 118 -31.08 0.53 25.57
N GLY D 119 -31.43 -0.67 26.03
CA GLY D 119 -32.31 -0.84 27.19
C GLY D 119 -33.76 -1.06 26.79
N ALA D 120 -34.23 -0.34 25.77
CA ALA D 120 -35.57 -0.52 25.19
C ALA D 120 -36.69 -0.38 26.24
N PRO D 121 -36.71 0.77 26.95
CA PRO D 121 -37.71 0.99 27.98
C PRO D 121 -39.09 1.23 27.36
N LYS D 122 -40.14 0.82 28.08
CA LYS D 122 -41.52 1.06 27.64
C LYS D 122 -41.85 2.56 27.71
N VAL D 123 -42.65 3.04 26.77
CA VAL D 123 -42.97 4.46 26.64
C VAL D 123 -44.48 4.67 26.45
N ILE D 124 -45.01 5.73 27.07
CA ILE D 124 -46.42 6.12 26.92
C ILE D 124 -46.45 7.58 26.47
N LEU D 125 -46.77 7.82 25.21
CA LEU D 125 -46.84 9.17 24.67
C LEU D 125 -48.30 9.62 24.49
N PHE D 126 -48.72 10.66 25.19
CA PHE D 126 -50.09 11.19 25.11
C PHE D 126 -50.24 12.28 24.04
N ASP D 127 -51.23 12.13 23.17
CA ASP D 127 -51.58 13.17 22.19
C ASP D 127 -52.25 14.32 22.95
N LEU D 128 -51.64 15.50 22.91
CA LEU D 128 -52.13 16.69 23.62
C LEU D 128 -53.28 17.42 22.87
N ASP D 129 -53.31 17.31 21.54
CA ASP D 129 -54.46 17.79 20.75
C ASP D 129 -55.70 16.93 21.00
N SER D 130 -55.49 15.66 21.37
CA SER D 130 -56.58 14.76 21.79
C SER D 130 -57.28 15.16 23.10
N VAL D 131 -56.76 16.16 23.81
CA VAL D 131 -57.40 16.67 25.02
C VAL D 131 -57.51 18.21 25.02
N ARG D 132 -57.34 18.83 23.84
CA ARG D 132 -57.26 20.30 23.74
C ARG D 132 -58.58 21.02 24.07
N GLY D 133 -59.72 20.31 23.96
CA GLY D 133 -61.03 20.84 24.35
C GLY D 133 -61.22 21.13 25.84
N TYR D 134 -60.43 20.49 26.70
CA TYR D 134 -60.49 20.72 28.15
C TYR D 134 -59.77 21.98 28.66
N SER D 135 -59.05 22.67 27.78
CA SER D 135 -58.08 23.72 28.17
C SER D 135 -58.62 24.81 29.11
N ASN D 136 -59.83 25.31 28.84
CA ASN D 136 -60.38 26.45 29.62
C ASN D 136 -60.81 26.07 31.03
N GLU D 137 -61.37 24.86 31.21
CA GLU D 137 -61.66 24.32 32.54
C GLU D 137 -60.36 24.13 33.33
N TRP D 138 -59.35 23.59 32.65
CA TRP D 138 -58.07 23.30 33.30
C TRP D 138 -57.22 24.55 33.56
N LYS D 139 -57.12 25.46 32.59
CA LYS D 139 -56.41 26.74 32.77
C LYS D 139 -57.05 27.61 33.86
N GLY D 140 -58.37 27.46 34.02
CA GLY D 140 -59.13 28.07 35.11
C GLY D 140 -58.99 27.35 36.44
N ASP D 141 -58.99 26.02 36.42
CA ASP D 141 -58.86 25.20 37.64
C ASP D 141 -57.57 25.50 38.41
N LEU D 142 -56.45 25.59 37.69
CA LEU D 142 -55.16 25.97 38.29
C LEU D 142 -55.11 27.43 38.73
N TRP D 143 -55.81 28.31 38.02
CA TRP D 143 -55.97 29.72 38.43
C TRP D 143 -56.50 29.79 39.86
N SER D 144 -57.59 29.06 40.13
CA SER D 144 -58.19 29.04 41.47
C SER D 144 -57.44 28.13 42.46
N LEU D 145 -57.02 26.93 42.02
CA LEU D 145 -56.42 25.93 42.93
C LEU D 145 -54.95 26.16 43.31
N VAL D 146 -54.19 26.88 42.48
CA VAL D 146 -52.80 27.27 42.82
C VAL D 146 -52.51 28.77 42.64
N GLY D 147 -53.05 29.38 41.59
CA GLY D 147 -52.86 30.83 41.34
C GLY D 147 -51.98 31.17 40.15
N ILE D 148 -52.03 30.37 39.09
CA ILE D 148 -51.22 30.63 37.88
C ILE D 148 -52.05 31.28 36.76
N PRO D 149 -51.62 32.46 36.27
CA PRO D 149 -52.30 33.02 35.10
C PRO D 149 -51.91 32.22 33.86
N SER D 150 -52.77 32.23 32.84
CA SER D 150 -52.53 31.45 31.63
C SER D 150 -52.88 32.25 30.38
N PRO D 151 -51.98 33.16 29.97
CA PRO D 151 -52.07 33.81 28.65
C PRO D 151 -52.15 32.80 27.50
N GLU D 152 -52.98 33.11 26.50
CA GLU D 152 -53.25 32.19 25.39
C GLU D 152 -52.16 32.17 24.32
N ASN D 153 -51.55 33.33 24.07
CA ASN D 153 -50.43 33.43 23.12
C ASN D 153 -49.19 32.59 23.49
N ASP D 154 -49.05 32.20 24.76
CA ASP D 154 -48.02 31.28 25.21
C ASP D 154 -48.41 29.83 24.88
N PHE D 155 -47.92 29.33 23.74
CA PHE D 155 -48.24 27.96 23.27
C PHE D 155 -47.62 26.86 24.13
N GLU D 156 -46.53 27.17 24.83
CA GLU D 156 -45.73 26.17 25.57
C GLU D 156 -46.28 25.86 26.97
N THR D 157 -46.76 26.89 27.69
CA THR D 157 -47.48 26.68 28.95
C THR D 157 -48.85 26.05 28.76
N ASN D 158 -49.47 26.26 27.59
CA ASN D 158 -50.71 25.56 27.23
C ASN D 158 -50.45 24.06 27.16
N ASP D 159 -49.38 23.69 26.46
CA ASP D 159 -48.95 22.28 26.36
C ASP D 159 -48.51 21.70 27.71
N ALA D 160 -47.85 22.50 28.54
CA ALA D 160 -47.40 22.06 29.87
C ALA D 160 -48.56 21.76 30.84
N ILE D 161 -49.65 22.53 30.71
CA ILE D 161 -50.86 22.31 31.51
C ILE D 161 -51.59 21.05 31.06
N LEU D 162 -51.80 20.91 29.76
CA LEU D 162 -52.47 19.73 29.20
C LEU D 162 -51.76 18.43 29.61
N LEU D 163 -50.44 18.42 29.49
CA LEU D 163 -49.62 17.26 29.88
C LEU D 163 -49.72 16.96 31.38
N GLY D 164 -49.65 18.00 32.20
CA GLY D 164 -49.75 17.85 33.65
C GLY D 164 -51.05 17.22 34.13
N TYR D 165 -52.17 17.71 33.60
CA TYR D 165 -53.49 17.17 33.92
C TYR D 165 -53.70 15.75 33.39
N THR D 166 -53.32 15.52 32.13
CA THR D 166 -53.41 14.19 31.53
C THR D 166 -52.57 13.15 32.29
N VAL D 167 -51.39 13.54 32.76
CA VAL D 167 -50.49 12.64 33.50
C VAL D 167 -51.01 12.35 34.93
N ALA D 168 -51.55 13.36 35.61
CA ALA D 168 -52.22 13.16 36.91
C ALA D 168 -53.54 12.39 36.78
N TRP D 169 -54.28 12.64 35.70
CA TRP D 169 -55.51 11.87 35.36
C TRP D 169 -55.18 10.39 35.17
N PHE D 170 -54.04 10.12 34.55
CA PHE D 170 -53.54 8.75 34.36
C PHE D 170 -53.08 8.10 35.67
N LEU D 171 -52.23 8.81 36.43
CA LEU D 171 -51.67 8.28 37.68
C LEU D 171 -52.71 8.06 38.79
N GLY D 172 -53.78 8.86 38.78
CA GLY D 172 -54.93 8.66 39.65
C GLY D 172 -55.62 7.32 39.41
N GLU D 173 -55.75 6.94 38.14
CA GLU D 173 -56.32 5.63 37.75
C GLU D 173 -55.39 4.46 38.09
N VAL D 174 -54.09 4.64 37.94
CA VAL D 174 -53.11 3.58 38.25
C VAL D 174 -53.05 3.30 39.76
N ALA D 175 -53.07 4.36 40.57
CA ALA D 175 -53.12 4.22 42.04
C ALA D 175 -54.42 3.59 42.52
N HIS D 176 -55.52 3.89 41.83
CA HIS D 176 -56.82 3.30 42.12
C HIS D 176 -56.89 1.82 41.70
N LEU D 177 -56.48 1.53 40.46
CA LEU D 177 -56.60 0.17 39.88
C LEU D 177 -55.49 -0.81 40.28
N ASP D 178 -54.37 -0.31 40.82
CA ASP D 178 -53.30 -1.13 41.39
C ASP D 178 -53.33 -0.95 42.90
N SER D 179 -53.38 -2.06 43.65
CA SER D 179 -53.30 -2.04 45.12
C SER D 179 -52.17 -2.92 45.70
N GLN D 180 -51.24 -3.32 44.83
CA GLN D 180 -50.11 -4.17 45.21
C GLN D 180 -48.86 -3.32 45.40
N HIS D 181 -48.49 -2.58 44.36
CA HIS D 181 -47.23 -1.84 44.31
C HIS D 181 -47.39 -0.46 44.91
N ALA D 182 -46.33 0.02 45.57
CA ALA D 182 -46.15 1.45 45.79
C ALA D 182 -45.77 2.06 44.44
N ILE D 183 -46.13 3.33 44.23
CA ILE D 183 -45.94 3.98 42.92
C ILE D 183 -45.11 5.24 43.08
N VAL D 184 -43.94 5.27 42.39
CA VAL D 184 -43.05 6.43 42.33
C VAL D 184 -43.26 7.20 41.01
N ALA D 185 -43.35 8.53 41.10
CA ALA D 185 -43.61 9.40 39.94
C ALA D 185 -42.55 10.50 39.89
N HIS D 186 -41.69 10.44 38.89
CA HIS D 186 -40.55 11.35 38.77
C HIS D 186 -40.83 12.33 37.65
N PHE D 187 -40.67 13.64 37.92
CA PHE D 187 -40.93 14.68 36.93
C PHE D 187 -39.67 15.50 36.69
N HIS D 188 -39.32 15.70 35.41
CA HIS D 188 -38.14 16.49 34.99
C HIS D 188 -38.51 17.81 34.32
N GLN D 189 -37.97 18.90 34.86
CA GLN D 189 -38.21 20.30 34.43
C GLN D 189 -39.63 20.77 34.64
N TRP D 190 -39.79 22.10 34.66
CA TRP D 190 -41.09 22.72 34.92
C TRP D 190 -42.17 22.39 33.87
N LEU D 191 -41.77 22.12 32.64
CA LEU D 191 -42.72 21.78 31.56
C LEU D 191 -43.49 20.47 31.78
N ALA D 192 -42.92 19.54 32.53
CA ALA D 192 -43.61 18.29 32.90
C ALA D 192 -44.23 18.34 34.30
N GLY D 193 -43.99 19.42 35.02
CA GLY D 193 -44.24 19.49 36.45
C GLY D 193 -45.59 20.01 36.92
N VAL D 194 -46.52 20.27 36.00
CA VAL D 194 -47.88 20.69 36.37
C VAL D 194 -48.64 19.58 37.12
N ALA D 195 -48.30 18.32 36.84
CA ALA D 195 -48.88 17.16 37.54
C ALA D 195 -48.55 17.06 39.03
N LEU D 196 -47.52 17.78 39.48
CA LEU D 196 -47.06 17.71 40.88
C LEU D 196 -48.00 18.30 41.95
N PRO D 197 -48.46 19.57 41.80
CA PRO D 197 -49.48 20.13 42.73
C PRO D 197 -50.85 19.45 42.71
N LEU D 198 -51.18 18.81 41.60
CA LEU D 198 -52.40 17.98 41.50
C LEU D 198 -52.26 16.73 42.37
N CYS D 199 -51.08 16.11 42.35
CA CYS D 199 -50.80 14.96 43.23
C CYS D 199 -50.80 15.31 44.73
N ARG D 200 -50.39 16.54 45.08
CA ARG D 200 -50.45 17.03 46.46
C ARG D 200 -51.89 17.39 46.84
N LYS D 201 -52.49 18.31 46.09
CA LYS D 201 -53.88 18.79 46.33
C LYS D 201 -54.91 17.66 46.32
N ARG D 202 -54.81 16.77 45.33
CA ARG D 202 -55.73 15.63 45.21
C ARG D 202 -55.44 14.41 46.12
N ARG D 203 -54.50 14.53 47.06
CA ARG D 203 -54.18 13.47 48.06
C ARG D 203 -54.00 12.05 47.48
N ILE D 204 -53.42 11.98 46.27
CA ILE D 204 -53.24 10.71 45.53
C ILE D 204 -52.13 9.88 46.19
N ASP D 205 -52.26 8.55 46.09
CA ASP D 205 -51.37 7.60 46.80
C ASP D 205 -50.19 7.14 45.92
N VAL D 206 -49.44 8.13 45.45
CA VAL D 206 -48.16 7.94 44.76
C VAL D 206 -47.14 8.84 45.47
N VAL D 207 -45.86 8.55 45.35
CA VAL D 207 -44.81 9.43 45.90
C VAL D 207 -44.05 10.12 44.77
N THR D 208 -43.80 11.42 44.94
CA THR D 208 -43.37 12.28 43.83
C THR D 208 -41.96 12.82 43.98
N ILE D 209 -41.20 12.78 42.88
CA ILE D 209 -39.87 13.39 42.80
C ILE D 209 -39.91 14.44 41.70
N PHE D 210 -39.48 15.66 42.02
CA PHE D 210 -39.25 16.69 41.02
C PHE D 210 -37.74 16.97 40.92
N THR D 211 -37.25 17.03 39.69
CA THR D 211 -35.85 17.40 39.41
C THR D 211 -35.84 18.57 38.44
N THR D 212 -35.15 19.63 38.81
CA THR D 212 -35.01 20.81 37.96
C THR D 212 -33.55 20.89 37.44
N HIS D 213 -33.41 20.84 36.11
CA HIS D 213 -32.09 20.87 35.43
C HIS D 213 -31.56 22.28 35.16
N ALA D 214 -32.39 23.27 35.46
CA ALA D 214 -31.96 24.66 35.54
C ALA D 214 -32.91 25.36 36.51
N THR D 215 -32.96 26.69 36.47
CA THR D 215 -34.12 27.44 36.94
C THR D 215 -34.48 28.43 35.87
N LEU D 216 -35.75 28.80 35.83
CA LEU D 216 -36.22 29.79 34.86
C LEU D 216 -35.51 31.11 35.07
N LEU D 217 -35.67 31.67 36.25
CA LEU D 217 -35.02 32.94 36.59
C LEU D 217 -33.51 32.91 36.29
N GLY D 218 -32.84 31.88 36.83
CA GLY D 218 -31.40 31.71 36.70
C GLY D 218 -30.86 31.97 35.31
N ARG D 219 -31.52 31.39 34.31
CA ARG D 219 -31.16 31.59 32.91
C ARG D 219 -31.34 33.07 32.47
N TYR D 220 -32.48 33.68 32.84
CA TYR D 220 -32.83 35.04 32.40
C TYR D 220 -32.01 36.14 33.09
N LEU D 221 -31.79 36.00 34.39
CA LEU D 221 -30.96 36.96 35.15
C LEU D 221 -29.54 37.09 34.59
N CYS D 222 -28.98 35.98 34.09
CA CYS D 222 -27.69 36.01 33.40
C CYS D 222 -27.83 36.61 32.00
N ALA D 223 -27.82 37.95 31.96
CA ALA D 223 -27.72 38.72 30.72
C ALA D 223 -27.01 40.04 31.03
N SER D 224 -25.71 39.94 31.30
CA SER D 224 -24.83 41.07 31.66
C SER D 224 -25.30 41.88 32.88
N PHE D 229 -24.27 38.05 39.77
CA PHE D 229 -25.36 37.07 39.83
C PHE D 229 -25.19 36.10 41.00
N TYR D 230 -24.05 35.40 41.05
CA TYR D 230 -23.80 34.41 42.11
C TYR D 230 -23.64 35.07 43.48
N ASN D 231 -23.25 36.35 43.47
CA ASN D 231 -23.13 37.15 44.68
C ASN D 231 -24.50 37.72 45.08
N CYS D 232 -25.30 38.12 44.08
CA CYS D 232 -26.53 38.89 44.30
C CYS D 232 -27.88 38.15 44.16
N LEU D 233 -27.88 36.85 43.84
CA LEU D 233 -29.16 36.11 43.75
C LEU D 233 -29.77 35.81 45.13
N GLU D 234 -28.95 35.85 46.18
CA GLU D 234 -29.40 35.72 47.57
C GLU D 234 -30.52 36.73 47.89
N SER D 235 -30.34 37.97 47.44
CA SER D 235 -31.34 39.02 47.61
C SER D 235 -31.77 39.61 46.25
N VAL D 236 -32.72 38.92 45.62
CA VAL D 236 -33.53 39.48 44.52
C VAL D 236 -35.00 39.25 44.88
N ASP D 237 -35.88 40.12 44.39
CA ASP D 237 -37.30 39.86 44.49
C ASP D 237 -37.63 38.89 43.35
N VAL D 238 -38.07 37.69 43.72
CA VAL D 238 -38.43 36.66 42.74
C VAL D 238 -39.64 37.06 41.89
N ASP D 239 -40.67 37.60 42.54
CA ASP D 239 -41.94 37.92 41.88
C ASP D 239 -41.87 39.18 41.01
N HIS D 240 -41.06 40.16 41.42
CA HIS D 240 -40.79 41.34 40.57
C HIS D 240 -39.92 40.99 39.36
N GLU D 241 -38.88 40.18 39.60
CA GLU D 241 -37.92 39.80 38.56
C GLU D 241 -38.54 38.83 37.54
N ALA D 242 -39.31 37.85 38.02
CA ALA D 242 -40.13 37.01 37.15
C ALA D 242 -41.12 37.86 36.34
N GLY D 243 -41.74 38.84 37.01
CA GLY D 243 -42.63 39.79 36.36
C GLY D 243 -41.96 40.68 35.34
N ARG D 244 -40.72 41.11 35.62
CA ARG D 244 -39.96 41.97 34.70
C ARG D 244 -39.72 41.32 33.32
N PHE D 245 -39.44 40.01 33.29
CA PHE D 245 -39.14 39.30 32.04
C PHE D 245 -40.35 38.72 31.29
N GLY D 246 -41.54 38.82 31.88
CA GLY D 246 -42.77 38.27 31.27
C GLY D 246 -42.86 36.76 31.41
N ILE D 247 -42.38 36.25 32.54
CA ILE D 247 -42.16 34.82 32.78
C ILE D 247 -42.83 34.40 34.11
N TYR D 248 -43.80 35.18 34.59
CA TYR D 248 -44.41 34.94 35.90
C TYR D 248 -45.27 33.69 35.90
N HIS D 249 -46.13 33.57 34.90
CA HIS D 249 -46.94 32.36 34.69
C HIS D 249 -46.13 31.08 34.61
N ARG D 250 -44.96 31.14 33.97
CA ARG D 250 -44.00 30.03 33.94
C ARG D 250 -43.36 29.78 35.30
N TYR D 251 -42.86 30.84 35.93
CA TYR D 251 -42.19 30.72 37.23
C TYR D 251 -43.05 30.02 38.30
N CYS D 252 -44.34 30.34 38.33
CA CYS D 252 -45.24 29.76 39.34
C CYS D 252 -45.36 28.23 39.19
N ILE D 253 -45.34 27.73 37.96
CA ILE D 253 -45.38 26.28 37.69
C ILE D 253 -44.11 25.59 38.20
N GLU D 254 -42.96 26.26 38.10
CA GLU D 254 -41.70 25.74 38.63
C GLU D 254 -41.69 25.75 40.16
N ARG D 255 -42.09 26.88 40.76
CA ARG D 255 -42.14 27.01 42.22
C ARG D 255 -43.17 26.05 42.83
N ALA D 256 -44.32 25.94 42.18
CA ALA D 256 -45.35 24.97 42.58
C ALA D 256 -44.82 23.53 42.51
N ALA D 257 -44.13 23.20 41.41
CA ALA D 257 -43.54 21.87 41.21
C ALA D 257 -42.52 21.51 42.27
N ALA D 258 -41.68 22.47 42.64
CA ALA D 258 -40.68 22.28 43.68
C ALA D 258 -41.30 22.06 45.06
N HIS D 259 -42.34 22.83 45.39
CA HIS D 259 -43.02 22.73 46.72
C HIS D 259 -43.94 21.53 46.85
N SER D 260 -44.61 21.16 45.77
CA SER D 260 -45.57 20.04 45.78
C SER D 260 -44.92 18.66 45.85
N ALA D 261 -43.66 18.56 45.45
CA ALA D 261 -42.98 17.26 45.35
C ALA D 261 -42.54 16.72 46.71
N ASP D 262 -42.68 15.41 46.91
CA ASP D 262 -42.23 14.77 48.16
C ASP D 262 -40.71 14.86 48.29
N VAL D 263 -39.99 14.74 47.18
CA VAL D 263 -38.55 14.99 47.13
C VAL D 263 -38.27 15.98 46.00
N PHE D 264 -37.47 17.01 46.28
CA PHE D 264 -37.05 18.00 45.28
C PHE D 264 -35.55 17.88 45.06
N THR D 265 -35.13 17.85 43.79
CA THR D 265 -33.72 17.69 43.43
C THR D 265 -33.31 18.66 42.33
N THR D 266 -32.00 18.86 42.22
CA THR D 266 -31.42 19.53 41.08
C THR D 266 -30.42 18.54 40.51
N VAL D 267 -29.72 18.95 39.45
CA VAL D 267 -28.66 18.14 38.87
C VAL D 267 -27.28 18.44 39.44
N SER D 268 -27.12 19.55 40.17
CA SER D 268 -25.82 19.89 40.78
C SER D 268 -25.94 20.81 42.00
N GLN D 269 -24.86 20.87 42.76
CA GLN D 269 -24.78 21.73 43.95
C GLN D 269 -24.94 23.22 43.64
N ILE D 270 -24.31 23.69 42.57
CA ILE D 270 -24.43 25.09 42.16
C ILE D 270 -25.86 25.44 41.76
N THR D 271 -26.54 24.48 41.14
CA THR D 271 -27.94 24.62 40.81
C THR D 271 -28.83 24.42 42.03
N ALA D 272 -28.38 23.62 43.00
CA ALA D 272 -29.07 23.50 44.29
C ALA D 272 -29.07 24.81 45.07
N PHE D 273 -27.93 25.48 45.11
CA PHE D 273 -27.80 26.85 45.67
C PHE D 273 -28.70 27.84 44.93
N GLU D 274 -28.62 27.81 43.61
CA GLU D 274 -29.44 28.64 42.75
C GLU D 274 -30.95 28.40 43.01
N ALA D 275 -31.35 27.14 43.16
CA ALA D 275 -32.76 26.78 43.33
C ALA D 275 -33.32 27.12 44.71
N GLU D 276 -32.50 27.03 45.77
CA GLU D 276 -32.94 27.34 47.14
C GLU D 276 -33.47 28.78 47.24
N HIS D 277 -32.66 29.72 46.80
CA HIS D 277 -32.99 31.14 46.86
C HIS D 277 -33.96 31.62 45.78
N LEU D 278 -34.07 30.92 44.65
CA LEU D 278 -34.98 31.33 43.58
C LEU D 278 -36.30 30.55 43.51
N LEU D 279 -36.32 29.29 43.96
CA LEU D 279 -37.56 28.50 44.06
C LEU D 279 -38.01 28.24 45.51
N LYS D 280 -37.36 28.87 46.48
CA LYS D 280 -37.78 28.86 47.90
C LYS D 280 -37.96 27.45 48.46
N ARG D 281 -36.97 26.61 48.22
CA ARG D 281 -36.90 25.30 48.84
C ARG D 281 -35.51 24.71 48.67
N LYS D 282 -34.86 24.39 49.79
CA LYS D 282 -33.59 23.71 49.78
C LYS D 282 -33.80 22.32 49.18
N PRO D 283 -32.99 21.94 48.17
CA PRO D 283 -33.19 20.58 47.66
C PRO D 283 -32.75 19.51 48.66
N ASP D 284 -33.35 18.33 48.54
CA ASP D 284 -33.03 17.17 49.39
C ASP D 284 -31.84 16.35 48.86
N GLY D 285 -31.19 16.83 47.81
CA GLY D 285 -30.01 16.18 47.25
C GLY D 285 -29.84 16.48 45.78
N ILE D 286 -28.84 15.83 45.20
CA ILE D 286 -28.33 16.10 43.87
C ILE D 286 -28.51 14.84 43.03
N LEU D 287 -29.02 15.01 41.81
CA LEU D 287 -29.07 13.93 40.82
C LEU D 287 -28.19 14.27 39.64
N PRO D 288 -26.86 14.06 39.78
CA PRO D 288 -25.99 14.44 38.68
C PRO D 288 -26.24 13.59 37.45
N ASN D 289 -25.95 14.16 36.29
CA ASN D 289 -26.15 13.49 35.02
C ASN D 289 -24.96 12.59 34.76
N GLY D 290 -25.22 11.43 34.19
CA GLY D 290 -24.23 10.41 33.99
C GLY D 290 -24.11 10.18 32.50
N LEU D 291 -23.21 9.28 32.14
CA LEU D 291 -23.05 8.85 30.77
C LEU D 291 -23.03 7.34 30.69
N ASN D 292 -23.48 6.83 29.55
CA ASN D 292 -23.41 5.42 29.27
C ASN D 292 -22.01 5.16 28.68
N VAL D 293 -21.06 4.91 29.57
CA VAL D 293 -19.63 4.88 29.21
C VAL D 293 -19.29 3.56 28.54
N ILE D 294 -18.84 3.64 27.29
CA ILE D 294 -18.45 2.45 26.53
C ILE D 294 -16.97 2.08 26.82
N LYS D 295 -16.79 1.08 27.69
CA LYS D 295 -15.46 0.69 28.18
C LYS D 295 -14.71 -0.17 27.15
N PHE D 296 -13.43 0.13 26.91
CA PHE D 296 -12.61 -0.69 26.00
C PHE D 296 -12.09 -1.95 26.67
N GLN D 297 -11.80 -2.97 25.88
CA GLN D 297 -11.31 -4.25 26.39
C GLN D 297 -9.95 -4.09 27.06
N ALA D 298 -9.08 -3.27 26.46
CA ALA D 298 -7.78 -2.94 27.02
C ALA D 298 -7.78 -1.48 27.45
N PHE D 299 -7.45 -1.22 28.71
CA PHE D 299 -7.53 0.13 29.28
C PHE D 299 -6.77 1.16 28.44
N HIS D 300 -5.55 0.80 28.05
CA HIS D 300 -4.69 1.64 27.19
C HIS D 300 -5.16 1.93 25.75
N GLU D 301 -6.26 1.33 25.27
CA GLU D 301 -6.75 1.61 23.91
C GLU D 301 -7.08 3.11 23.67
N PHE D 302 -7.75 3.75 24.64
CA PHE D 302 -8.08 5.20 24.54
C PHE D 302 -6.87 6.07 24.15
N GLN D 303 -5.74 5.62 24.63
CA GLN D 303 -4.47 6.22 24.44
C GLN D 303 -3.97 6.01 23.02
N ASN D 304 -4.17 4.83 22.46
CA ASN D 304 -3.82 4.60 21.05
C ASN D 304 -4.70 5.43 20.13
N LEU D 305 -5.99 5.49 20.43
CA LEU D 305 -6.92 6.38 19.72
C LEU D 305 -6.48 7.84 19.77
N HIS D 306 -6.10 8.31 20.94
CA HIS D 306 -5.62 9.67 21.09
C HIS D 306 -4.57 9.98 20.03
N ALA D 307 -3.62 9.07 19.85
CA ALA D 307 -2.51 9.28 18.92
C ALA D 307 -2.96 9.23 17.47
N LEU D 308 -3.85 8.29 17.17
CA LEU D 308 -4.47 8.22 15.83
C LEU D 308 -5.24 9.47 15.44
N LYS D 309 -6.05 10.00 16.36
CA LYS D 309 -6.86 11.15 16.05
C LYS D 309 -6.00 12.38 16.06
N LYS D 310 -5.00 12.43 16.92
CA LYS D 310 -4.11 13.60 16.92
C LYS D 310 -3.46 13.74 15.54
N GLU D 311 -3.16 12.61 14.91
CA GLU D 311 -2.53 12.60 13.60
C GLU D 311 -3.43 13.23 12.54
N LYS D 312 -4.75 13.03 12.64
CA LYS D 312 -5.73 13.71 11.79
C LYS D 312 -5.85 15.23 12.00
N ILE D 313 -5.68 15.68 13.25
CA ILE D 313 -5.65 17.10 13.56
C ILE D 313 -4.35 17.68 13.03
N ASN D 314 -3.25 16.94 13.09
CA ASN D 314 -2.00 17.39 12.44
C ASN D 314 -2.12 17.59 10.93
N ASP D 315 -2.88 16.71 10.27
CA ASP D 315 -2.99 16.83 8.85
C ASP D 315 -3.73 18.15 8.55
N PHE D 316 -4.76 18.45 9.35
CA PHE D 316 -5.45 19.69 9.18
C PHE D 316 -4.56 20.88 9.47
N VAL D 317 -3.74 20.79 10.53
CA VAL D 317 -2.90 21.90 10.94
C VAL D 317 -1.87 22.23 9.87
N ARG D 318 -1.18 21.23 9.34
CA ARG D 318 -0.21 21.42 8.24
C ARG D 318 -0.80 22.15 7.04
N GLY D 319 -2.05 21.82 6.76
CA GLY D 319 -2.77 22.47 5.68
C GLY D 319 -3.00 23.91 6.02
N HIS D 320 -3.51 24.13 7.22
CA HIS D 320 -3.95 25.43 7.63
C HIS D 320 -2.82 26.39 7.65
N PHE D 321 -1.64 25.95 8.12
CA PHE D 321 -0.42 26.73 8.15
C PHE D 321 0.53 26.46 6.96
N HIS D 322 0.02 26.10 5.76
CA HIS D 322 0.94 25.88 4.61
C HIS D 322 1.67 27.14 4.27
N GLY D 323 2.96 27.05 3.94
CA GLY D 323 3.81 28.25 3.82
C GLY D 323 4.11 29.08 5.09
N CYS D 324 3.70 28.63 6.27
CA CYS D 324 3.91 29.35 7.55
C CYS D 324 4.08 28.35 8.65
N PHE D 325 4.84 27.30 8.36
CA PHE D 325 4.88 26.12 9.18
C PHE D 325 6.28 26.02 9.81
N ASP D 326 6.44 26.77 10.89
CA ASP D 326 7.70 26.97 11.60
C ASP D 326 7.71 26.31 12.99
N PHE D 327 6.78 25.43 13.30
CA PHE D 327 6.77 24.76 14.59
C PHE D 327 6.73 23.25 14.48
N ASP D 328 7.04 22.57 15.59
CA ASP D 328 7.13 21.11 15.64
C ASP D 328 5.84 20.56 16.24
N LEU D 329 5.14 19.72 15.49
CA LEU D 329 3.87 19.14 15.96
C LEU D 329 4.06 18.12 17.05
N ASP D 330 5.25 17.57 17.09
CA ASP D 330 5.66 16.76 18.21
C ASP D 330 5.88 17.55 19.52
N ASN D 331 5.85 18.87 19.45
CA ASN D 331 5.98 19.72 20.61
C ASN D 331 4.87 20.80 20.61
N THR D 332 3.67 20.37 20.22
CA THR D 332 2.53 21.21 20.05
C THR D 332 1.36 20.58 20.80
N LEU D 333 0.53 21.43 21.37
CA LEU D 333 -0.62 20.99 22.13
C LEU D 333 -1.88 21.61 21.53
N TYR D 334 -2.98 20.87 21.66
CA TYR D 334 -4.23 21.25 21.09
C TYR D 334 -5.18 21.51 22.25
N PHE D 335 -5.55 22.77 22.45
CA PHE D 335 -6.56 23.17 23.42
C PHE D 335 -7.82 23.36 22.61
N PHE D 336 -8.99 23.04 23.18
CA PHE D 336 -10.26 23.41 22.53
C PHE D 336 -11.32 23.87 23.50
N ILE D 337 -12.24 24.69 22.99
CA ILE D 337 -13.53 25.00 23.62
C ILE D 337 -14.58 24.60 22.63
N ALA D 338 -15.71 24.11 23.10
CA ALA D 338 -16.83 23.74 22.21
C ALA D 338 -18.18 23.78 22.89
N GLY D 339 -19.23 23.93 22.09
CA GLY D 339 -20.59 23.91 22.58
C GLY D 339 -21.46 24.86 21.78
N ARG D 340 -22.59 25.23 22.35
CA ARG D 340 -23.43 26.26 21.76
C ARG D 340 -22.67 27.58 21.78
N TYR D 341 -22.99 28.44 20.82
CA TYR D 341 -22.44 29.80 20.80
C TYR D 341 -23.16 30.64 21.86
N GLU D 342 -22.67 30.58 23.09
CA GLU D 342 -23.01 31.55 24.15
C GLU D 342 -21.72 32.18 24.68
N TYR D 343 -21.32 33.28 24.05
CA TYR D 343 -20.04 33.93 24.27
C TYR D 343 -19.69 34.18 25.74
N LYS D 344 -20.69 34.55 26.55
CA LYS D 344 -20.50 34.86 27.98
C LYS D 344 -20.64 33.64 28.86
N ASN D 345 -21.75 32.93 28.70
CA ASN D 345 -22.08 31.78 29.54
C ASN D 345 -21.12 30.61 29.41
N LYS D 346 -20.57 30.39 28.23
CA LYS D 346 -19.66 29.27 28.00
C LYS D 346 -18.22 29.63 28.33
N GLY D 347 -17.93 30.93 28.42
CA GLY D 347 -16.62 31.45 28.72
C GLY D 347 -15.71 31.66 27.54
N ALA D 348 -16.24 31.96 26.36
CA ALA D 348 -15.40 32.18 25.18
C ALA D 348 -14.56 33.44 25.37
N ASP D 349 -15.15 34.44 25.99
CA ASP D 349 -14.42 35.65 26.39
C ASP D 349 -13.23 35.39 27.33
N MET D 350 -13.44 34.55 28.33
CA MET D 350 -12.35 34.22 29.26
C MET D 350 -11.30 33.41 28.56
N PHE D 351 -11.76 32.46 27.74
CA PHE D 351 -10.86 31.58 27.05
C PHE D 351 -9.90 32.34 26.15
N ILE D 352 -10.44 33.26 25.36
CA ILE D 352 -9.64 34.03 24.43
C ILE D 352 -8.70 35.01 25.15
N GLU D 353 -9.20 35.66 26.20
CA GLU D 353 -8.40 36.60 26.98
C GLU D 353 -7.24 35.86 27.61
N ALA D 354 -7.56 34.72 28.20
CA ALA D 354 -6.55 33.89 28.86
C ALA D 354 -5.51 33.48 27.84
N LEU D 355 -5.95 33.04 26.64
CA LEU D 355 -5.00 32.59 25.62
C LEU D 355 -4.04 33.71 25.18
N ALA D 356 -4.52 34.95 25.10
CA ALA D 356 -3.64 36.08 24.81
C ALA D 356 -2.62 36.33 25.93
N ARG D 357 -3.05 36.14 27.17
CA ARG D 357 -2.15 36.27 28.33
C ARG D 357 -1.13 35.13 28.37
N LEU D 358 -1.60 33.90 28.11
CA LEU D 358 -0.71 32.74 28.00
C LEU D 358 0.32 32.95 26.91
N ASN D 359 -0.13 33.48 25.79
CA ASN D 359 0.78 33.78 24.69
C ASN D 359 1.88 34.74 25.14
N TYR D 360 1.53 35.77 25.90
CA TYR D 360 2.55 36.68 26.40
C TYR D 360 3.54 35.91 27.31
N ARG D 361 3.01 35.17 28.28
CA ARG D 361 3.83 34.37 29.18
C ARG D 361 4.81 33.45 28.46
N LEU D 362 4.34 32.71 27.44
CA LEU D 362 5.19 31.73 26.75
C LEU D 362 6.32 32.40 25.97
N LYS D 363 6.05 33.56 25.36
CA LYS D 363 7.10 34.35 24.69
C LYS D 363 8.16 34.86 25.66
N VAL D 364 7.70 35.49 26.74
CA VAL D 364 8.58 35.98 27.80
C VAL D 364 9.47 34.86 28.37
N SER D 365 8.89 33.69 28.62
CA SER D 365 9.64 32.58 29.17
C SER D 365 10.47 31.79 28.14
N GLY D 366 10.53 32.24 26.90
CA GLY D 366 11.32 31.58 25.86
C GLY D 366 10.90 30.15 25.52
N SER D 367 9.66 29.81 25.81
CA SER D 367 9.13 28.47 25.57
C SER D 367 9.30 28.07 24.12
N LYS D 368 9.56 26.81 23.90
CA LYS D 368 9.67 26.27 22.56
C LYS D 368 8.39 25.57 22.15
N LYS D 369 7.44 25.45 23.08
CA LYS D 369 6.16 24.82 22.81
C LYS D 369 5.20 25.73 22.04
N THR D 370 4.15 25.13 21.50
CA THR D 370 3.13 25.86 20.75
C THR D 370 1.79 25.34 21.18
N VAL D 371 0.81 26.23 21.28
CA VAL D 371 -0.57 25.84 21.54
C VAL D 371 -1.39 26.23 20.32
N VAL D 372 -2.12 25.30 19.72
CA VAL D 372 -3.15 25.64 18.72
C VAL D 372 -4.47 25.48 19.45
N ALA D 373 -5.20 26.58 19.62
CA ALA D 373 -6.46 26.55 20.33
C ALA D 373 -7.59 26.60 19.32
N PHE D 374 -8.55 25.69 19.44
CA PHE D 374 -9.70 25.59 18.52
C PHE D 374 -10.95 26.08 19.22
N ILE D 375 -11.81 26.77 18.50
CA ILE D 375 -13.14 27.14 19.01
C ILE D 375 -14.11 26.52 18.05
N VAL D 376 -14.95 25.63 18.58
CA VAL D 376 -15.94 24.93 17.77
C VAL D 376 -17.28 25.35 18.34
N MET D 377 -17.84 26.43 17.80
CA MET D 377 -19.14 26.95 18.21
C MET D 377 -19.90 27.33 16.96
N PRO D 378 -21.13 26.82 16.77
CA PRO D 378 -21.80 27.10 15.47
C PRO D 378 -22.13 28.57 15.29
N ALA D 379 -21.83 29.11 14.12
CA ALA D 379 -22.18 30.47 13.79
C ALA D 379 -22.61 30.56 12.33
N LYS D 380 -23.49 31.49 12.05
CA LYS D 380 -24.01 31.65 10.72
C LYS D 380 -22.89 31.87 9.74
N ASN D 381 -22.81 30.98 8.75
CA ASN D 381 -21.72 31.01 7.79
C ASN D 381 -22.14 30.52 6.40
N ASN D 382 -21.34 30.87 5.41
CA ASN D 382 -21.48 30.38 4.04
C ASN D 382 -20.43 29.32 3.70
N SER D 383 -20.26 28.36 4.61
CA SER D 383 -19.38 27.23 4.43
C SER D 383 -17.87 27.59 4.42
N PHE D 384 -17.04 26.59 4.13
CA PHE D 384 -15.58 26.73 4.18
C PHE D 384 -15.05 27.72 3.20
N THR D 385 -13.92 28.33 3.54
CA THR D 385 -13.24 29.24 2.59
C THR D 385 -12.50 28.52 1.48
N VAL D 386 -12.23 29.23 0.39
CA VAL D 386 -11.35 28.71 -0.64
C VAL D 386 -9.92 28.44 -0.13
N GLU D 387 -9.42 29.31 0.73
CA GLU D 387 -8.10 29.13 1.34
C GLU D 387 -8.01 27.81 2.13
N ALA D 388 -9.02 27.53 2.92
CA ALA D 388 -9.10 26.31 3.66
C ALA D 388 -9.01 25.10 2.77
N LEU D 389 -9.82 25.05 1.74
CA LEU D 389 -9.88 23.87 0.89
C LEU D 389 -8.65 23.69 0.01
N LYS D 390 -8.09 24.78 -0.53
CA LYS D 390 -6.89 24.71 -1.37
C LYS D 390 -5.69 24.24 -0.59
N GLY D 391 -5.52 24.76 0.61
CA GLY D 391 -4.41 24.37 1.42
C GLY D 391 -4.48 22.90 1.75
N GLN D 392 -5.66 22.38 2.11
CA GLN D 392 -5.79 20.96 2.31
C GLN D 392 -5.42 20.19 1.01
N ALA D 393 -5.84 20.67 -0.17
CA ALA D 393 -5.51 20.03 -1.45
C ALA D 393 -4.04 20.10 -1.81
N GLU D 394 -3.41 21.26 -1.59
CA GLU D 394 -1.99 21.43 -1.87
C GLU D 394 -1.15 20.50 -0.99
N VAL D 395 -1.55 20.32 0.27
CA VAL D 395 -0.87 19.38 1.14
C VAL D 395 -1.07 17.93 0.65
N ARG D 396 -2.26 17.54 0.19
CA ARG D 396 -2.44 16.16 -0.35
C ARG D 396 -1.58 15.94 -1.59
N ALA D 397 -1.50 16.95 -2.45
CA ALA D 397 -0.70 16.88 -3.66
C ALA D 397 0.78 16.73 -3.33
N LEU D 398 1.27 17.37 -2.27
CA LEU D 398 2.65 17.13 -1.80
C LEU D 398 2.79 15.69 -1.30
N GLU D 399 1.87 15.22 -0.45
CA GLU D 399 1.84 13.83 0.02
C GLU D 399 2.00 12.82 -1.12
N ASN D 400 1.23 12.96 -2.19
CA ASN D 400 1.30 12.00 -3.28
C ASN D 400 2.60 12.11 -4.07
N THR D 401 3.11 13.32 -4.31
CA THR D 401 4.37 13.47 -5.02
C THR D 401 5.51 12.87 -4.22
N VAL D 402 5.54 13.10 -2.90
CA VAL D 402 6.50 12.43 -2.04
C VAL D 402 6.37 10.94 -2.20
N HIS D 403 5.14 10.42 -2.12
CA HIS D 403 4.94 8.97 -2.26
C HIS D 403 5.45 8.38 -3.57
N GLU D 404 5.28 9.09 -4.70
CA GLU D 404 5.87 8.63 -5.97
C GLU D 404 7.39 8.57 -5.82
N VAL D 405 7.97 9.63 -5.27
CA VAL D 405 9.41 9.74 -5.15
C VAL D 405 10.02 8.62 -4.29
N THR D 406 9.38 8.28 -3.17
CA THR D 406 9.93 7.24 -2.29
C THR D 406 9.81 5.84 -2.94
N THR D 407 8.81 5.61 -3.77
CA THR D 407 8.77 4.38 -4.55
C THR D 407 10.00 4.26 -5.45
N SER D 408 10.40 5.38 -6.08
CA SER D 408 11.59 5.38 -6.93
C SER D 408 12.82 5.14 -6.11
N ILE D 409 12.96 5.89 -5.02
CA ILE D 409 14.09 5.76 -4.12
C ILE D 409 14.25 4.29 -3.73
N GLY D 410 13.14 3.59 -3.49
CA GLY D 410 13.13 2.19 -3.08
C GLY D 410 13.70 1.29 -4.14
N LYS D 411 13.26 1.47 -5.39
CA LYS D 411 13.82 0.74 -6.51
C LYS D 411 15.32 0.87 -6.53
N ARG D 412 15.83 2.05 -6.21
CA ARG D 412 17.27 2.29 -6.25
C ARG D 412 18.03 1.75 -5.03
N ILE D 413 17.42 1.80 -3.84
CA ILE D 413 18.01 1.22 -2.62
C ILE D 413 18.09 -0.29 -2.76
N PHE D 414 17.00 -0.87 -3.24
CA PHE D 414 16.91 -2.31 -3.46
C PHE D 414 17.92 -2.82 -4.47
N ASP D 415 18.15 -2.05 -5.53
CA ASP D 415 19.09 -2.47 -6.57
C ASP D 415 20.49 -2.46 -6.00
N HIS D 416 20.83 -1.46 -5.22
CA HIS D 416 22.15 -1.40 -4.64
C HIS D 416 22.39 -2.56 -3.64
N ALA D 417 21.37 -2.87 -2.84
CA ALA D 417 21.45 -3.93 -1.84
C ALA D 417 21.67 -5.30 -2.44
N ILE D 418 20.92 -5.61 -3.50
CA ILE D 418 20.92 -6.92 -4.12
C ILE D 418 22.16 -7.14 -5.00
N ARG D 419 22.76 -6.04 -5.43
CA ARG D 419 23.88 -6.02 -6.38
C ARG D 419 25.24 -6.04 -5.68
N TYR D 420 25.30 -5.48 -4.48
CA TYR D 420 26.54 -5.36 -3.74
C TYR D 420 27.10 -6.76 -3.50
N PRO D 421 28.41 -6.99 -3.70
CA PRO D 421 29.42 -5.95 -3.95
C PRO D 421 29.91 -5.82 -5.41
N HIS D 422 29.04 -6.15 -6.35
CA HIS D 422 29.45 -6.22 -7.76
C HIS D 422 29.32 -4.88 -8.49
N ASN D 423 29.81 -4.84 -9.72
CA ASN D 423 29.78 -3.63 -10.57
C ASN D 423 30.26 -2.36 -9.87
N GLY D 424 31.33 -2.49 -9.09
CA GLY D 424 31.94 -1.33 -8.45
C GLY D 424 31.28 -0.75 -7.20
N LEU D 425 30.20 -1.38 -6.71
CA LEU D 425 29.59 -0.96 -5.44
C LEU D 425 30.54 -1.34 -4.31
N THR D 426 31.12 -0.34 -3.67
CA THR D 426 32.05 -0.55 -2.54
C THR D 426 31.37 -0.60 -1.16
N THR D 427 30.26 0.11 -1.02
CA THR D 427 29.54 0.20 0.26
C THR D 427 28.24 -0.59 0.17
N GLU D 428 27.85 -1.23 1.27
CA GLU D 428 26.62 -2.04 1.32
C GLU D 428 25.39 -1.24 0.94
N LEU D 429 25.34 0.02 1.36
CA LEU D 429 24.23 0.93 1.07
C LEU D 429 24.68 2.14 0.28
N PRO D 430 23.71 2.88 -0.30
CA PRO D 430 24.05 4.18 -0.88
C PRO D 430 24.54 5.18 0.17
N THR D 431 25.52 5.99 -0.24
CA THR D 431 26.10 7.01 0.63
C THR D 431 25.73 8.43 0.17
N ASP D 432 25.44 8.59 -1.12
CA ASP D 432 25.22 9.88 -1.77
C ASP D 432 23.76 9.96 -2.22
N LEU D 433 23.10 11.04 -1.81
CA LEU D 433 21.68 11.24 -2.10
C LEU D 433 21.39 11.28 -3.61
N GLY D 434 22.35 11.78 -4.41
CA GLY D 434 22.24 11.76 -5.88
C GLY D 434 22.05 10.39 -6.51
N GLU D 435 22.50 9.34 -5.86
CA GLU D 435 22.20 8.00 -6.32
C GLU D 435 20.70 7.70 -6.26
N LEU D 436 20.01 8.25 -5.27
CA LEU D 436 18.60 7.93 -5.01
C LEU D 436 17.60 8.94 -5.54
N LEU D 437 17.89 10.22 -5.37
CA LEU D 437 16.96 11.30 -5.70
C LEU D 437 17.46 11.99 -6.97
N LYS D 438 16.71 11.83 -8.05
CA LYS D 438 17.12 12.28 -9.38
C LYS D 438 16.56 13.66 -9.72
N SER D 439 16.95 14.20 -10.87
CA SER D 439 16.51 15.52 -11.30
C SER D 439 15.01 15.63 -11.43
N SER D 440 14.38 14.67 -12.10
CA SER D 440 12.95 14.77 -12.32
C SER D 440 12.19 14.65 -11.00
N ASP D 441 12.71 13.87 -10.06
CA ASP D 441 12.12 13.77 -8.72
C ASP D 441 12.17 15.15 -8.03
N LYS D 442 13.34 15.80 -8.07
CA LYS D 442 13.53 17.12 -7.46
C LYS D 442 12.61 18.18 -8.06
N VAL D 443 12.48 18.18 -9.38
CA VAL D 443 11.66 19.17 -10.08
C VAL D 443 10.24 19.12 -9.57
N MET D 444 9.64 17.94 -9.48
CA MET D 444 8.24 17.88 -9.10
C MET D 444 8.01 18.12 -7.62
N LEU D 445 8.94 17.74 -6.74
CA LEU D 445 8.86 18.15 -5.34
C LEU D 445 8.94 19.68 -5.14
N LYS D 446 9.83 20.34 -5.87
CA LYS D 446 9.92 21.79 -5.78
C LYS D 446 8.63 22.47 -6.24
N ARG D 447 8.05 22.00 -7.34
CA ARG D 447 6.76 22.46 -7.79
C ARG D 447 5.65 22.33 -6.74
N ARG D 448 5.61 21.20 -6.04
CA ARG D 448 4.71 21.05 -4.90
C ARG D 448 4.95 22.03 -3.79
N ILE D 449 6.22 22.32 -3.51
CA ILE D 449 6.56 23.30 -2.48
C ILE D 449 6.15 24.71 -2.90
N LEU D 450 6.34 25.05 -4.15
CA LEU D 450 5.93 26.35 -4.68
C LEU D 450 4.44 26.60 -4.46
N ALA D 451 3.62 25.58 -4.73
CA ALA D 451 2.19 25.69 -4.51
C ALA D 451 1.78 25.96 -3.06
N LEU D 452 2.56 25.51 -2.09
CA LEU D 452 2.27 25.76 -0.67
C LEU D 452 2.71 27.15 -0.20
N ARG D 453 3.55 27.81 -0.98
CA ARG D 453 4.04 29.14 -0.65
C ARG D 453 2.88 30.09 -0.57
N ARG D 454 2.89 30.99 0.41
CA ARG D 454 1.82 31.96 0.48
C ARG D 454 2.35 33.38 0.41
N PRO D 455 1.56 34.31 -0.19
CA PRO D 455 1.95 35.68 -0.48
C PRO D 455 2.64 36.40 0.66
N GLU D 456 3.54 37.31 0.32
CA GLU D 456 4.35 38.01 1.31
C GLU D 456 3.41 38.75 2.29
N GLY D 457 3.63 38.53 3.58
CA GLY D 457 2.81 39.16 4.62
C GLY D 457 1.53 38.44 5.02
N GLN D 458 1.06 37.48 4.24
CA GLN D 458 -0.18 36.76 4.59
C GLN D 458 0.07 35.81 5.76
N LEU D 459 -0.91 35.78 6.66
CA LEU D 459 -0.82 34.94 7.84
C LEU D 459 -1.86 33.83 7.83
N PRO D 460 -1.62 32.76 8.60
CA PRO D 460 -2.64 31.73 8.74
C PRO D 460 -3.91 32.35 9.27
N PRO D 461 -5.05 32.18 8.56
CA PRO D 461 -6.30 32.77 9.04
C PRO D 461 -6.63 32.41 10.50
N ILE D 462 -7.57 33.14 11.07
CA ILE D 462 -8.12 32.82 12.37
C ILE D 462 -9.47 32.11 12.32
N VAL D 463 -9.96 31.81 11.11
CA VAL D 463 -11.29 31.21 10.90
C VAL D 463 -11.29 30.40 9.59
N THR D 464 -11.97 29.26 9.58
CA THR D 464 -11.96 28.30 8.49
C THR D 464 -13.08 28.50 7.44
N HIS D 465 -14.09 29.29 7.82
CA HIS D 465 -15.28 29.54 7.03
C HIS D 465 -15.43 31.01 6.66
N ASN D 466 -16.22 31.24 5.63
CA ASN D 466 -16.79 32.56 5.37
C ASN D 466 -17.97 32.76 6.30
N MET D 467 -17.94 33.85 7.06
CA MET D 467 -18.99 34.18 8.04
C MET D 467 -20.03 35.07 7.37
N VAL D 468 -21.30 34.93 7.74
CA VAL D 468 -22.37 35.83 7.25
C VAL D 468 -22.16 37.25 7.78
N ASP D 469 -21.86 37.42 9.07
CA ASP D 469 -21.55 38.73 9.63
C ASP D 469 -20.23 38.73 10.40
N ASP D 470 -19.15 38.70 9.63
CA ASP D 470 -17.79 38.70 10.18
C ASP D 470 -17.52 39.84 11.16
N ALA D 471 -17.97 41.04 10.83
CA ALA D 471 -17.56 42.24 11.57
C ALA D 471 -18.26 42.31 12.90
N ASN D 472 -19.48 41.80 12.95
CA ASN D 472 -20.24 41.80 14.21
C ASN D 472 -20.14 40.52 15.04
N ASP D 473 -19.37 39.54 14.61
CA ASP D 473 -19.29 38.28 15.37
C ASP D 473 -18.53 38.53 16.65
N LEU D 474 -19.07 38.06 17.77
CA LEU D 474 -18.44 38.36 19.06
C LEU D 474 -17.05 37.76 19.21
N ILE D 475 -16.89 36.51 18.75
CA ILE D 475 -15.62 35.80 18.84
C ILE D 475 -14.52 36.42 17.98
N LEU D 476 -14.83 36.75 16.74
CA LEU D 476 -13.79 37.38 15.93
C LEU D 476 -13.44 38.77 16.43
N ASN D 477 -14.40 39.48 17.02
CA ASN D 477 -14.11 40.79 17.60
C ASN D 477 -13.16 40.61 18.75
N LYS D 478 -13.42 39.62 19.58
CA LYS D 478 -12.55 39.38 20.71
C LYS D 478 -11.15 38.94 20.30
N ILE D 479 -11.06 38.05 19.32
CA ILE D 479 -9.74 37.60 18.82
C ILE D 479 -8.97 38.77 18.22
N ARG D 480 -9.66 39.68 17.52
CA ARG D 480 -8.99 40.84 16.92
C ARG D 480 -8.56 41.86 17.97
N GLN D 481 -9.39 41.99 18.99
CA GLN D 481 -9.16 42.91 20.07
C GLN D 481 -7.86 42.55 20.80
N VAL D 482 -7.64 41.25 21.07
CA VAL D 482 -6.37 40.79 21.72
C VAL D 482 -5.23 40.52 20.74
N GLN D 483 -5.49 40.66 19.46
CA GLN D 483 -4.47 40.55 18.42
C GLN D 483 -3.76 39.20 18.28
N LEU D 484 -4.51 38.11 18.41
CA LEU D 484 -4.01 36.77 18.12
C LEU D 484 -4.25 36.43 16.63
N PHE D 485 -3.31 36.88 15.79
CA PHE D 485 -3.41 36.71 14.33
C PHE D 485 -2.45 35.66 13.74
N ASN D 486 -2.12 34.63 14.52
CA ASN D 486 -1.26 33.55 14.06
C ASN D 486 0.02 34.03 13.40
N SER D 487 0.64 35.03 14.01
CA SER D 487 1.96 35.44 13.61
C SER D 487 2.95 34.33 14.00
N PRO D 488 4.08 34.20 13.26
CA PRO D 488 5.09 33.20 13.58
C PRO D 488 5.60 33.30 15.01
N SER D 489 5.78 34.51 15.53
CA SER D 489 6.25 34.68 16.91
C SER D 489 5.19 34.48 17.99
N ASP D 490 3.94 34.20 17.62
CA ASP D 490 2.94 33.85 18.63
C ASP D 490 3.09 32.39 18.95
N ARG D 491 3.18 32.05 20.24
CA ARG D 491 3.21 30.66 20.67
C ARG D 491 1.82 30.10 20.94
N VAL D 492 0.80 30.95 20.83
CA VAL D 492 -0.58 30.46 20.85
C VAL D 492 -1.24 30.80 19.52
N LYS D 493 -1.70 29.80 18.79
CA LYS D 493 -2.45 29.99 17.56
C LYS D 493 -3.95 29.84 17.83
N MET D 494 -4.75 30.60 17.06
CA MET D 494 -6.20 30.60 17.18
C MET D 494 -6.81 30.11 15.90
N ILE D 495 -7.76 29.18 16.01
CA ILE D 495 -8.53 28.67 14.88
C ILE D 495 -10.00 28.58 15.25
N PHE D 496 -10.81 29.46 14.70
CA PHE D 496 -12.27 29.48 14.95
C PHE D 496 -12.96 28.64 13.86
N HIS D 497 -13.66 27.60 14.26
CA HIS D 497 -14.33 26.69 13.35
C HIS D 497 -15.81 26.79 13.66
N PRO D 498 -16.52 27.75 13.04
CA PRO D 498 -17.90 28.10 13.37
C PRO D 498 -18.97 27.06 13.00
N GLU D 499 -18.75 25.81 13.35
CA GLU D 499 -19.63 24.73 12.93
C GLU D 499 -19.25 23.44 13.60
N PHE D 500 -20.24 22.63 13.96
CA PHE D 500 -20.02 21.37 14.62
C PHE D 500 -19.21 20.41 13.75
N LEU D 501 -18.31 19.67 14.38
CA LEU D 501 -17.43 18.76 13.69
C LEU D 501 -18.21 17.56 13.22
N ASN D 502 -17.86 17.07 12.05
CA ASN D 502 -18.49 15.94 11.42
C ASN D 502 -17.47 15.23 10.51
N ALA D 503 -17.41 13.90 10.54
CA ALA D 503 -16.50 13.15 9.64
C ALA D 503 -16.64 13.44 8.13
N ASN D 504 -17.76 14.02 7.71
CA ASN D 504 -17.93 14.50 6.33
C ASN D 504 -17.24 15.80 5.99
N ASN D 505 -16.93 16.61 7.00
CA ASN D 505 -16.07 17.79 6.85
C ASN D 505 -14.92 17.48 5.85
N PRO D 506 -14.71 18.35 4.85
CA PRO D 506 -13.60 18.19 3.93
C PRO D 506 -12.22 18.63 4.40
N ILE D 507 -12.11 19.35 5.52
CA ILE D 507 -10.76 19.80 6.01
C ILE D 507 -10.25 19.15 7.31
N LEU D 508 -11.21 18.81 8.17
CA LEU D 508 -10.95 18.22 9.44
C LEU D 508 -11.96 17.10 9.60
N GLY D 509 -11.72 16.01 8.86
CA GLY D 509 -12.69 14.93 8.71
C GLY D 509 -12.74 14.03 9.92
N LEU D 510 -13.31 14.57 10.99
CA LEU D 510 -13.41 13.91 12.29
C LEU D 510 -14.78 14.19 12.86
N ASP D 511 -15.37 13.19 13.52
CA ASP D 511 -16.52 13.45 14.38
C ASP D 511 -16.07 14.10 15.67
N TYR D 512 -16.99 14.76 16.37
CA TYR D 512 -16.66 15.48 17.62
C TYR D 512 -15.85 14.65 18.63
N ASP D 513 -16.39 13.50 19.01
CA ASP D 513 -15.72 12.55 19.91
C ASP D 513 -14.29 12.19 19.46
N GLU D 514 -14.06 11.99 18.17
CA GLU D 514 -12.72 11.72 17.67
C GLU D 514 -11.77 12.91 17.83
N PHE D 515 -12.26 14.07 17.46
CA PHE D 515 -11.50 15.29 17.62
C PHE D 515 -11.09 15.50 19.07
N VAL D 516 -11.99 15.28 20.03
CA VAL D 516 -11.70 15.48 21.46
C VAL D 516 -10.56 14.58 21.90
N ARG D 517 -10.63 13.31 21.52
CA ARG D 517 -9.60 12.32 21.83
C ARG D 517 -8.23 12.74 21.33
N GLY D 518 -8.19 13.34 20.15
CA GLY D 518 -6.95 13.81 19.56
C GLY D 518 -6.38 15.02 20.27
N CYS D 519 -7.20 15.77 20.99
CA CYS D 519 -6.71 16.97 21.66
C CYS D 519 -5.99 16.68 22.98
N HIS D 520 -5.34 17.69 23.52
CA HIS D 520 -4.65 17.55 24.78
C HIS D 520 -5.37 18.12 25.99
N LEU D 521 -6.14 19.20 25.84
CA LEU D 521 -6.83 19.88 26.97
C LEU D 521 -8.16 20.53 26.56
N GLY D 522 -9.26 20.16 27.23
CA GLY D 522 -10.54 20.86 27.02
C GLY D 522 -10.54 22.10 27.90
N VAL D 523 -11.11 23.21 27.46
CA VAL D 523 -11.13 24.44 28.26
C VAL D 523 -12.51 25.09 28.20
N PHE D 524 -13.28 24.95 29.30
CA PHE D 524 -14.71 25.28 29.35
C PHE D 524 -14.95 26.16 30.57
N PRO D 525 -14.54 27.43 30.47
CA PRO D 525 -14.64 28.33 31.60
C PRO D 525 -16.05 28.95 31.75
N SER D 526 -17.04 28.08 31.97
CA SER D 526 -18.44 28.49 31.91
C SER D 526 -18.85 29.41 33.08
N TYR D 527 -19.81 30.29 32.80
CA TYR D 527 -20.40 31.18 33.80
C TYR D 527 -21.75 30.67 34.26
N TYR D 528 -22.60 30.27 33.31
CA TYR D 528 -23.86 29.60 33.63
C TYR D 528 -23.89 28.22 32.95
N GLU D 529 -23.94 27.16 33.72
CA GLU D 529 -23.85 25.79 33.19
C GLU D 529 -24.33 24.83 34.29
N PRO D 530 -25.66 24.65 34.39
CA PRO D 530 -26.27 23.78 35.41
C PRO D 530 -25.70 22.39 35.49
N TRP D 531 -25.33 21.78 34.35
CA TRP D 531 -24.52 20.56 34.35
C TRP D 531 -23.17 20.69 33.64
N GLY D 532 -23.17 20.80 32.33
CA GLY D 532 -21.89 20.78 31.62
C GLY D 532 -21.51 19.39 31.17
N TYR D 533 -22.12 18.98 30.07
CA TYR D 533 -21.89 17.68 29.47
C TYR D 533 -20.58 17.69 28.70
N THR D 534 -20.09 18.89 28.36
CA THR D 534 -18.87 19.08 27.58
C THR D 534 -17.61 18.67 28.35
N PRO D 535 -17.35 19.27 29.53
CA PRO D 535 -16.26 18.73 30.34
C PRO D 535 -16.44 17.27 30.80
N ALA D 536 -17.67 16.81 30.97
CA ALA D 536 -17.94 15.41 31.36
C ALA D 536 -17.52 14.43 30.27
N GLU D 537 -17.97 14.70 29.03
CA GLU D 537 -17.56 13.91 27.87
C GLU D 537 -16.06 13.89 27.73
N CYS D 538 -15.45 15.06 27.89
CA CYS D 538 -14.02 15.22 27.75
C CYS D 538 -13.27 14.28 28.70
N THR D 539 -13.74 14.23 29.95
CA THR D 539 -13.20 13.35 30.98
C THR D 539 -13.37 11.88 30.60
N VAL D 540 -14.53 11.53 30.07
CA VAL D 540 -14.81 10.14 29.65
C VAL D 540 -13.90 9.68 28.48
N MET D 541 -13.38 10.63 27.71
CA MET D 541 -12.44 10.33 26.63
C MET D 541 -10.98 10.35 27.09
N GLY D 542 -10.72 10.35 28.38
CA GLY D 542 -9.37 10.47 28.89
C GLY D 542 -8.66 11.78 28.63
N VAL D 543 -9.40 12.86 28.41
CA VAL D 543 -8.81 14.14 28.11
C VAL D 543 -9.01 15.10 29.29
N PRO D 544 -7.92 15.70 29.78
CA PRO D 544 -8.06 16.67 30.88
C PRO D 544 -8.75 17.93 30.43
N SER D 545 -9.29 18.66 31.39
CA SER D 545 -10.16 19.79 31.10
C SER D 545 -10.26 20.79 32.24
N ILE D 546 -10.42 22.04 31.83
CA ILE D 546 -10.57 23.15 32.71
C ILE D 546 -12.06 23.50 32.76
N THR D 547 -12.61 23.48 33.96
CA THR D 547 -14.01 23.81 34.21
C THR D 547 -14.07 24.88 35.31
N THR D 548 -15.27 25.24 35.75
CA THR D 548 -15.42 26.25 36.79
C THR D 548 -16.27 25.76 37.94
N ASN D 549 -16.13 26.43 39.07
CA ASN D 549 -16.91 26.09 40.27
C ASN D 549 -18.36 26.54 40.21
N VAL D 550 -18.71 27.38 39.23
CA VAL D 550 -20.13 27.70 38.92
C VAL D 550 -20.75 26.82 37.81
N SER D 551 -20.03 25.79 37.39
CA SER D 551 -20.57 24.80 36.47
C SER D 551 -21.02 23.61 37.33
N GLY D 552 -22.13 22.99 36.94
CA GLY D 552 -22.62 21.78 37.58
C GLY D 552 -21.57 20.70 37.69
N PHE D 553 -20.82 20.49 36.61
CA PHE D 553 -19.73 19.52 36.59
C PHE D 553 -18.62 19.94 37.57
N GLY D 554 -18.23 21.21 37.55
CA GLY D 554 -17.18 21.69 38.44
C GLY D 554 -17.55 21.65 39.92
N SER D 555 -18.77 22.01 40.22
CA SER D 555 -19.17 21.94 41.57
C SER D 555 -19.01 20.48 41.93
N TYR D 556 -19.68 19.62 41.21
CA TYR D 556 -19.67 18.19 41.54
C TYR D 556 -18.26 17.61 41.75
N MET D 557 -17.33 17.91 40.86
CA MET D 557 -15.95 17.39 40.99
C MET D 557 -15.15 18.01 42.15
N GLU D 558 -15.54 19.22 42.54
CA GLU D 558 -14.90 19.98 43.62
C GLU D 558 -15.20 19.36 44.98
N ASP D 559 -16.47 18.96 45.18
CA ASP D 559 -16.92 18.29 46.42
C ASP D 559 -16.39 16.87 46.59
N LEU D 560 -16.03 16.25 45.48
CA LEU D 560 -15.63 14.86 45.46
C LEU D 560 -14.11 14.65 45.54
N ILE D 561 -13.32 15.65 45.14
CA ILE D 561 -11.85 15.58 45.21
C ILE D 561 -11.32 16.92 45.68
N GLU D 562 -10.35 16.91 46.58
CA GLU D 562 -9.71 18.15 47.03
C GLU D 562 -8.99 18.80 45.83
N THR D 563 -9.11 20.12 45.70
CA THR D 563 -8.88 20.83 44.43
C THR D 563 -7.43 20.83 43.91
N ASN D 564 -6.43 20.76 44.77
CA ASN D 564 -5.05 20.57 44.29
C ASN D 564 -4.77 19.13 43.82
N GLN D 565 -5.34 18.13 44.52
CA GLN D 565 -5.26 16.74 44.04
C GLN D 565 -6.03 16.50 42.70
N ALA D 566 -7.13 17.23 42.48
CA ALA D 566 -7.94 17.12 41.24
C ALA D 566 -7.19 17.54 39.96
N LYS D 567 -6.25 18.47 40.08
CA LYS D 567 -5.34 18.79 38.98
C LYS D 567 -4.49 17.58 38.51
N ASP D 568 -4.14 16.67 39.42
CA ASP D 568 -3.41 15.45 39.03
C ASP D 568 -4.26 14.46 38.26
N TYR D 569 -5.58 14.51 38.42
CA TYR D 569 -6.51 13.69 37.63
C TYR D 569 -7.02 14.38 36.33
N GLY D 570 -6.47 15.54 36.00
CA GLY D 570 -6.86 16.28 34.81
C GLY D 570 -8.14 17.09 34.93
N ILE D 571 -8.50 17.45 36.16
CA ILE D 571 -9.66 18.29 36.43
C ILE D 571 -9.16 19.58 37.07
N TYR D 572 -9.06 20.63 36.27
CA TYR D 572 -8.69 21.97 36.74
C TYR D 572 -9.96 22.81 36.96
N ILE D 573 -10.20 23.25 38.19
CA ILE D 573 -11.38 24.09 38.49
C ILE D 573 -11.00 25.54 38.78
N VAL D 574 -11.51 26.45 37.93
CA VAL D 574 -11.29 27.88 38.08
C VAL D 574 -12.43 28.39 38.94
N ASP D 575 -12.08 29.30 39.84
CA ASP D 575 -13.02 29.88 40.79
C ASP D 575 -13.58 31.15 40.19
N ARG D 576 -14.85 31.11 39.77
CA ARG D 576 -15.55 32.29 39.26
C ARG D 576 -16.60 32.83 40.24
N ARG D 577 -16.74 32.20 41.41
CA ARG D 577 -17.77 32.58 42.39
C ARG D 577 -17.27 33.59 43.42
N PHE D 578 -16.08 33.31 43.97
CA PHE D 578 -15.50 34.07 45.06
C PHE D 578 -14.24 34.81 44.65
N LYS D 579 -14.11 35.12 43.37
CA LYS D 579 -12.95 35.84 42.88
C LYS D 579 -13.41 36.88 41.89
N ALA D 580 -12.64 37.96 41.78
CA ALA D 580 -12.95 38.99 40.79
C ALA D 580 -12.66 38.42 39.41
N PRO D 581 -13.37 38.92 38.38
CA PRO D 581 -13.21 38.33 37.04
C PRO D 581 -11.76 38.36 36.50
N ASP D 582 -10.98 39.37 36.87
CA ASP D 582 -9.57 39.42 36.46
C ASP D 582 -8.71 38.39 37.20
N GLU D 583 -9.08 38.05 38.42
CA GLU D 583 -8.39 36.99 39.15
C GLU D 583 -8.71 35.62 38.56
N SER D 584 -9.95 35.39 38.15
CA SER D 584 -10.36 34.15 37.45
C SER D 584 -9.57 33.87 36.17
N VAL D 585 -9.38 34.91 35.37
CA VAL D 585 -8.62 34.79 34.12
C VAL D 585 -7.21 34.34 34.44
N GLU D 586 -6.58 35.05 35.36
CA GLU D 586 -5.20 34.75 35.80
C GLU D 586 -4.99 33.36 36.35
N GLN D 587 -6.01 32.82 37.00
CA GLN D 587 -6.03 31.44 37.41
C GLN D 587 -6.07 30.51 36.17
N LEU D 588 -7.00 30.79 35.26
CA LEU D 588 -7.12 30.04 34.01
C LEU D 588 -5.77 30.03 33.27
N VAL D 589 -5.13 31.20 33.18
CA VAL D 589 -3.82 31.27 32.55
C VAL D 589 -2.85 30.40 33.31
N ASP D 590 -2.84 30.48 34.64
CA ASP D 590 -1.91 29.65 35.47
C ASP D 590 -2.09 28.18 35.15
N TYR D 591 -3.33 27.69 35.18
CA TYR D 591 -3.61 26.30 34.81
C TYR D 591 -3.14 25.91 33.39
N MET D 592 -3.43 26.74 32.39
CA MET D 592 -2.92 26.46 31.05
C MET D 592 -1.40 26.41 31.05
N GLU D 593 -0.78 27.40 31.66
CA GLU D 593 0.68 27.46 31.70
C GLU D 593 1.24 26.23 32.40
N GLU D 594 0.55 25.82 33.44
CA GLU D 594 0.96 24.66 34.21
C GLU D 594 1.01 23.41 33.30
N PHE D 595 -0.06 23.22 32.56
CA PHE D 595 -0.18 22.10 31.62
C PHE D 595 0.82 22.11 30.44
N VAL D 596 1.19 23.28 29.96
CA VAL D 596 2.14 23.38 28.83
C VAL D 596 3.54 22.94 29.22
N LYS D 597 3.91 23.17 30.48
CA LYS D 597 5.23 22.84 30.94
C LYS D 597 5.41 21.31 31.00
N LYS D 598 4.30 20.57 31.05
CA LYS D 598 4.37 19.13 31.30
C LYS D 598 5.19 18.44 30.23
N THR D 599 5.89 17.39 30.62
CA THR D 599 6.57 16.50 29.66
C THR D 599 5.55 15.56 29.04
N ARG D 600 5.96 14.90 27.97
CA ARG D 600 5.11 13.87 27.33
C ARG D 600 4.68 12.77 28.33
N ARG D 601 5.63 12.21 29.06
CA ARG D 601 5.32 11.17 30.05
C ARG D 601 4.28 11.65 31.07
N GLN D 602 4.49 12.86 31.59
CA GLN D 602 3.53 13.45 32.51
C GLN D 602 2.15 13.59 31.90
N ARG D 603 2.08 14.06 30.65
CA ARG D 603 0.80 14.14 29.92
C ARG D 603 0.09 12.79 29.77
N ILE D 604 0.87 11.78 29.40
CA ILE D 604 0.36 10.40 29.22
C ILE D 604 -0.23 9.86 30.53
N ASN D 605 0.53 9.98 31.62
CA ASN D 605 0.08 9.47 32.91
C ASN D 605 -1.11 10.23 33.47
N GLN D 606 -1.16 11.53 33.26
CA GLN D 606 -2.31 12.33 33.70
C GLN D 606 -3.56 11.87 32.95
N ARG D 607 -3.39 11.53 31.65
CA ARG D 607 -4.52 11.04 30.86
C ARG D 607 -4.99 9.70 31.43
N ASN D 608 -4.07 8.85 31.85
CA ASN D 608 -4.48 7.59 32.47
C ASN D 608 -5.36 7.88 33.68
N ARG D 609 -4.87 8.76 34.56
CA ARG D 609 -5.61 9.17 35.75
C ARG D 609 -6.96 9.76 35.42
N THR D 610 -7.04 10.59 34.39
CA THR D 610 -8.32 11.13 33.94
C THR D 610 -9.29 10.04 33.52
N GLU D 611 -8.77 9.07 32.77
CA GLU D 611 -9.57 7.95 32.27
C GLU D 611 -10.10 7.06 33.41
N ARG D 612 -9.37 6.98 34.54
CA ARG D 612 -9.88 6.27 35.72
C ARG D 612 -11.09 6.99 36.33
N LEU D 613 -11.06 8.32 36.39
CA LEU D 613 -12.22 9.09 36.89
C LEU D 613 -13.50 8.80 36.11
N SER D 614 -13.36 8.45 34.83
CA SER D 614 -14.49 8.11 33.96
C SER D 614 -15.52 7.16 34.59
N ASP D 615 -15.06 6.20 35.39
CA ASP D 615 -15.97 5.34 36.14
C ASP D 615 -17.00 6.10 36.99
N LEU D 616 -16.56 7.18 37.64
CA LEU D 616 -17.46 8.00 38.47
C LEU D 616 -18.54 8.76 37.70
N LEU D 617 -18.36 8.92 36.39
CA LEU D 617 -19.35 9.56 35.52
C LEU D 617 -20.35 8.57 34.91
N ASP D 618 -20.12 7.27 35.08
CA ASP D 618 -20.96 6.23 34.46
C ASP D 618 -22.32 6.17 35.19
N TRP D 619 -23.36 5.76 34.47
CA TRP D 619 -24.66 5.52 35.11
C TRP D 619 -24.65 4.34 36.10
N LYS D 620 -23.78 3.35 35.86
CA LYS D 620 -23.52 2.27 36.84
C LYS D 620 -23.05 2.78 38.21
N ARG D 621 -22.65 4.05 38.32
CA ARG D 621 -22.50 4.72 39.62
C ARG D 621 -23.44 5.91 39.85
N MET D 622 -23.63 6.76 38.84
CA MET D 622 -24.50 7.95 38.98
C MET D 622 -25.96 7.62 39.25
N GLY D 623 -26.39 6.42 38.81
CA GLY D 623 -27.75 5.93 39.03
C GLY D 623 -28.10 5.52 40.45
N LEU D 624 -27.09 5.37 41.32
CA LEU D 624 -27.32 5.16 42.75
C LEU D 624 -27.97 6.37 43.41
N GLU D 625 -27.72 7.57 42.89
CA GLU D 625 -28.37 8.77 43.40
C GLU D 625 -29.86 8.80 43.02
N TYR D 626 -30.21 8.28 41.85
CA TYR D 626 -31.63 8.11 41.48
C TYR D 626 -32.32 7.05 42.36
N VAL D 627 -31.56 6.08 42.86
CA VAL D 627 -32.07 5.14 43.87
C VAL D 627 -32.31 5.86 45.21
N LYS D 628 -31.33 6.60 45.72
CA LYS D 628 -31.48 7.38 46.97
C LYS D 628 -32.65 8.37 46.95
N ALA D 629 -32.87 9.01 45.81
CA ALA D 629 -34.00 9.92 45.64
C ALA D 629 -35.33 9.15 45.71
N ARG D 630 -35.36 7.95 45.14
CA ARG D 630 -36.52 7.07 45.23
C ARG D 630 -36.70 6.40 46.62
N GLN D 631 -35.60 6.09 47.31
CA GLN D 631 -35.68 5.63 48.70
C GLN D 631 -36.35 6.71 49.52
N LEU D 632 -35.81 7.94 49.47
CA LEU D 632 -36.34 9.07 50.23
C LEU D 632 -37.80 9.41 49.93
N ALA D 633 -38.25 9.15 48.71
CA ALA D 633 -39.66 9.35 48.34
C ALA D 633 -40.60 8.36 49.04
N LEU D 634 -40.15 7.11 49.19
CA LEU D 634 -40.93 6.06 49.88
C LEU D 634 -40.88 6.18 51.40
N ARG D 635 -39.72 6.55 51.95
CA ARG D 635 -39.56 6.79 53.39
C ARG D 635 -40.23 8.09 53.91
N ARG D 636 -40.74 8.94 53.01
CA ARG D 636 -41.56 10.11 53.37
C ARG D 636 -43.06 9.86 53.22
N GLY D 637 -43.46 9.22 52.11
CA GLY D 637 -44.87 8.92 51.84
C GLY D 637 -45.51 7.87 52.74
N TYR D 638 -44.73 6.85 53.14
CA TYR D 638 -45.20 5.75 54.01
C TYR D 638 -44.20 5.49 55.17
N PRO D 639 -44.06 6.46 56.11
CA PRO D 639 -43.02 6.37 57.17
C PRO D 639 -43.08 5.14 58.09
N ASP D 640 -44.30 4.70 58.42
CA ASP D 640 -44.51 3.54 59.30
C ASP D 640 -44.05 2.24 58.65
N GLN D 641 -44.48 2.01 57.41
CA GLN D 641 -44.14 0.80 56.68
C GLN D 641 -42.65 0.70 56.39
N PHE D 642 -42.01 1.83 56.07
CA PHE D 642 -40.55 1.88 55.84
C PHE D 642 -39.75 1.60 57.11
N ARG D 643 -40.26 2.05 58.25
CA ARG D 643 -39.65 1.75 59.55
C ARG D 643 -39.62 0.24 59.82
N GLU D 644 -40.73 -0.42 59.51
CA GLU D 644 -40.94 -1.84 59.84
C GLU D 644 -40.68 -2.84 58.69
N LEU D 645 -40.54 -2.35 57.45
CA LEU D 645 -40.08 -3.17 56.32
C LEU D 645 -38.56 -3.03 56.04
N VAL D 646 -37.87 -2.18 56.80
CA VAL D 646 -36.41 -2.01 56.67
C VAL D 646 -35.67 -2.40 57.97
N GLY D 647 -36.16 -1.97 59.13
CA GLY D 647 -35.64 -2.43 60.43
C GLY D 647 -35.24 -1.37 61.45
N GLU D 648 -35.19 -0.10 61.04
CA GLU D 648 -34.91 1.03 61.95
C GLU D 648 -35.66 2.27 61.44
N GLU D 649 -35.20 3.48 61.81
CA GLU D 649 -35.50 4.69 61.02
C GLU D 649 -34.35 5.71 61.11
N LEU D 650 -33.70 5.94 59.96
CA LEU D 650 -32.59 6.94 59.84
C LEU D 650 -33.17 8.34 59.54
N ASN D 651 -32.28 9.35 59.53
CA ASN D 651 -32.67 10.77 59.56
C ASN D 651 -33.72 11.19 58.51
N ASP D 652 -34.49 12.22 58.89
CA ASP D 652 -35.65 12.72 58.14
C ASP D 652 -35.32 13.18 56.71
N SER D 653 -34.73 14.37 56.58
CA SER D 653 -34.90 15.19 55.38
C SER D 653 -33.66 15.42 54.49
N ASN D 654 -33.04 14.33 54.05
CA ASN D 654 -31.82 14.40 53.23
C ASN D 654 -31.53 13.03 52.61
N MET D 655 -31.25 13.00 51.30
CA MET D 655 -30.94 11.76 50.57
C MET D 655 -29.72 11.02 51.12
N ASP D 656 -28.66 11.80 51.39
CA ASP D 656 -27.40 11.24 51.91
C ASP D 656 -27.48 10.74 53.36
N ALA D 657 -28.49 11.19 54.13
CA ALA D 657 -28.75 10.68 55.49
C ALA D 657 -29.22 9.21 55.51
N LEU D 658 -29.89 8.79 54.44
CA LEU D 658 -30.23 7.38 54.21
C LEU D 658 -29.14 6.71 53.36
#